data_1S6J
#
_entry.id   1S6J
#
loop_
_entity.id
_entity.type
_entity.pdbx_description
1 polymer 'Calcium-dependent protein kinase SK5'
2 non-polymer 'CALCIUM ION'
#
_entity_poly.entity_id   1
_entity_poly.type   'polypeptide(L)'
_entity_poly.pdbx_seq_one_letter_code
;HSSGHIDDDDKHMAERLSEEEIGGLKELFKMIDTDNSGTITFDELKDGLKRVGSELMESEIKDLMDAADIDKSGTIDYGE
FIAATVH
;
_entity_poly.pdbx_strand_id   A
#
# COMPACT_ATOMS: atom_id res chain seq x y z
N HIS A 1 -1.76 -24.45 4.07
CA HIS A 1 -1.53 -25.88 3.75
C HIS A 1 -2.53 -26.38 2.72
N SER A 2 -2.07 -26.55 1.49
CA SER A 2 -2.92 -27.03 0.41
C SER A 2 -2.09 -27.55 -0.75
N SER A 3 -2.77 -28.03 -1.80
CA SER A 3 -2.09 -28.57 -2.97
C SER A 3 -2.91 -28.32 -4.23
N GLY A 4 -3.93 -27.47 -4.11
CA GLY A 4 -4.78 -27.17 -5.25
C GLY A 4 -4.33 -25.93 -5.99
N HIS A 5 -3.37 -25.20 -5.41
CA HIS A 5 -2.85 -23.99 -6.03
C HIS A 5 -1.34 -24.07 -6.19
N ILE A 6 -0.67 -24.70 -5.22
CA ILE A 6 0.77 -24.84 -5.26
C ILE A 6 1.17 -26.15 -5.93
N ASP A 7 1.39 -26.08 -7.24
CA ASP A 7 1.77 -27.25 -8.02
C ASP A 7 2.38 -26.85 -9.36
N ASP A 8 1.53 -26.40 -10.28
CA ASP A 8 1.99 -25.98 -11.59
C ASP A 8 2.07 -24.46 -11.67
N ASP A 9 3.01 -23.97 -12.48
CA ASP A 9 3.21 -22.53 -12.64
C ASP A 9 1.96 -21.88 -13.22
N ASP A 10 1.09 -22.69 -13.81
CA ASP A 10 -0.14 -22.19 -14.41
C ASP A 10 -1.01 -21.49 -13.37
N LYS A 11 -1.02 -22.04 -12.16
CA LYS A 11 -1.78 -21.47 -11.06
C LYS A 11 -1.00 -20.36 -10.37
N HIS A 12 0.31 -20.36 -10.58
CA HIS A 12 1.18 -19.37 -9.99
C HIS A 12 1.13 -18.05 -10.77
N MET A 13 0.67 -18.13 -12.01
CA MET A 13 0.57 -16.95 -12.86
C MET A 13 -0.60 -16.06 -12.43
N ALA A 14 -1.60 -16.67 -11.81
CA ALA A 14 -2.78 -15.95 -11.35
C ALA A 14 -2.65 -15.55 -9.89
N GLU A 15 -1.56 -15.97 -9.26
CA GLU A 15 -1.32 -15.66 -7.85
C GLU A 15 0.04 -14.99 -7.65
N ARG A 16 0.52 -14.33 -8.70
CA ARG A 16 1.81 -13.65 -8.63
C ARG A 16 1.64 -12.14 -8.47
N LEU A 17 0.41 -11.66 -8.64
CA LEU A 17 0.11 -10.25 -8.51
C LEU A 17 -0.53 -9.94 -7.16
N SER A 18 -0.30 -8.72 -6.67
CA SER A 18 -0.85 -8.30 -5.38
C SER A 18 -2.23 -7.66 -5.58
N GLU A 19 -3.27 -8.36 -5.16
CA GLU A 19 -4.64 -7.86 -5.28
C GLU A 19 -4.97 -6.90 -4.14
N GLU A 20 -4.73 -7.35 -2.90
CA GLU A 20 -5.02 -6.51 -1.74
C GLU A 20 -3.81 -5.67 -1.34
N GLU A 21 -2.71 -6.31 -0.96
CA GLU A 21 -1.49 -5.58 -0.57
C GLU A 21 -0.36 -6.55 -0.26
N ILE A 22 -0.65 -7.84 -0.39
CA ILE A 22 0.33 -8.90 -0.12
C ILE A 22 1.67 -8.63 -0.82
N GLY A 23 1.64 -7.88 -1.92
CA GLY A 23 2.86 -7.57 -2.64
C GLY A 23 3.94 -6.96 -1.76
N GLY A 24 3.68 -5.76 -1.25
CA GLY A 24 4.63 -5.09 -0.39
C GLY A 24 4.35 -5.30 1.08
N LEU A 25 3.20 -5.92 1.36
CA LEU A 25 2.77 -6.18 2.74
C LEU A 25 3.90 -6.75 3.59
N LYS A 26 4.90 -7.34 2.95
CA LYS A 26 6.02 -7.93 3.67
C LYS A 26 7.17 -6.96 3.89
N GLU A 27 7.81 -6.53 2.80
CA GLU A 27 8.97 -5.64 2.90
C GLU A 27 8.62 -4.15 2.88
N LEU A 28 8.13 -3.67 1.74
CA LEU A 28 7.83 -2.25 1.58
C LEU A 28 6.67 -1.76 2.46
N PHE A 29 5.47 -2.23 2.16
CA PHE A 29 4.27 -1.82 2.88
C PHE A 29 4.51 -1.62 4.38
N LYS A 30 5.13 -2.61 5.03
CA LYS A 30 5.41 -2.52 6.46
C LYS A 30 6.37 -1.37 6.75
N MET A 31 7.42 -1.27 5.95
CA MET A 31 8.42 -0.22 6.11
C MET A 31 7.81 1.16 5.86
N ILE A 32 6.64 1.19 5.25
CA ILE A 32 5.97 2.46 4.96
C ILE A 32 5.02 2.84 6.08
N ASP A 33 4.21 1.87 6.50
CA ASP A 33 3.24 2.09 7.56
C ASP A 33 3.96 2.38 8.88
N THR A 34 3.84 3.61 9.36
CA THR A 34 4.46 4.00 10.62
C THR A 34 3.89 3.14 11.74
N ASP A 35 2.82 2.42 11.43
CA ASP A 35 2.16 1.55 12.39
C ASP A 35 2.64 0.11 12.25
N ASN A 36 3.15 -0.23 11.06
CA ASN A 36 3.63 -1.58 10.81
C ASN A 36 2.54 -2.60 11.12
N SER A 37 1.29 -2.13 11.17
CA SER A 37 0.17 -3.02 11.46
C SER A 37 -0.37 -3.61 10.17
N GLY A 38 -0.05 -2.96 9.07
CA GLY A 38 -0.50 -3.44 7.76
C GLY A 38 -1.53 -2.52 7.13
N THR A 39 -1.66 -1.32 7.69
CA THR A 39 -2.61 -0.33 7.17
C THR A 39 -2.09 1.07 7.46
N ILE A 40 -2.08 1.92 6.45
CA ILE A 40 -1.62 3.29 6.61
C ILE A 40 -2.78 4.27 6.63
N THR A 41 -2.69 5.27 7.50
CA THR A 41 -3.74 6.28 7.60
C THR A 41 -3.12 7.68 7.54
N PHE A 42 -3.81 8.60 6.89
CA PHE A 42 -3.35 9.98 6.75
C PHE A 42 -2.61 10.47 7.98
N ASP A 43 -3.24 10.35 9.14
CA ASP A 43 -2.62 10.79 10.40
C ASP A 43 -1.19 10.28 10.49
N GLU A 44 -0.99 9.04 10.06
CA GLU A 44 0.32 8.41 10.07
C GLU A 44 1.09 8.73 8.79
N LEU A 45 0.35 8.91 7.70
CA LEU A 45 0.96 9.21 6.40
C LEU A 45 1.91 10.39 6.50
N LYS A 46 1.39 11.52 6.97
CA LYS A 46 2.19 12.73 7.12
C LYS A 46 3.48 12.46 7.90
N ASP A 47 3.36 11.69 8.98
CA ASP A 47 4.51 11.35 9.82
C ASP A 47 5.70 10.86 8.99
N GLY A 48 5.43 10.47 7.75
CA GLY A 48 6.49 9.99 6.88
C GLY A 48 7.38 11.11 6.38
N LEU A 49 6.77 12.09 5.72
CA LEU A 49 7.51 13.23 5.20
C LEU A 49 7.61 14.33 6.25
N LYS A 50 6.82 14.19 7.31
CA LYS A 50 6.82 15.17 8.39
C LYS A 50 8.12 15.08 9.18
N ARG A 51 8.43 13.88 9.65
CA ARG A 51 9.65 13.66 10.42
C ARG A 51 10.89 14.04 9.60
N VAL A 52 10.71 14.12 8.29
CA VAL A 52 11.80 14.49 7.39
C VAL A 52 12.19 15.94 7.57
N GLY A 53 11.21 16.78 7.92
CA GLY A 53 11.46 18.20 8.12
C GLY A 53 12.34 18.81 7.05
N SER A 54 12.01 18.55 5.79
CA SER A 54 12.81 19.10 4.69
C SER A 54 12.24 20.43 4.23
N GLU A 55 11.40 20.41 3.20
CA GLU A 55 10.79 21.63 2.67
C GLU A 55 9.39 21.34 2.13
N LEU A 56 8.79 20.26 2.63
CA LEU A 56 7.47 19.85 2.18
C LEU A 56 6.38 20.46 3.04
N MET A 57 5.17 20.50 2.50
CA MET A 57 4.02 21.03 3.20
C MET A 57 2.98 19.94 3.42
N GLU A 58 2.59 19.77 4.68
CA GLU A 58 1.60 18.76 5.05
C GLU A 58 0.30 18.91 4.26
N SER A 59 0.19 20.01 3.51
CA SER A 59 -0.99 20.27 2.71
C SER A 59 -1.07 19.31 1.53
N GLU A 60 0.08 18.82 1.10
CA GLU A 60 0.15 17.89 -0.01
C GLU A 60 -0.09 16.47 0.47
N ILE A 61 0.12 16.25 1.77
CA ILE A 61 -0.07 14.95 2.38
C ILE A 61 -1.55 14.55 2.36
N LYS A 62 -2.43 15.54 2.44
CA LYS A 62 -3.87 15.29 2.44
C LYS A 62 -4.38 15.17 1.01
N ASP A 63 -3.83 15.98 0.10
CA ASP A 63 -4.23 15.94 -1.30
C ASP A 63 -3.67 14.69 -1.96
N LEU A 64 -2.60 14.16 -1.37
CA LEU A 64 -1.96 12.96 -1.89
C LEU A 64 -2.63 11.72 -1.28
N MET A 65 -2.98 11.83 -0.01
CA MET A 65 -3.64 10.73 0.70
C MET A 65 -5.00 10.43 0.08
N ASP A 66 -5.77 11.48 -0.20
CA ASP A 66 -7.09 11.33 -0.78
C ASP A 66 -7.01 10.76 -2.20
N ALA A 67 -6.05 11.25 -2.98
CA ALA A 67 -5.87 10.79 -4.35
C ALA A 67 -5.31 9.38 -4.39
N ALA A 68 -4.52 9.02 -3.37
CA ALA A 68 -3.93 7.69 -3.29
C ALA A 68 -4.99 6.64 -2.98
N ASP A 69 -5.61 6.75 -1.81
CA ASP A 69 -6.65 5.82 -1.40
C ASP A 69 -8.01 6.29 -1.89
N ILE A 70 -8.45 5.71 -3.01
CA ILE A 70 -9.73 6.06 -3.60
C ILE A 70 -10.86 5.28 -2.95
N ASP A 71 -10.50 4.23 -2.20
CA ASP A 71 -11.47 3.40 -1.53
C ASP A 71 -12.23 4.21 -0.47
N LYS A 72 -11.79 5.45 -0.28
CA LYS A 72 -12.41 6.36 0.69
C LYS A 72 -12.70 5.65 2.01
N SER A 73 -11.88 4.65 2.33
CA SER A 73 -12.05 3.89 3.56
C SER A 73 -11.35 4.59 4.71
N GLY A 74 -10.66 5.68 4.41
CA GLY A 74 -9.95 6.42 5.43
C GLY A 74 -8.57 5.84 5.68
N THR A 75 -8.34 4.65 5.12
CA THR A 75 -7.05 3.97 5.27
C THR A 75 -6.54 3.53 3.90
N ILE A 76 -5.29 3.90 3.60
CA ILE A 76 -4.69 3.55 2.33
C ILE A 76 -3.94 2.21 2.40
N ASP A 77 -4.07 1.43 1.34
CA ASP A 77 -3.40 0.13 1.26
C ASP A 77 -2.50 0.08 0.04
N TYR A 78 -1.57 -0.88 0.01
CA TYR A 78 -0.64 -1.01 -1.11
C TYR A 78 -1.40 -1.27 -2.41
N GLY A 79 -2.54 -1.93 -2.29
CA GLY A 79 -3.35 -2.25 -3.45
C GLY A 79 -4.26 -1.10 -3.87
N GLU A 80 -4.42 -0.12 -2.98
CA GLU A 80 -5.28 1.02 -3.26
C GLU A 80 -4.52 2.10 -4.01
N PHE A 81 -3.22 2.19 -3.75
CA PHE A 81 -2.37 3.19 -4.39
C PHE A 81 -1.98 2.75 -5.80
N ILE A 82 -1.73 1.45 -5.97
CA ILE A 82 -1.36 0.90 -7.27
C ILE A 82 -2.51 0.96 -8.26
N ALA A 83 -3.73 1.13 -7.74
CA ALA A 83 -4.93 1.19 -8.58
C ALA A 83 -4.78 2.21 -9.71
N ALA A 84 -3.84 3.15 -9.53
CA ALA A 84 -3.60 4.18 -10.53
C ALA A 84 -3.30 3.57 -11.90
N THR A 85 -4.26 3.70 -12.82
CA THR A 85 -4.11 3.17 -14.16
C THR A 85 -4.32 4.26 -15.20
N VAL A 86 -3.67 4.12 -16.36
CA VAL A 86 -3.77 5.09 -17.43
C VAL A 86 -3.36 6.48 -16.95
N HIS A 87 -2.05 6.74 -16.98
CA HIS A 87 -1.53 8.04 -16.55
C HIS A 87 -0.77 8.72 -17.67
N HIS A 1 -2.64 36.39 6.26
CA HIS A 1 -3.21 35.20 5.57
C HIS A 1 -2.20 34.07 5.49
N SER A 2 -2.68 32.89 5.10
CA SER A 2 -1.81 31.71 4.98
C SER A 2 -1.23 31.62 3.57
N SER A 3 -0.19 30.79 3.42
CA SER A 3 0.46 30.59 2.14
C SER A 3 -0.24 29.51 1.32
N GLY A 4 -1.27 28.91 1.92
CA GLY A 4 -2.01 27.86 1.23
C GLY A 4 -1.75 26.49 1.82
N HIS A 5 -0.86 26.42 2.81
CA HIS A 5 -0.52 25.16 3.46
C HIS A 5 -1.06 25.12 4.88
N ILE A 6 -0.60 26.06 5.71
CA ILE A 6 -1.05 26.12 7.10
C ILE A 6 -2.45 26.71 7.20
N ASP A 7 -3.45 25.84 7.13
CA ASP A 7 -4.84 26.26 7.21
C ASP A 7 -5.65 25.34 8.13
N ASP A 8 -5.89 24.12 7.66
CA ASP A 8 -6.64 23.14 8.43
C ASP A 8 -5.70 22.25 9.25
N ASP A 9 -5.51 21.01 8.78
CA ASP A 9 -4.62 20.07 9.47
C ASP A 9 -4.42 18.81 8.64
N ASP A 10 -4.68 18.92 7.34
CA ASP A 10 -4.52 17.79 6.43
C ASP A 10 -3.16 17.82 5.74
N LYS A 11 -2.60 19.02 5.62
CA LYS A 11 -1.31 19.20 4.98
C LYS A 11 -0.18 19.04 5.99
N HIS A 12 -0.52 19.17 7.28
CA HIS A 12 0.46 19.05 8.34
C HIS A 12 0.70 17.58 8.69
N MET A 13 -0.21 16.71 8.25
CA MET A 13 -0.12 15.29 8.52
C MET A 13 1.19 14.72 7.98
N ALA A 14 1.70 15.34 6.92
CA ALA A 14 2.95 14.89 6.30
C ALA A 14 4.14 15.16 7.21
N GLU A 15 3.96 16.08 8.15
CA GLU A 15 5.02 16.44 9.09
C GLU A 15 5.01 15.50 10.30
N ARG A 16 3.87 14.87 10.54
CA ARG A 16 3.73 13.95 11.66
C ARG A 16 4.48 12.65 11.39
N LEU A 17 3.76 11.56 11.15
CA LEU A 17 4.39 10.27 10.89
C LEU A 17 4.96 10.23 9.47
N SER A 18 5.95 9.36 9.26
CA SER A 18 6.58 9.23 7.95
C SER A 18 5.72 8.39 7.01
N GLU A 19 4.77 9.05 6.34
CA GLU A 19 3.89 8.36 5.41
C GLU A 19 4.58 8.16 4.07
N GLU A 20 5.73 8.81 3.90
CA GLU A 20 6.50 8.70 2.67
C GLU A 20 7.01 7.28 2.46
N GLU A 21 7.01 6.50 3.54
CA GLU A 21 7.46 5.12 3.48
C GLU A 21 6.65 4.24 4.44
N ILE A 22 7.08 2.99 4.58
CA ILE A 22 6.41 2.04 5.45
C ILE A 22 6.34 2.55 6.90
N GLY A 23 7.11 3.59 7.18
CA GLY A 23 7.15 4.17 8.52
C GLY A 23 5.80 4.21 9.23
N GLY A 24 4.71 4.38 8.47
CA GLY A 24 3.40 4.45 9.08
C GLY A 24 2.65 3.13 9.10
N LEU A 25 2.30 2.63 7.91
CA LEU A 25 1.54 1.38 7.77
C LEU A 25 2.36 0.16 8.18
N LYS A 26 3.66 0.35 8.46
CA LYS A 26 4.54 -0.76 8.84
C LYS A 26 3.84 -1.76 9.74
N GLU A 27 2.88 -1.29 10.53
CA GLU A 27 2.14 -2.17 11.44
C GLU A 27 1.40 -3.25 10.65
N LEU A 28 0.57 -2.84 9.71
CA LEU A 28 -0.21 -3.78 8.90
C LEU A 28 0.53 -4.21 7.64
N PHE A 29 0.91 -3.24 6.81
CA PHE A 29 1.60 -3.51 5.54
C PHE A 29 2.64 -4.62 5.67
N LYS A 30 3.39 -4.64 6.77
CA LYS A 30 4.41 -5.65 6.97
C LYS A 30 3.79 -7.02 7.21
N MET A 31 2.75 -7.03 8.04
CA MET A 31 2.06 -8.26 8.39
C MET A 31 1.31 -8.84 7.19
N ILE A 32 1.01 -8.01 6.20
CA ILE A 32 0.31 -8.46 5.01
C ILE A 32 1.30 -8.87 3.93
N ASP A 33 2.48 -8.27 3.99
CA ASP A 33 3.54 -8.56 3.03
C ASP A 33 4.11 -9.94 3.27
N THR A 34 3.99 -10.82 2.28
CA THR A 34 4.50 -12.18 2.39
C THR A 34 6.00 -12.16 2.67
N ASP A 35 6.61 -11.00 2.46
CA ASP A 35 8.04 -10.84 2.70
C ASP A 35 8.30 -10.06 3.99
N ASN A 36 7.31 -9.28 4.42
CA ASN A 36 7.45 -8.50 5.64
C ASN A 36 8.69 -7.60 5.53
N SER A 37 9.18 -7.43 4.30
CA SER A 37 10.36 -6.61 4.06
C SER A 37 9.94 -5.15 3.94
N GLY A 38 8.66 -4.94 3.68
CA GLY A 38 8.14 -3.59 3.55
C GLY A 38 7.72 -3.26 2.13
N THR A 39 7.67 -4.30 1.30
CA THR A 39 7.27 -4.13 -0.10
C THR A 39 6.53 -5.38 -0.57
N ILE A 40 5.38 -5.20 -1.21
CA ILE A 40 4.60 -6.33 -1.69
C ILE A 40 4.72 -6.50 -3.20
N THR A 41 5.00 -7.72 -3.64
CA THR A 41 5.12 -8.01 -5.06
C THR A 41 3.96 -8.89 -5.51
N PHE A 42 3.73 -8.92 -6.82
CA PHE A 42 2.67 -9.72 -7.40
C PHE A 42 2.94 -11.20 -7.19
N ASP A 43 4.21 -11.57 -7.23
CA ASP A 43 4.62 -12.94 -7.03
C ASP A 43 4.16 -13.42 -5.66
N GLU A 44 4.37 -12.58 -4.66
CA GLU A 44 3.97 -12.90 -3.29
C GLU A 44 2.55 -12.42 -3.02
N LEU A 45 2.07 -11.52 -3.87
CA LEU A 45 0.72 -10.97 -3.71
C LEU A 45 -0.34 -12.05 -3.81
N LYS A 46 -0.29 -12.81 -4.90
CA LYS A 46 -1.24 -13.88 -5.16
C LYS A 46 -1.42 -14.79 -3.94
N ASP A 47 -0.32 -15.30 -3.41
CA ASP A 47 -0.35 -16.19 -2.24
C ASP A 47 -1.20 -15.62 -1.10
N GLY A 48 -1.49 -14.33 -1.18
CA GLY A 48 -2.30 -13.68 -0.15
C GLY A 48 -3.76 -14.06 -0.27
N LEU A 49 -4.34 -13.83 -1.44
CA LEU A 49 -5.73 -14.16 -1.68
C LEU A 49 -5.85 -15.60 -2.19
N LYS A 50 -4.72 -16.17 -2.60
CA LYS A 50 -4.70 -17.53 -3.11
C LYS A 50 -4.56 -18.53 -1.98
N ARG A 51 -4.00 -18.08 -0.85
CA ARG A 51 -3.80 -18.94 0.30
C ARG A 51 -5.03 -19.80 0.59
N VAL A 52 -6.21 -19.26 0.30
CA VAL A 52 -7.45 -19.97 0.53
C VAL A 52 -8.00 -20.57 -0.76
N GLY A 53 -7.75 -19.89 -1.89
CA GLY A 53 -8.22 -20.36 -3.18
C GLY A 53 -9.69 -20.67 -3.18
N SER A 54 -10.49 -19.74 -2.66
CA SER A 54 -11.94 -19.92 -2.60
C SER A 54 -12.57 -19.89 -4.00
N GLU A 55 -12.99 -18.71 -4.42
CA GLU A 55 -13.62 -18.55 -5.74
C GLU A 55 -12.88 -17.53 -6.58
N LEU A 56 -11.79 -16.99 -6.04
CA LEU A 56 -10.99 -15.99 -6.73
C LEU A 56 -9.95 -16.64 -7.62
N MET A 57 -9.74 -16.02 -8.78
CA MET A 57 -8.77 -16.50 -9.74
C MET A 57 -7.56 -15.57 -9.74
N GLU A 58 -6.41 -16.13 -10.08
CA GLU A 58 -5.16 -15.39 -10.15
C GLU A 58 -5.30 -14.14 -11.02
N SER A 59 -6.39 -14.07 -11.79
CA SER A 59 -6.64 -12.94 -12.67
C SER A 59 -6.96 -11.69 -11.87
N GLU A 60 -7.60 -11.87 -10.72
CA GLU A 60 -7.95 -10.75 -9.86
C GLU A 60 -6.70 -10.13 -9.27
N ILE A 61 -5.70 -10.96 -9.02
CA ILE A 61 -4.43 -10.50 -8.46
C ILE A 61 -3.75 -9.52 -9.41
N LYS A 62 -4.13 -9.56 -10.68
CA LYS A 62 -3.57 -8.67 -11.69
C LYS A 62 -4.16 -7.28 -11.52
N ASP A 63 -5.47 -7.20 -11.69
CA ASP A 63 -6.19 -5.95 -11.51
C ASP A 63 -5.97 -5.47 -10.08
N LEU A 64 -5.54 -6.41 -9.23
CA LEU A 64 -5.26 -6.11 -7.83
C LEU A 64 -3.87 -5.50 -7.68
N MET A 65 -2.91 -6.06 -8.41
CA MET A 65 -1.53 -5.59 -8.34
C MET A 65 -1.28 -4.46 -9.35
N ASP A 66 -1.33 -4.80 -10.64
CA ASP A 66 -1.10 -3.83 -11.71
C ASP A 66 -1.78 -2.49 -11.42
N ALA A 67 -2.98 -2.54 -10.86
CA ALA A 67 -3.73 -1.32 -10.54
C ALA A 67 -3.22 -0.67 -9.27
N ALA A 68 -2.90 -1.47 -8.26
CA ALA A 68 -2.41 -0.96 -7.00
C ALA A 68 -1.15 -0.12 -7.20
N ASP A 69 -0.10 -0.73 -7.73
CA ASP A 69 1.14 -0.03 -8.00
C ASP A 69 1.22 0.40 -9.45
N ILE A 70 1.15 1.71 -9.67
CA ILE A 70 1.20 2.28 -11.01
C ILE A 70 2.64 2.44 -11.49
N ASP A 71 3.56 2.48 -10.54
CA ASP A 71 4.97 2.62 -10.86
C ASP A 71 5.45 1.46 -11.71
N LYS A 72 4.65 0.38 -11.74
CA LYS A 72 4.96 -0.81 -12.51
C LYS A 72 6.32 -1.39 -12.15
N SER A 73 6.87 -0.91 -11.05
CA SER A 73 8.19 -1.38 -10.60
C SER A 73 8.16 -2.88 -10.32
N GLY A 74 6.96 -3.42 -10.15
CA GLY A 74 6.82 -4.83 -9.86
C GLY A 74 6.44 -5.08 -8.42
N THR A 75 6.73 -4.10 -7.56
CA THR A 75 6.42 -4.20 -6.14
C THR A 75 5.75 -2.92 -5.67
N ILE A 76 4.60 -3.05 -5.02
CA ILE A 76 3.87 -1.90 -4.52
C ILE A 76 4.47 -1.36 -3.23
N ASP A 77 4.64 -0.04 -3.18
CA ASP A 77 5.20 0.63 -2.01
C ASP A 77 4.10 1.43 -1.30
N TYR A 78 4.20 1.53 0.02
CA TYR A 78 3.19 2.27 0.80
C TYR A 78 2.95 3.66 0.22
N GLY A 79 4.00 4.26 -0.34
CA GLY A 79 3.89 5.59 -0.91
C GLY A 79 2.76 5.70 -1.91
N GLU A 80 2.68 4.73 -2.82
CA GLU A 80 1.64 4.73 -3.84
C GLU A 80 0.38 4.01 -3.36
N PHE A 81 0.58 3.01 -2.50
CA PHE A 81 -0.53 2.23 -1.95
C PHE A 81 -1.54 3.11 -1.23
N ILE A 82 -1.11 4.30 -0.81
CA ILE A 82 -1.98 5.23 -0.10
C ILE A 82 -3.21 5.57 -0.92
N ALA A 83 -3.12 5.43 -2.24
CA ALA A 83 -4.23 5.72 -3.13
C ALA A 83 -5.50 4.99 -2.69
N ALA A 84 -5.41 3.67 -2.59
CA ALA A 84 -6.54 2.85 -2.19
C ALA A 84 -6.13 1.79 -1.18
N THR A 85 -6.60 1.93 0.05
CA THR A 85 -6.27 0.99 1.11
C THR A 85 -7.53 0.30 1.64
N VAL A 86 -7.34 -0.87 2.24
CA VAL A 86 -8.47 -1.64 2.77
C VAL A 86 -8.48 -1.59 4.30
N HIS A 87 -9.62 -1.19 4.85
CA HIS A 87 -9.77 -1.10 6.30
C HIS A 87 -11.23 -1.22 6.71
N HIS A 1 -2.49 28.78 -2.88
CA HIS A 1 -3.66 29.15 -2.06
C HIS A 1 -3.62 28.48 -0.70
N SER A 2 -3.29 27.18 -0.69
CA SER A 2 -3.22 26.41 0.54
C SER A 2 -1.78 26.29 1.02
N SER A 3 -1.41 27.12 2.00
CA SER A 3 -0.06 27.09 2.54
C SER A 3 0.08 26.01 3.61
N GLY A 4 -1.05 25.61 4.19
CA GLY A 4 -1.03 24.59 5.22
C GLY A 4 -2.06 24.84 6.30
N HIS A 5 -3.34 24.67 5.95
CA HIS A 5 -4.42 24.88 6.91
C HIS A 5 -5.22 23.60 7.13
N ILE A 6 -6.34 23.73 7.83
CA ILE A 6 -7.19 22.58 8.13
C ILE A 6 -7.62 21.86 6.83
N ASP A 7 -6.90 20.79 6.51
CA ASP A 7 -7.20 20.00 5.32
C ASP A 7 -6.41 18.70 5.31
N ASP A 8 -5.12 18.79 5.03
CA ASP A 8 -4.25 17.62 5.00
C ASP A 8 -2.78 18.05 4.97
N ASP A 9 -2.50 19.19 5.59
CA ASP A 9 -1.14 19.73 5.64
C ASP A 9 -0.68 19.92 7.08
N ASP A 10 -1.29 20.89 7.77
CA ASP A 10 -0.94 21.18 9.14
C ASP A 10 -1.50 20.13 10.09
N LYS A 11 -2.64 19.57 9.73
CA LYS A 11 -3.28 18.53 10.54
C LYS A 11 -2.71 17.16 10.21
N HIS A 12 -1.96 17.09 9.12
CA HIS A 12 -1.36 15.84 8.69
C HIS A 12 0.03 15.67 9.30
N MET A 13 0.69 16.79 9.56
CA MET A 13 2.03 16.77 10.15
C MET A 13 1.96 16.36 11.62
N ALA A 14 0.88 16.77 12.30
CA ALA A 14 0.70 16.44 13.70
C ALA A 14 0.75 14.93 13.93
N GLU A 15 0.39 14.19 12.89
CA GLU A 15 0.39 12.73 12.95
C GLU A 15 1.68 12.18 12.35
N ARG A 16 1.68 11.98 11.04
CA ARG A 16 2.85 11.45 10.34
C ARG A 16 2.74 11.71 8.84
N LEU A 17 3.86 12.10 8.24
CA LEU A 17 3.90 12.38 6.81
C LEU A 17 4.37 11.15 6.04
N SER A 18 3.52 10.65 5.15
CA SER A 18 3.87 9.48 4.35
C SER A 18 3.85 9.79 2.86
N GLU A 19 4.97 10.31 2.36
CA GLU A 19 5.09 10.64 0.95
C GLU A 19 5.52 9.42 0.15
N GLU A 20 6.60 8.78 0.59
CA GLU A 20 7.11 7.59 -0.08
C GLU A 20 6.50 6.32 0.50
N GLU A 21 6.79 6.05 1.77
CA GLU A 21 6.27 4.86 2.44
C GLU A 21 6.66 4.85 3.92
N ILE A 22 7.63 5.67 4.28
CA ILE A 22 8.12 5.76 5.66
C ILE A 22 6.99 6.00 6.66
N GLY A 23 5.82 6.41 6.17
CA GLY A 23 4.70 6.68 7.05
C GLY A 23 4.10 5.43 7.66
N GLY A 24 3.52 4.58 6.82
CA GLY A 24 2.90 3.35 7.32
C GLY A 24 3.82 2.15 7.24
N LEU A 25 5.00 2.33 6.65
CA LEU A 25 5.96 1.24 6.52
C LEU A 25 6.19 0.54 7.85
N LYS A 26 6.08 1.30 8.95
CA LYS A 26 6.31 0.75 10.28
C LYS A 26 5.03 0.22 10.93
N GLU A 27 3.94 0.99 10.83
CA GLU A 27 2.68 0.60 11.46
C GLU A 27 1.79 -0.28 10.57
N LEU A 28 1.27 0.30 9.49
CA LEU A 28 0.36 -0.41 8.60
C LEU A 28 1.06 -1.45 7.74
N PHE A 29 1.96 -0.99 6.87
CA PHE A 29 2.68 -1.87 5.96
C PHE A 29 3.12 -3.18 6.62
N LYS A 30 3.73 -3.10 7.80
CA LYS A 30 4.18 -4.29 8.51
C LYS A 30 2.99 -5.15 8.94
N MET A 31 1.92 -4.50 9.36
CA MET A 31 0.72 -5.19 9.81
C MET A 31 -0.06 -5.77 8.63
N ILE A 32 0.28 -5.31 7.42
CA ILE A 32 -0.38 -5.77 6.21
C ILE A 32 0.37 -6.95 5.61
N ASP A 33 1.68 -6.86 5.61
CA ASP A 33 2.53 -7.91 5.07
C ASP A 33 2.39 -9.17 5.92
N THR A 34 1.94 -10.25 5.30
CA THR A 34 1.76 -11.52 6.00
C THR A 34 3.10 -12.03 6.50
N ASP A 35 4.16 -11.42 6.00
CA ASP A 35 5.51 -11.80 6.37
C ASP A 35 6.12 -10.79 7.33
N ASN A 36 5.54 -9.59 7.40
CA ASN A 36 6.07 -8.55 8.26
C ASN A 36 7.56 -8.35 7.98
N SER A 37 8.00 -8.88 6.84
CA SER A 37 9.40 -8.77 6.43
C SER A 37 9.67 -7.36 5.94
N GLY A 38 8.61 -6.68 5.55
CA GLY A 38 8.73 -5.32 5.05
C GLY A 38 8.46 -5.21 3.57
N THR A 39 7.97 -6.28 2.98
CA THR A 39 7.66 -6.32 1.56
C THR A 39 6.55 -7.34 1.29
N ILE A 40 5.53 -6.94 0.53
CA ILE A 40 4.43 -7.84 0.22
C ILE A 40 4.54 -8.37 -1.20
N THR A 41 4.41 -9.69 -1.35
CA THR A 41 4.49 -10.32 -2.65
C THR A 41 3.14 -10.89 -3.08
N PHE A 42 2.88 -10.86 -4.39
CA PHE A 42 1.64 -11.36 -4.96
C PHE A 42 1.15 -12.62 -4.25
N ASP A 43 2.07 -13.53 -3.95
CA ASP A 43 1.74 -14.78 -3.28
C ASP A 43 0.85 -14.51 -2.07
N GLU A 44 1.26 -13.55 -1.24
CA GLU A 44 0.51 -13.19 -0.05
C GLU A 44 -0.54 -12.12 -0.37
N LEU A 45 -0.24 -11.29 -1.37
CA LEU A 45 -1.14 -10.20 -1.76
C LEU A 45 -2.59 -10.67 -1.77
N LYS A 46 -2.85 -11.74 -2.52
CA LYS A 46 -4.20 -12.29 -2.63
C LYS A 46 -4.84 -12.49 -1.26
N ASP A 47 -4.18 -13.28 -0.40
CA ASP A 47 -4.68 -13.57 0.94
C ASP A 47 -4.94 -12.30 1.74
N GLY A 48 -4.38 -11.19 1.27
CA GLY A 48 -4.59 -9.94 1.96
C GLY A 48 -6.02 -9.48 1.82
N LEU A 49 -6.49 -9.44 0.57
CA LEU A 49 -7.84 -9.05 0.29
C LEU A 49 -8.74 -10.28 0.28
N LYS A 50 -8.12 -11.46 0.25
CA LYS A 50 -8.84 -12.71 0.25
C LYS A 50 -9.35 -13.04 1.64
N ARG A 51 -8.63 -12.54 2.65
CA ARG A 51 -9.00 -12.75 4.04
C ARG A 51 -10.50 -12.57 4.27
N VAL A 52 -11.12 -11.68 3.48
CA VAL A 52 -12.55 -11.42 3.63
C VAL A 52 -13.40 -12.54 3.02
N GLY A 53 -12.87 -13.16 1.97
CA GLY A 53 -13.58 -14.26 1.33
C GLY A 53 -14.91 -13.83 0.74
N SER A 54 -14.91 -12.73 -0.02
CA SER A 54 -16.13 -12.22 -0.63
C SER A 54 -16.36 -12.86 -1.99
N GLU A 55 -15.98 -12.15 -3.05
CA GLU A 55 -16.13 -12.64 -4.41
C GLU A 55 -14.93 -12.27 -5.26
N LEU A 56 -13.75 -12.42 -4.68
CA LEU A 56 -12.50 -12.08 -5.38
C LEU A 56 -12.21 -13.07 -6.49
N MET A 57 -11.41 -12.62 -7.45
CA MET A 57 -11.01 -13.45 -8.56
C MET A 57 -9.49 -13.47 -8.68
N GLU A 58 -8.92 -14.67 -8.67
CA GLU A 58 -7.48 -14.85 -8.77
C GLU A 58 -6.91 -14.13 -9.99
N SER A 59 -7.80 -13.65 -10.85
CA SER A 59 -7.41 -12.95 -12.07
C SER A 59 -7.13 -11.47 -11.81
N GLU A 60 -7.95 -10.85 -10.97
CA GLU A 60 -7.78 -9.44 -10.65
C GLU A 60 -6.66 -9.26 -9.63
N ILE A 61 -6.33 -10.33 -8.93
CA ILE A 61 -5.26 -10.29 -7.93
C ILE A 61 -3.90 -10.11 -8.59
N LYS A 62 -3.69 -10.80 -9.71
CA LYS A 62 -2.42 -10.70 -10.43
C LYS A 62 -2.41 -9.45 -11.30
N ASP A 63 -3.58 -9.06 -11.79
CA ASP A 63 -3.72 -7.88 -12.63
C ASP A 63 -3.58 -6.62 -11.78
N LEU A 64 -4.00 -6.72 -10.52
CA LEU A 64 -3.92 -5.59 -9.60
C LEU A 64 -2.50 -5.47 -9.05
N MET A 65 -1.87 -6.62 -8.83
CA MET A 65 -0.50 -6.66 -8.31
C MET A 65 0.46 -5.98 -9.29
N ASP A 66 0.37 -6.35 -10.56
CA ASP A 66 1.24 -5.77 -11.58
C ASP A 66 0.85 -4.32 -11.87
N ALA A 67 -0.43 -4.01 -11.74
CA ALA A 67 -0.93 -2.66 -11.99
C ALA A 67 -0.25 -1.64 -11.09
N ALA A 68 0.29 -2.10 -9.97
CA ALA A 68 0.96 -1.22 -9.02
C ALA A 68 2.46 -1.47 -8.97
N ASP A 69 2.84 -2.70 -8.62
CA ASP A 69 4.25 -3.08 -8.53
C ASP A 69 4.98 -2.79 -9.84
N ILE A 70 5.67 -1.66 -9.87
CA ILE A 70 6.42 -1.24 -11.04
C ILE A 70 7.81 -1.87 -11.06
N ASP A 71 8.30 -2.23 -9.87
CA ASP A 71 9.61 -2.84 -9.75
C ASP A 71 9.60 -4.25 -10.34
N LYS A 72 8.40 -4.71 -10.71
CA LYS A 72 8.20 -6.04 -11.30
C LYS A 72 9.16 -7.08 -10.74
N SER A 73 9.50 -6.92 -9.46
CA SER A 73 10.42 -7.84 -8.80
C SER A 73 9.66 -8.99 -8.15
N GLY A 74 8.33 -8.89 -8.16
CA GLY A 74 7.50 -9.93 -7.55
C GLY A 74 6.90 -9.46 -6.26
N THR A 75 7.50 -8.43 -5.68
CA THR A 75 7.02 -7.86 -4.43
C THR A 75 6.56 -6.42 -4.67
N ILE A 76 6.00 -5.79 -3.64
CA ILE A 76 5.53 -4.42 -3.77
C ILE A 76 5.48 -3.73 -2.41
N ASP A 77 5.81 -2.44 -2.41
CA ASP A 77 5.80 -1.64 -1.19
C ASP A 77 4.92 -0.40 -1.36
N TYR A 78 4.68 0.29 -0.26
CA TYR A 78 3.86 1.50 -0.28
C TYR A 78 4.34 2.48 -1.35
N GLY A 79 5.65 2.53 -1.54
CA GLY A 79 6.23 3.43 -2.53
C GLY A 79 5.71 3.16 -3.94
N GLU A 80 5.43 1.89 -4.22
CA GLU A 80 4.92 1.50 -5.53
C GLU A 80 3.40 1.58 -5.58
N PHE A 81 2.75 0.82 -4.70
CA PHE A 81 1.29 0.79 -4.62
C PHE A 81 0.69 2.21 -4.72
N ILE A 82 1.30 3.15 -4.02
CA ILE A 82 0.81 4.53 -4.02
C ILE A 82 1.26 5.27 -5.29
N ALA A 83 2.42 4.90 -5.81
CA ALA A 83 2.96 5.53 -7.01
C ALA A 83 1.97 5.47 -8.16
N ALA A 84 1.45 4.28 -8.44
CA ALA A 84 0.49 4.09 -9.52
C ALA A 84 -0.84 4.76 -9.20
N THR A 85 -1.67 4.08 -8.41
CA THR A 85 -2.98 4.61 -8.03
C THR A 85 -2.86 5.57 -6.86
N VAL A 86 -3.61 6.67 -6.93
CA VAL A 86 -3.60 7.68 -5.88
C VAL A 86 -2.18 8.17 -5.60
N HIS A 87 -1.72 9.11 -6.41
CA HIS A 87 -0.37 9.66 -6.26
C HIS A 87 -0.41 11.01 -5.54
N HIS A 1 0.25 25.32 21.60
CA HIS A 1 0.29 26.35 20.53
C HIS A 1 1.70 26.87 20.33
N SER A 2 2.12 26.97 19.07
CA SER A 2 3.46 27.47 18.75
C SER A 2 3.50 28.03 17.33
N SER A 3 4.54 28.81 17.05
CA SER A 3 4.71 29.40 15.72
C SER A 3 5.94 28.83 15.02
N GLY A 4 6.40 27.69 15.51
CA GLY A 4 7.57 27.05 14.93
C GLY A 4 7.28 25.64 14.44
N HIS A 5 6.00 25.30 14.37
CA HIS A 5 5.59 23.98 13.91
C HIS A 5 4.11 23.99 13.50
N ILE A 6 3.24 24.13 14.48
CA ILE A 6 1.80 24.15 14.23
C ILE A 6 1.37 25.50 13.66
N ASP A 7 1.52 25.67 12.36
CA ASP A 7 1.14 26.91 11.69
C ASP A 7 1.11 26.72 10.17
N ASP A 8 2.29 26.61 9.57
CA ASP A 8 2.41 26.43 8.13
C ASP A 8 3.84 26.07 7.73
N ASP A 9 4.54 25.37 8.62
CA ASP A 9 5.91 24.97 8.35
C ASP A 9 5.99 23.49 7.94
N ASP A 10 5.89 22.60 8.92
CA ASP A 10 5.95 21.17 8.65
C ASP A 10 4.56 20.63 8.34
N LYS A 11 3.54 21.39 8.72
CA LYS A 11 2.16 20.98 8.48
C LYS A 11 1.71 21.39 7.08
N HIS A 12 2.33 22.45 6.55
CA HIS A 12 2.00 22.95 5.22
C HIS A 12 2.65 22.08 4.15
N MET A 13 3.85 21.58 4.46
CA MET A 13 4.58 20.73 3.53
C MET A 13 3.86 19.41 3.32
N ALA A 14 3.12 18.98 4.34
CA ALA A 14 2.37 17.73 4.26
C ALA A 14 1.28 17.81 3.19
N GLU A 15 0.55 18.92 3.19
CA GLU A 15 -0.53 19.12 2.23
C GLU A 15 0.03 19.31 0.82
N ARG A 16 1.29 19.74 0.75
CA ARG A 16 1.94 19.95 -0.53
C ARG A 16 2.39 18.63 -1.14
N LEU A 17 2.66 17.65 -0.28
CA LEU A 17 3.08 16.33 -0.73
C LEU A 17 1.89 15.50 -1.19
N SER A 18 1.71 15.41 -2.50
CA SER A 18 0.61 14.64 -3.06
C SER A 18 0.96 13.16 -3.14
N GLU A 19 0.51 12.40 -2.15
CA GLU A 19 0.77 10.97 -2.08
C GLU A 19 -0.25 10.18 -2.89
N GLU A 20 -1.38 10.82 -3.20
CA GLU A 20 -2.44 10.19 -3.96
C GLU A 20 -2.08 10.08 -5.44
N GLU A 21 -1.05 10.80 -5.86
CA GLU A 21 -0.62 10.79 -7.26
C GLU A 21 -0.39 9.37 -7.76
N ILE A 22 0.30 8.56 -6.96
CA ILE A 22 0.59 7.18 -7.31
C ILE A 22 -0.70 6.38 -7.49
N GLY A 23 -1.81 6.95 -7.04
CA GLY A 23 -3.12 6.32 -7.13
C GLY A 23 -3.46 5.79 -8.52
N GLY A 24 -2.60 6.05 -9.50
CA GLY A 24 -2.84 5.57 -10.86
C GLY A 24 -3.04 4.07 -10.93
N LEU A 25 -2.89 3.40 -9.79
CA LEU A 25 -3.03 1.94 -9.68
C LEU A 25 -4.18 1.39 -10.55
N LYS A 26 -5.17 2.22 -10.84
CA LYS A 26 -6.31 1.81 -11.64
C LYS A 26 -5.90 1.11 -12.93
N GLU A 27 -4.64 1.25 -13.34
CA GLU A 27 -4.17 0.63 -14.56
C GLU A 27 -3.76 -0.83 -14.38
N LEU A 28 -2.68 -1.06 -13.64
CA LEU A 28 -2.18 -2.42 -13.40
C LEU A 28 -2.78 -3.08 -12.17
N PHE A 29 -2.75 -2.34 -11.05
CA PHE A 29 -3.25 -2.85 -9.77
C PHE A 29 -4.57 -3.60 -9.90
N LYS A 30 -5.56 -2.98 -10.52
CA LYS A 30 -6.88 -3.61 -10.66
C LYS A 30 -6.82 -4.78 -11.64
N MET A 31 -5.80 -4.81 -12.49
CA MET A 31 -5.65 -5.87 -13.46
C MET A 31 -5.00 -7.11 -12.83
N ILE A 32 -4.23 -6.90 -11.79
CA ILE A 32 -3.56 -7.99 -11.09
C ILE A 32 -4.41 -8.48 -9.92
N ASP A 33 -5.20 -7.55 -9.38
CA ASP A 33 -6.07 -7.87 -8.26
C ASP A 33 -7.05 -8.97 -8.63
N THR A 34 -6.99 -10.08 -7.90
CA THR A 34 -7.89 -11.21 -8.17
C THR A 34 -9.33 -10.77 -8.00
N ASP A 35 -9.53 -9.58 -7.42
CA ASP A 35 -10.85 -9.04 -7.21
C ASP A 35 -11.15 -7.92 -8.19
N ASN A 36 -10.10 -7.30 -8.74
CA ASN A 36 -10.27 -6.21 -9.68
C ASN A 36 -11.12 -5.10 -9.05
N SER A 37 -11.30 -5.19 -7.74
CA SER A 37 -12.08 -4.20 -7.01
C SER A 37 -11.26 -2.95 -6.79
N GLY A 38 -9.94 -3.11 -6.91
CA GLY A 38 -9.03 -1.98 -6.73
C GLY A 38 -8.20 -2.10 -5.47
N THR A 39 -8.35 -3.22 -4.78
CA THR A 39 -7.61 -3.47 -3.55
C THR A 39 -7.26 -4.95 -3.44
N ILE A 40 -6.02 -5.26 -3.12
CA ILE A 40 -5.59 -6.64 -2.99
C ILE A 40 -5.43 -7.05 -1.53
N THR A 41 -6.07 -8.16 -1.15
CA THR A 41 -5.97 -8.66 0.22
C THR A 41 -5.06 -9.86 0.30
N PHE A 42 -4.68 -10.20 1.51
CA PHE A 42 -3.79 -11.33 1.78
C PHE A 42 -4.07 -12.53 0.88
N ASP A 43 -5.30 -13.03 0.92
CA ASP A 43 -5.68 -14.17 0.11
C ASP A 43 -5.34 -13.94 -1.36
N GLU A 44 -5.53 -12.70 -1.80
CA GLU A 44 -5.25 -12.31 -3.17
C GLU A 44 -3.80 -11.84 -3.32
N LEU A 45 -3.14 -11.61 -2.19
CA LEU A 45 -1.75 -11.16 -2.18
C LEU A 45 -0.82 -12.28 -2.64
N LYS A 46 -0.95 -13.44 -1.99
CA LYS A 46 -0.12 -14.59 -2.31
C LYS A 46 -0.27 -15.00 -3.78
N ASP A 47 -1.36 -14.57 -4.41
CA ASP A 47 -1.62 -14.88 -5.80
C ASP A 47 -0.58 -14.22 -6.69
N GLY A 48 0.11 -13.24 -6.14
CA GLY A 48 1.14 -12.53 -6.86
C GLY A 48 2.49 -13.16 -6.64
N LEU A 49 2.75 -13.54 -5.40
CA LEU A 49 4.01 -14.19 -5.05
C LEU A 49 3.97 -15.62 -5.55
N LYS A 50 2.76 -16.12 -5.80
CA LYS A 50 2.59 -17.48 -6.30
C LYS A 50 2.68 -17.49 -7.81
N ARG A 51 2.08 -16.49 -8.44
CA ARG A 51 2.08 -16.38 -9.90
C ARG A 51 3.51 -16.26 -10.43
N VAL A 52 4.36 -15.54 -9.71
CA VAL A 52 5.74 -15.35 -10.13
C VAL A 52 6.52 -16.66 -10.11
N GLY A 53 6.08 -17.61 -9.28
CA GLY A 53 6.75 -18.89 -9.19
C GLY A 53 7.78 -18.96 -8.08
N SER A 54 7.39 -18.54 -6.88
CA SER A 54 8.28 -18.58 -5.74
C SER A 54 7.71 -19.52 -4.69
N GLU A 55 8.47 -20.56 -4.40
CA GLU A 55 8.05 -21.54 -3.42
C GLU A 55 8.42 -21.08 -2.02
N LEU A 56 8.36 -19.77 -1.84
CA LEU A 56 8.69 -19.14 -0.58
C LEU A 56 7.76 -19.64 0.52
N MET A 57 7.98 -19.14 1.72
CA MET A 57 7.16 -19.49 2.86
C MET A 57 5.89 -18.65 2.88
N GLU A 58 4.75 -19.32 2.96
CA GLU A 58 3.47 -18.63 2.99
C GLU A 58 3.41 -17.65 4.16
N SER A 59 4.40 -17.74 5.01
CA SER A 59 4.50 -16.88 6.18
C SER A 59 4.93 -15.47 5.77
N GLU A 60 5.87 -15.40 4.85
CA GLU A 60 6.36 -14.13 4.33
C GLU A 60 5.23 -13.37 3.65
N ILE A 61 4.15 -14.09 3.35
CA ILE A 61 2.99 -13.50 2.69
C ILE A 61 1.99 -12.94 3.70
N LYS A 62 1.88 -13.60 4.85
CA LYS A 62 0.94 -13.17 5.88
C LYS A 62 1.53 -12.09 6.79
N ASP A 63 2.83 -12.16 7.03
CA ASP A 63 3.49 -11.17 7.88
C ASP A 63 3.82 -9.92 7.08
N LEU A 64 3.81 -10.06 5.76
CA LEU A 64 4.11 -8.94 4.87
C LEU A 64 2.85 -8.14 4.58
N MET A 65 1.71 -8.84 4.53
CA MET A 65 0.44 -8.22 4.26
C MET A 65 -0.05 -7.40 5.46
N ASP A 66 0.26 -7.88 6.66
CA ASP A 66 -0.15 -7.19 7.88
C ASP A 66 0.69 -5.95 8.13
N ALA A 67 1.95 -6.00 7.72
CA ALA A 67 2.86 -4.88 7.90
C ALA A 67 2.74 -3.86 6.76
N ALA A 68 2.08 -4.28 5.69
CA ALA A 68 1.89 -3.40 4.54
C ALA A 68 0.51 -2.75 4.54
N ASP A 69 -0.42 -3.36 5.28
CA ASP A 69 -1.78 -2.84 5.37
C ASP A 69 -2.11 -2.45 6.81
N ILE A 70 -1.81 -1.20 7.15
CA ILE A 70 -2.07 -0.68 8.48
C ILE A 70 -3.52 -0.21 8.62
N ASP A 71 -4.15 0.06 7.47
CA ASP A 71 -5.54 0.53 7.46
C ASP A 71 -6.45 -0.50 8.13
N LYS A 72 -5.96 -1.73 8.26
CA LYS A 72 -6.73 -2.81 8.89
C LYS A 72 -7.99 -3.11 8.11
N SER A 73 -8.07 -2.57 6.90
CA SER A 73 -9.24 -2.79 6.04
C SER A 73 -9.24 -4.20 5.45
N GLY A 74 -8.19 -4.96 5.74
CA GLY A 74 -8.09 -6.31 5.23
C GLY A 74 -7.48 -6.34 3.84
N THR A 75 -7.64 -5.24 3.11
CA THR A 75 -7.10 -5.13 1.76
C THR A 75 -6.08 -4.00 1.71
N ILE A 76 -5.00 -4.22 0.95
CA ILE A 76 -3.96 -3.20 0.83
C ILE A 76 -4.12 -2.37 -0.43
N ASP A 77 -3.85 -1.08 -0.30
CA ASP A 77 -3.96 -0.16 -1.43
C ASP A 77 -2.74 0.76 -1.49
N TYR A 78 -2.44 1.27 -2.68
CA TYR A 78 -1.29 2.16 -2.89
C TYR A 78 -1.17 3.20 -1.77
N GLY A 79 -2.29 3.74 -1.33
CA GLY A 79 -2.28 4.75 -0.28
C GLY A 79 -1.48 4.33 0.94
N GLU A 80 -1.70 3.10 1.39
CA GLU A 80 -1.00 2.57 2.55
C GLU A 80 0.31 1.90 2.15
N PHE A 81 0.22 0.94 1.23
CA PHE A 81 1.39 0.21 0.73
C PHE A 81 2.58 1.12 0.50
N ILE A 82 2.33 2.33 0.01
CA ILE A 82 3.39 3.30 -0.26
C ILE A 82 4.31 3.45 0.95
N ALA A 83 3.72 3.53 2.14
CA ALA A 83 4.49 3.67 3.38
C ALA A 83 5.59 2.61 3.47
N ALA A 84 5.28 1.41 3.01
CA ALA A 84 6.24 0.31 3.05
C ALA A 84 7.29 0.48 1.95
N THR A 85 8.52 0.74 2.35
CA THR A 85 9.62 0.94 1.41
C THR A 85 10.19 -0.41 0.95
N VAL A 86 9.95 -0.75 -0.31
CA VAL A 86 10.44 -2.00 -0.88
C VAL A 86 11.92 -1.90 -1.20
N HIS A 87 12.66 -2.95 -0.87
CA HIS A 87 14.10 -2.99 -1.13
C HIS A 87 14.39 -3.34 -2.58
N HIS A 1 0.94 -35.69 -3.74
CA HIS A 1 -0.35 -36.29 -4.16
C HIS A 1 -0.45 -36.39 -5.67
N SER A 2 -0.46 -35.24 -6.33
CA SER A 2 -0.55 -35.19 -7.79
C SER A 2 0.83 -34.94 -8.41
N SER A 3 0.92 -35.14 -9.71
CA SER A 3 2.18 -34.92 -10.42
C SER A 3 2.49 -33.44 -10.55
N GLY A 4 1.45 -32.65 -10.75
CA GLY A 4 1.64 -31.21 -10.89
C GLY A 4 0.76 -30.42 -9.93
N HIS A 5 1.31 -29.32 -9.40
CA HIS A 5 0.58 -28.48 -8.47
C HIS A 5 0.65 -27.01 -8.90
N ILE A 6 1.84 -26.58 -9.31
CA ILE A 6 2.05 -25.21 -9.74
C ILE A 6 1.96 -25.10 -11.26
N ASP A 7 0.81 -24.64 -11.75
CA ASP A 7 0.59 -24.47 -13.17
C ASP A 7 -0.38 -23.31 -13.45
N ASP A 8 -1.63 -23.65 -13.74
CA ASP A 8 -2.64 -22.62 -14.01
C ASP A 8 -4.01 -23.06 -13.45
N ASP A 9 -4.03 -23.39 -12.17
CA ASP A 9 -5.27 -23.82 -11.53
C ASP A 9 -5.50 -23.08 -10.21
N ASP A 10 -4.94 -23.62 -9.12
CA ASP A 10 -5.10 -23.00 -7.81
C ASP A 10 -3.88 -22.14 -7.46
N LYS A 11 -2.74 -22.47 -8.06
CA LYS A 11 -1.51 -21.73 -7.82
C LYS A 11 -1.41 -20.54 -8.77
N HIS A 12 -2.31 -20.50 -9.74
CA HIS A 12 -2.34 -19.41 -10.71
C HIS A 12 -2.88 -18.14 -10.05
N MET A 13 -3.53 -18.34 -8.90
CA MET A 13 -4.10 -17.23 -8.15
C MET A 13 -3.00 -16.46 -7.43
N ALA A 14 -1.77 -16.95 -7.56
CA ALA A 14 -0.62 -16.32 -6.92
C ALA A 14 0.02 -15.28 -7.84
N GLU A 15 -0.11 -15.47 -9.15
CA GLU A 15 0.46 -14.56 -10.12
C GLU A 15 -0.46 -13.36 -10.36
N ARG A 16 -1.75 -13.58 -10.13
CA ARG A 16 -2.74 -12.51 -10.31
C ARG A 16 -2.54 -11.42 -9.26
N LEU A 17 -3.61 -10.69 -8.96
CA LEU A 17 -3.55 -9.62 -7.96
C LEU A 17 -3.15 -10.17 -6.61
N SER A 18 -1.99 -9.74 -6.12
CA SER A 18 -1.51 -10.19 -4.82
C SER A 18 -1.57 -9.06 -3.80
N GLU A 19 -2.73 -8.88 -3.19
CA GLU A 19 -2.92 -7.84 -2.19
C GLU A 19 -2.40 -8.29 -0.83
N GLU A 20 -2.06 -9.57 -0.73
CA GLU A 20 -1.57 -10.15 0.51
C GLU A 20 -0.10 -9.81 0.74
N GLU A 21 0.56 -9.32 -0.31
CA GLU A 21 1.98 -8.96 -0.23
C GLU A 21 2.26 -8.07 0.98
N ILE A 22 1.20 -7.51 1.56
CA ILE A 22 1.33 -6.64 2.73
C ILE A 22 2.02 -7.38 3.88
N GLY A 23 2.14 -8.69 3.74
CA GLY A 23 2.77 -9.49 4.79
C GLY A 23 4.21 -9.09 5.07
N GLY A 24 4.84 -8.42 4.12
CA GLY A 24 6.22 -7.99 4.30
C GLY A 24 6.34 -6.58 4.83
N LEU A 25 5.19 -5.91 4.97
CA LEU A 25 5.17 -4.53 5.45
C LEU A 25 5.76 -4.41 6.86
N LYS A 26 5.79 -5.52 7.58
CA LYS A 26 6.33 -5.53 8.94
C LYS A 26 7.78 -5.04 8.96
N GLU A 27 8.43 -5.07 7.80
CA GLU A 27 9.83 -4.65 7.71
C GLU A 27 9.97 -3.15 7.42
N LEU A 28 9.58 -2.74 6.21
CA LEU A 28 9.70 -1.34 5.79
C LEU A 28 8.46 -0.51 6.14
N PHE A 29 7.35 -0.81 5.48
CA PHE A 29 6.08 -0.08 5.65
C PHE A 29 5.86 0.40 7.08
N LYS A 30 6.15 -0.45 8.07
CA LYS A 30 5.94 -0.08 9.47
C LYS A 30 6.86 1.07 9.87
N MET A 31 8.11 0.99 9.43
CA MET A 31 9.10 2.00 9.76
C MET A 31 8.73 3.36 9.16
N ILE A 32 7.97 3.34 8.06
CA ILE A 32 7.56 4.57 7.42
C ILE A 32 6.19 5.03 7.94
N ASP A 33 5.45 4.08 8.50
CA ASP A 33 4.14 4.38 9.05
C ASP A 33 4.26 4.88 10.48
N THR A 34 3.70 6.04 10.76
CA THR A 34 3.74 6.62 12.09
C THR A 34 3.08 5.71 13.11
N ASP A 35 2.34 4.72 12.62
CA ASP A 35 1.64 3.78 13.50
C ASP A 35 2.36 2.44 13.56
N ASN A 36 3.25 2.22 12.60
CA ASN A 36 4.03 0.98 12.55
C ASN A 36 3.12 -0.25 12.65
N SER A 37 1.84 -0.05 12.38
CA SER A 37 0.88 -1.16 12.44
C SER A 37 0.91 -1.92 11.13
N GLY A 38 1.47 -1.27 10.12
CA GLY A 38 1.56 -1.89 8.81
C GLY A 38 0.58 -1.27 7.82
N THR A 39 -0.12 -0.23 8.27
CA THR A 39 -1.09 0.46 7.44
C THR A 39 -0.90 1.96 7.59
N ILE A 40 -0.85 2.67 6.47
CA ILE A 40 -0.67 4.12 6.52
C ILE A 40 -1.98 4.83 6.22
N THR A 41 -2.26 5.90 6.97
CA THR A 41 -3.48 6.67 6.78
C THR A 41 -3.15 8.11 6.44
N PHE A 42 -4.04 8.76 5.68
CA PHE A 42 -3.86 10.15 5.29
C PHE A 42 -3.38 10.99 6.46
N ASP A 43 -3.99 10.78 7.63
CA ASP A 43 -3.61 11.51 8.84
C ASP A 43 -2.12 11.37 9.09
N GLU A 44 -1.62 10.15 8.89
CA GLU A 44 -0.20 9.85 9.09
C GLU A 44 0.59 10.07 7.80
N LEU A 45 -0.11 10.16 6.68
CA LEU A 45 0.53 10.36 5.39
C LEU A 45 1.34 11.65 5.39
N LYS A 46 0.65 12.77 5.54
CA LYS A 46 1.28 14.08 5.56
C LYS A 46 2.46 14.13 6.52
N ASP A 47 2.38 13.36 7.60
CA ASP A 47 3.46 13.33 8.60
C ASP A 47 4.83 13.14 7.96
N GLY A 48 4.84 12.70 6.71
CA GLY A 48 6.10 12.51 6.01
C GLY A 48 6.83 13.82 5.81
N LEU A 49 6.20 14.73 5.07
CA LEU A 49 6.76 16.03 4.81
C LEU A 49 6.33 17.02 5.89
N LYS A 50 5.33 16.63 6.66
CA LYS A 50 4.81 17.49 7.74
C LYS A 50 5.78 17.51 8.92
N ARG A 51 6.47 16.38 9.13
CA ARG A 51 7.44 16.27 10.22
C ARG A 51 8.38 17.46 10.27
N VAL A 52 8.76 17.97 9.10
CA VAL A 52 9.66 19.12 9.04
C VAL A 52 8.89 20.43 9.03
N GLY A 53 7.66 20.40 8.53
CA GLY A 53 6.84 21.61 8.50
C GLY A 53 7.46 22.72 7.67
N SER A 54 7.90 22.38 6.46
CA SER A 54 8.52 23.37 5.57
C SER A 54 7.47 24.12 4.77
N GLU A 55 7.23 23.65 3.55
CA GLU A 55 6.24 24.27 2.67
C GLU A 55 5.58 23.22 1.78
N LEU A 56 4.78 22.36 2.39
CA LEU A 56 4.09 21.30 1.66
C LEU A 56 2.72 21.78 1.20
N MET A 57 2.02 20.90 0.52
CA MET A 57 0.68 21.18 0.04
C MET A 57 -0.33 20.30 0.75
N GLU A 58 -0.98 20.82 1.77
CA GLU A 58 -1.97 20.07 2.51
C GLU A 58 -3.10 19.66 1.56
N SER A 59 -3.14 20.35 0.43
CA SER A 59 -4.15 20.10 -0.59
C SER A 59 -3.67 19.02 -1.57
N GLU A 60 -2.38 18.76 -1.59
CA GLU A 60 -1.82 17.76 -2.47
C GLU A 60 -1.80 16.40 -1.78
N ILE A 61 -1.47 16.42 -0.50
CA ILE A 61 -1.39 15.20 0.31
C ILE A 61 -2.74 14.48 0.35
N LYS A 62 -3.83 15.23 0.17
CA LYS A 62 -5.17 14.65 0.19
C LYS A 62 -5.43 13.84 -1.08
N ASP A 63 -5.03 14.40 -2.22
CA ASP A 63 -5.21 13.72 -3.50
C ASP A 63 -4.12 12.70 -3.69
N LEU A 64 -3.00 12.91 -3.01
CA LEU A 64 -1.86 12.00 -3.06
C LEU A 64 -2.19 10.72 -2.30
N MET A 65 -3.08 10.85 -1.32
CA MET A 65 -3.51 9.71 -0.52
C MET A 65 -4.60 8.93 -1.23
N ASP A 66 -5.51 9.65 -1.86
CA ASP A 66 -6.62 9.02 -2.59
C ASP A 66 -6.14 8.41 -3.90
N ALA A 67 -5.02 8.91 -4.40
CA ALA A 67 -4.45 8.41 -5.65
C ALA A 67 -4.05 6.94 -5.52
N ALA A 68 -3.19 6.65 -4.56
CA ALA A 68 -2.71 5.29 -4.34
C ALA A 68 -3.81 4.43 -3.72
N ASP A 69 -4.41 4.92 -2.64
CA ASP A 69 -5.48 4.19 -1.96
C ASP A 69 -6.81 4.41 -2.66
N ILE A 70 -7.21 3.41 -3.45
CA ILE A 70 -8.47 3.48 -4.19
C ILE A 70 -9.62 3.01 -3.31
N ASP A 71 -9.29 2.23 -2.29
CA ASP A 71 -10.28 1.70 -1.36
C ASP A 71 -11.08 2.84 -0.74
N LYS A 72 -10.48 4.03 -0.70
CA LYS A 72 -11.13 5.20 -0.11
C LYS A 72 -11.39 4.98 1.36
N SER A 73 -10.88 3.86 1.87
CA SER A 73 -11.05 3.51 3.27
C SER A 73 -10.22 4.41 4.17
N GLY A 74 -9.51 5.36 3.57
CA GLY A 74 -8.68 6.27 4.32
C GLY A 74 -7.37 5.65 4.72
N THR A 75 -7.25 4.34 4.51
CA THR A 75 -6.03 3.62 4.86
C THR A 75 -5.43 2.96 3.62
N ILE A 76 -4.16 3.22 3.38
CA ILE A 76 -3.46 2.66 2.23
C ILE A 76 -2.70 1.40 2.61
N ASP A 77 -2.84 0.37 1.78
CA ASP A 77 -2.16 -0.91 2.01
C ASP A 77 -1.19 -1.21 0.88
N TYR A 78 -0.27 -2.14 1.13
CA TYR A 78 0.73 -2.54 0.14
C TYR A 78 0.06 -3.13 -1.09
N GLY A 79 -1.07 -3.78 -0.88
CA GLY A 79 -1.80 -4.41 -1.98
C GLY A 79 -2.29 -3.43 -3.02
N GLU A 80 -2.87 -2.32 -2.59
CA GLU A 80 -3.39 -1.31 -3.52
C GLU A 80 -2.30 -0.33 -3.95
N PHE A 81 -1.50 0.11 -2.98
CA PHE A 81 -0.41 1.06 -3.25
C PHE A 81 0.37 0.66 -4.50
N ILE A 82 0.71 -0.62 -4.60
CA ILE A 82 1.47 -1.12 -5.74
C ILE A 82 0.58 -1.29 -6.98
N ALA A 83 -0.70 -1.57 -6.74
CA ALA A 83 -1.66 -1.76 -7.83
C ALA A 83 -1.79 -0.50 -8.68
N ALA A 84 -1.39 0.63 -8.12
CA ALA A 84 -1.45 1.91 -8.82
C ALA A 84 -0.52 1.92 -10.01
N THR A 85 -1.06 2.14 -11.20
CA THR A 85 -0.27 2.18 -12.42
C THR A 85 0.60 3.42 -12.46
N VAL A 86 1.70 3.36 -13.22
CA VAL A 86 2.62 4.47 -13.34
C VAL A 86 2.20 5.43 -14.45
N HIS A 87 1.16 5.03 -15.19
CA HIS A 87 0.64 5.85 -16.29
C HIS A 87 1.73 6.11 -17.33
N HIS A 1 4.34 32.00 -3.31
CA HIS A 1 3.07 31.71 -4.04
C HIS A 1 2.64 30.27 -3.80
N SER A 2 3.60 29.35 -3.79
CA SER A 2 3.31 27.94 -3.58
C SER A 2 3.10 27.64 -2.09
N SER A 3 2.01 28.17 -1.54
CA SER A 3 1.69 27.97 -0.13
C SER A 3 0.22 27.61 0.04
N GLY A 4 -0.38 27.06 -1.01
CA GLY A 4 -1.78 26.68 -0.96
C GLY A 4 -1.97 25.18 -0.78
N HIS A 5 -0.96 24.41 -1.19
CA HIS A 5 -1.02 22.96 -1.07
C HIS A 5 0.29 22.40 -0.54
N ILE A 6 1.35 23.20 -0.62
CA ILE A 6 2.66 22.77 -0.14
C ILE A 6 2.98 23.42 1.21
N ASP A 7 2.34 22.92 2.27
CA ASP A 7 2.55 23.43 3.62
C ASP A 7 2.67 22.30 4.62
N ASP A 8 1.53 21.86 5.15
CA ASP A 8 1.50 20.78 6.13
C ASP A 8 0.06 20.36 6.44
N ASP A 9 -0.52 19.54 5.58
CA ASP A 9 -1.89 19.08 5.77
C ASP A 9 -2.10 17.70 5.14
N ASP A 10 -2.31 17.67 3.83
CA ASP A 10 -2.53 16.42 3.12
C ASP A 10 -1.21 15.79 2.67
N LYS A 11 -0.25 16.64 2.33
CA LYS A 11 1.06 16.18 1.89
C LYS A 11 2.00 16.00 3.07
N HIS A 12 1.57 16.47 4.24
CA HIS A 12 2.38 16.35 5.45
C HIS A 12 2.34 14.92 5.99
N MET A 13 1.25 14.23 5.72
CA MET A 13 1.08 12.85 6.17
C MET A 13 2.09 11.94 5.49
N ALA A 14 2.61 12.39 4.35
CA ALA A 14 3.59 11.63 3.59
C ALA A 14 5.01 12.09 3.93
N GLU A 15 5.12 13.28 4.51
CA GLU A 15 6.43 13.82 4.87
C GLU A 15 6.83 13.39 6.29
N ARG A 16 5.83 13.02 7.09
CA ARG A 16 6.07 12.59 8.46
C ARG A 16 6.51 11.13 8.49
N LEU A 17 6.67 10.59 9.70
CA LEU A 17 7.09 9.21 9.87
C LEU A 17 5.90 8.26 9.65
N SER A 18 6.17 6.97 9.65
CA SER A 18 5.13 5.97 9.45
C SER A 18 5.01 5.05 10.66
N GLU A 19 4.23 5.48 11.65
CA GLU A 19 4.04 4.69 12.87
C GLU A 19 2.93 3.66 12.68
N GLU A 20 2.24 3.74 11.56
CA GLU A 20 1.16 2.81 11.26
C GLU A 20 1.70 1.41 10.95
N GLU A 21 2.51 1.31 9.91
CA GLU A 21 3.09 0.04 9.49
C GLU A 21 3.98 -0.55 10.59
N ILE A 22 5.13 0.08 10.81
CA ILE A 22 6.09 -0.39 11.81
C ILE A 22 5.49 -0.44 13.21
N GLY A 23 4.33 0.17 13.41
CA GLY A 23 3.73 0.18 14.73
C GLY A 23 2.98 -1.09 15.08
N GLY A 24 1.87 -1.36 14.39
CA GLY A 24 1.08 -2.54 14.69
C GLY A 24 1.35 -3.73 13.79
N LEU A 25 1.03 -3.58 12.50
CA LEU A 25 1.18 -4.66 11.53
C LEU A 25 2.65 -5.00 11.25
N LYS A 26 3.57 -4.20 11.78
CA LYS A 26 5.00 -4.43 11.57
C LYS A 26 5.38 -5.91 11.63
N GLU A 27 4.55 -6.71 12.29
CA GLU A 27 4.81 -8.15 12.42
C GLU A 27 4.31 -8.92 11.20
N LEU A 28 3.10 -8.61 10.78
CA LEU A 28 2.49 -9.29 9.64
C LEU A 28 2.81 -8.59 8.32
N PHE A 29 2.56 -7.29 8.27
CA PHE A 29 2.80 -6.49 7.05
C PHE A 29 4.13 -6.87 6.38
N LYS A 30 5.17 -7.03 7.18
CA LYS A 30 6.49 -7.38 6.65
C LYS A 30 6.50 -8.82 6.14
N MET A 31 5.83 -9.70 6.87
CA MET A 31 5.78 -11.11 6.52
C MET A 31 4.83 -11.36 5.34
N ILE A 32 3.96 -10.40 5.06
CA ILE A 32 3.03 -10.54 3.95
C ILE A 32 3.61 -9.93 2.68
N ASP A 33 4.52 -8.97 2.87
CA ASP A 33 5.18 -8.32 1.76
C ASP A 33 6.35 -9.17 1.27
N THR A 34 6.35 -9.48 -0.02
CA THR A 34 7.41 -10.29 -0.61
C THR A 34 8.77 -9.66 -0.37
N ASP A 35 8.77 -8.33 -0.31
CA ASP A 35 9.99 -7.57 -0.09
C ASP A 35 10.35 -7.55 1.39
N ASN A 36 9.35 -7.80 2.23
CA ASN A 36 9.57 -7.82 3.67
C ASN A 36 10.26 -6.54 4.12
N SER A 37 10.20 -5.50 3.30
CA SER A 37 10.83 -4.22 3.63
C SER A 37 9.90 -3.43 4.52
N GLY A 38 8.64 -3.84 4.53
CA GLY A 38 7.64 -3.16 5.34
C GLY A 38 6.72 -2.29 4.52
N THR A 39 6.71 -2.55 3.21
CA THR A 39 5.88 -1.79 2.28
C THR A 39 5.50 -2.70 1.11
N ILE A 40 4.22 -2.70 0.74
CA ILE A 40 3.76 -3.54 -0.35
C ILE A 40 3.49 -2.70 -1.60
N THR A 41 3.79 -3.27 -2.76
CA THR A 41 3.58 -2.58 -4.03
C THR A 41 2.92 -3.52 -5.04
N PHE A 42 2.14 -2.95 -5.94
CA PHE A 42 1.43 -3.69 -6.98
C PHE A 42 2.23 -4.90 -7.49
N ASP A 43 3.40 -4.63 -8.06
CA ASP A 43 4.24 -5.70 -8.59
C ASP A 43 4.46 -6.79 -7.54
N GLU A 44 4.60 -6.38 -6.29
CA GLU A 44 4.82 -7.30 -5.19
C GLU A 44 3.49 -7.80 -4.62
N LEU A 45 2.40 -7.09 -4.94
CA LEU A 45 1.08 -7.46 -4.47
C LEU A 45 0.63 -8.77 -5.09
N LYS A 46 0.51 -8.76 -6.41
CA LYS A 46 0.08 -9.93 -7.17
C LYS A 46 0.96 -11.13 -6.86
N ASP A 47 2.24 -10.87 -6.60
CA ASP A 47 3.21 -11.92 -6.30
C ASP A 47 2.66 -12.93 -5.28
N GLY A 48 1.58 -12.57 -4.60
CA GLY A 48 1.00 -13.48 -3.63
C GLY A 48 0.36 -14.68 -4.29
N LEU A 49 -0.67 -14.44 -5.08
CA LEU A 49 -1.37 -15.50 -5.79
C LEU A 49 -0.77 -15.71 -7.19
N LYS A 50 0.05 -14.75 -7.62
CA LYS A 50 0.67 -14.81 -8.93
C LYS A 50 1.98 -15.59 -8.93
N ARG A 51 2.53 -15.84 -7.75
CA ARG A 51 3.79 -16.58 -7.65
C ARG A 51 3.56 -18.04 -7.99
N VAL A 52 2.29 -18.44 -8.06
CA VAL A 52 1.93 -19.80 -8.39
C VAL A 52 1.90 -20.02 -9.89
N GLY A 53 1.61 -18.96 -10.63
CA GLY A 53 1.57 -19.05 -12.09
C GLY A 53 0.49 -19.99 -12.59
N SER A 54 -0.73 -19.85 -12.08
CA SER A 54 -1.83 -20.71 -12.49
C SER A 54 -2.42 -20.22 -13.81
N GLU A 55 -3.62 -19.64 -13.76
CA GLU A 55 -4.28 -19.13 -14.95
C GLU A 55 -5.03 -17.85 -14.61
N LEU A 56 -4.49 -17.11 -13.64
CA LEU A 56 -5.10 -15.87 -13.20
C LEU A 56 -4.72 -14.71 -14.12
N MET A 57 -5.42 -13.60 -13.93
CA MET A 57 -5.18 -12.40 -14.72
C MET A 57 -4.84 -11.22 -13.82
N GLU A 58 -3.66 -10.67 -14.00
CA GLU A 58 -3.19 -9.53 -13.22
C GLU A 58 -4.15 -8.34 -13.38
N SER A 59 -5.09 -8.48 -14.31
CA SER A 59 -6.08 -7.43 -14.57
C SER A 59 -6.94 -7.21 -13.34
N GLU A 60 -6.95 -8.21 -12.47
CA GLU A 60 -7.71 -8.14 -11.24
C GLU A 60 -6.90 -7.43 -10.17
N ILE A 61 -5.61 -7.78 -10.10
CA ILE A 61 -4.69 -7.18 -9.14
C ILE A 61 -4.73 -5.65 -9.22
N LYS A 62 -5.24 -5.13 -10.33
CA LYS A 62 -5.34 -3.68 -10.51
C LYS A 62 -6.46 -3.14 -9.64
N ASP A 63 -7.68 -3.56 -9.95
CA ASP A 63 -8.83 -3.13 -9.17
C ASP A 63 -8.62 -3.57 -7.72
N LEU A 64 -7.68 -4.50 -7.55
CA LEU A 64 -7.35 -5.02 -6.23
C LEU A 64 -6.31 -4.14 -5.53
N MET A 65 -5.35 -3.62 -6.30
CA MET A 65 -4.31 -2.76 -5.75
C MET A 65 -4.74 -1.29 -5.74
N ASP A 66 -5.07 -0.78 -6.92
CA ASP A 66 -5.49 0.61 -7.06
C ASP A 66 -6.53 1.01 -6.01
N ALA A 67 -7.50 0.14 -5.78
CA ALA A 67 -8.56 0.40 -4.81
C ALA A 67 -8.08 0.16 -3.38
N ALA A 68 -7.03 -0.64 -3.25
CA ALA A 68 -6.47 -0.96 -1.93
C ALA A 68 -5.76 0.24 -1.31
N ASP A 69 -5.12 1.05 -2.15
CA ASP A 69 -4.40 2.22 -1.67
C ASP A 69 -5.05 3.51 -2.17
N ILE A 70 -5.33 4.42 -1.25
CA ILE A 70 -5.96 5.69 -1.56
C ILE A 70 -4.94 6.73 -2.03
N ASP A 71 -3.69 6.60 -1.58
CA ASP A 71 -2.64 7.54 -1.95
C ASP A 71 -2.22 7.38 -3.42
N LYS A 72 -2.86 6.43 -4.12
CA LYS A 72 -2.57 6.16 -5.52
C LYS A 72 -1.09 6.37 -5.83
N SER A 73 -0.25 5.99 -4.87
CA SER A 73 1.19 6.13 -5.01
C SER A 73 1.79 4.85 -5.59
N GLY A 74 0.93 3.85 -5.81
CA GLY A 74 1.40 2.58 -6.34
C GLY A 74 1.91 1.67 -5.26
N THR A 75 2.06 2.22 -4.06
CA THR A 75 2.53 1.45 -2.91
C THR A 75 1.51 1.53 -1.78
N ILE A 76 1.11 0.38 -1.27
CA ILE A 76 0.13 0.34 -0.19
C ILE A 76 0.80 0.18 1.17
N ASP A 77 0.30 0.93 2.14
CA ASP A 77 0.82 0.89 3.50
C ASP A 77 -0.29 0.46 4.47
N TYR A 78 0.06 0.33 5.74
CA TYR A 78 -0.90 -0.07 6.77
C TYR A 78 -2.08 0.89 6.80
N GLY A 79 -1.83 2.16 6.49
CA GLY A 79 -2.88 3.15 6.51
C GLY A 79 -3.98 2.89 5.49
N GLU A 80 -3.60 2.46 4.29
CA GLU A 80 -4.57 2.18 3.24
C GLU A 80 -5.13 0.76 3.37
N PHE A 81 -4.27 -0.16 3.79
CA PHE A 81 -4.65 -1.55 3.96
C PHE A 81 -5.91 -1.68 4.83
N ILE A 82 -5.93 -0.94 5.93
CA ILE A 82 -7.06 -0.97 6.85
C ILE A 82 -8.23 -0.11 6.35
N ALA A 83 -7.89 1.00 5.70
CA ALA A 83 -8.90 1.91 5.17
C ALA A 83 -9.72 1.25 4.07
N ALA A 84 -9.21 0.15 3.52
CA ALA A 84 -9.90 -0.58 2.46
C ALA A 84 -11.28 -1.02 2.92
N THR A 85 -12.25 -0.92 2.02
CA THR A 85 -13.62 -1.31 2.33
C THR A 85 -13.86 -2.79 2.02
N VAL A 86 -14.79 -3.40 2.74
CA VAL A 86 -15.10 -4.81 2.56
C VAL A 86 -16.56 -5.09 2.89
N HIS A 87 -17.19 -4.17 3.63
CA HIS A 87 -18.58 -4.32 4.02
C HIS A 87 -19.48 -4.45 2.80
N HIS A 1 10.67 20.31 -0.44
CA HIS A 1 9.78 21.51 -0.33
C HIS A 1 8.40 21.12 0.19
N SER A 2 8.14 19.82 0.22
CA SER A 2 6.85 19.31 0.68
C SER A 2 7.03 18.32 1.83
N SER A 3 7.04 18.83 3.06
CA SER A 3 7.22 17.99 4.23
C SER A 3 5.91 17.89 5.01
N GLY A 4 4.84 18.45 4.44
CA GLY A 4 3.54 18.40 5.10
C GLY A 4 3.26 19.65 5.90
N HIS A 5 2.37 20.49 5.39
CA HIS A 5 2.00 21.72 6.06
C HIS A 5 0.79 22.38 5.41
N ILE A 6 0.04 23.13 6.20
CA ILE A 6 -1.12 23.83 5.72
C ILE A 6 -0.79 25.31 5.50
N ASP A 7 -1.79 26.09 5.14
CA ASP A 7 -1.62 27.52 4.91
C ASP A 7 -0.58 28.11 5.86
N ASP A 8 -0.68 27.74 7.13
CA ASP A 8 0.26 28.21 8.15
C ASP A 8 1.43 27.24 8.26
N ASP A 9 1.45 26.44 9.34
CA ASP A 9 2.51 25.47 9.56
C ASP A 9 2.23 24.63 10.80
N ASP A 10 1.53 25.21 11.77
CA ASP A 10 1.23 24.53 13.01
C ASP A 10 -0.19 23.93 13.01
N LYS A 11 -1.01 24.33 12.05
CA LYS A 11 -2.37 23.83 11.96
C LYS A 11 -2.38 22.40 11.42
N HIS A 12 -1.34 22.06 10.67
CA HIS A 12 -1.22 20.72 10.10
C HIS A 12 -0.47 19.79 11.04
N MET A 13 0.33 20.37 11.92
CA MET A 13 1.11 19.59 12.88
C MET A 13 0.21 18.71 13.75
N ALA A 14 -1.03 19.14 13.91
CA ALA A 14 -2.00 18.40 14.71
C ALA A 14 -2.26 17.03 14.09
N GLU A 15 -2.11 16.95 12.77
CA GLU A 15 -2.32 15.70 12.05
C GLU A 15 -1.19 15.45 11.05
N ARG A 16 0.02 15.84 11.44
CA ARG A 16 1.19 15.66 10.59
C ARG A 16 1.58 14.19 10.46
N LEU A 17 1.02 13.35 11.34
CA LEU A 17 1.31 11.92 11.32
C LEU A 17 0.91 11.33 9.96
N SER A 18 1.81 10.56 9.37
CA SER A 18 1.56 9.95 8.06
C SER A 18 1.62 8.43 8.13
N GLU A 19 0.46 7.81 8.39
CA GLU A 19 0.37 6.36 8.48
C GLU A 19 0.15 5.75 7.10
N GLU A 20 -0.09 6.61 6.11
CA GLU A 20 -0.34 6.18 4.74
C GLU A 20 0.93 5.60 4.10
N GLU A 21 2.09 5.91 4.69
CA GLU A 21 3.35 5.44 4.15
C GLU A 21 4.11 4.57 5.15
N ILE A 22 4.62 5.19 6.20
CA ILE A 22 5.37 4.49 7.23
C ILE A 22 4.46 3.67 8.15
N GLY A 23 3.16 3.93 8.07
CA GLY A 23 2.23 3.20 8.92
C GLY A 23 1.61 1.99 8.24
N GLY A 24 1.94 1.79 6.97
CA GLY A 24 1.40 0.66 6.23
C GLY A 24 2.33 -0.54 6.21
N LEU A 25 3.56 -0.32 5.74
CA LEU A 25 4.55 -1.38 5.64
C LEU A 25 4.83 -2.03 7.00
N LYS A 26 4.33 -1.41 8.06
CA LYS A 26 4.56 -1.92 9.41
C LYS A 26 3.74 -3.18 9.70
N GLU A 27 2.42 -3.03 9.76
CA GLU A 27 1.55 -4.17 10.05
C GLU A 27 1.10 -4.92 8.80
N LEU A 28 0.29 -4.25 7.99
CA LEU A 28 -0.26 -4.84 6.77
C LEU A 28 0.79 -5.58 5.93
N PHE A 29 1.81 -4.87 5.48
CA PHE A 29 2.85 -5.47 4.64
C PHE A 29 3.59 -6.59 5.35
N LYS A 30 4.27 -6.27 6.44
CA LYS A 30 5.03 -7.27 7.18
C LYS A 30 4.21 -8.54 7.38
N MET A 31 2.89 -8.41 7.38
CA MET A 31 2.00 -9.55 7.55
C MET A 31 1.65 -10.18 6.20
N ILE A 32 1.50 -9.35 5.17
CA ILE A 32 1.18 -9.83 3.83
C ILE A 32 2.43 -10.04 3.00
N ASP A 33 3.12 -8.94 2.72
CA ASP A 33 4.35 -8.97 1.94
C ASP A 33 5.25 -10.11 2.40
N THR A 34 5.41 -11.12 1.56
CA THR A 34 6.25 -12.27 1.88
C THR A 34 7.69 -11.79 2.05
N ASP A 35 7.94 -10.54 1.68
CA ASP A 35 9.26 -9.94 1.77
C ASP A 35 9.39 -9.09 3.03
N ASN A 36 8.26 -8.61 3.55
CA ASN A 36 8.30 -7.77 4.74
C ASN A 36 9.27 -6.61 4.51
N SER A 37 9.56 -6.33 3.24
CA SER A 37 10.47 -5.25 2.90
C SER A 37 9.73 -3.93 2.93
N GLY A 38 8.41 -4.05 2.97
CA GLY A 38 7.57 -2.87 3.01
C GLY A 38 6.91 -2.60 1.68
N THR A 39 7.02 -3.56 0.77
CA THR A 39 6.44 -3.44 -0.55
C THR A 39 5.87 -4.78 -1.00
N ILE A 40 4.63 -4.78 -1.48
CA ILE A 40 4.00 -6.01 -1.93
C ILE A 40 3.95 -6.07 -3.45
N THR A 41 4.54 -7.11 -4.02
CA THR A 41 4.55 -7.29 -5.46
C THR A 41 3.71 -8.51 -5.84
N PHE A 42 2.90 -8.35 -6.88
CA PHE A 42 2.03 -9.41 -7.37
C PHE A 42 2.67 -10.80 -7.23
N ASP A 43 3.91 -10.92 -7.69
CA ASP A 43 4.63 -12.19 -7.60
C ASP A 43 4.52 -12.76 -6.19
N GLU A 44 4.70 -11.89 -5.21
CA GLU A 44 4.61 -12.26 -3.80
C GLU A 44 3.16 -12.29 -3.34
N LEU A 45 2.36 -11.37 -3.89
CA LEU A 45 0.95 -11.26 -3.54
C LEU A 45 0.26 -12.62 -3.61
N LYS A 46 0.38 -13.27 -4.77
CA LYS A 46 -0.22 -14.59 -4.98
C LYS A 46 0.14 -15.55 -3.87
N ASP A 47 1.42 -15.60 -3.52
CA ASP A 47 1.91 -16.48 -2.47
C ASP A 47 1.09 -16.35 -1.19
N GLY A 48 0.34 -15.26 -1.09
CA GLY A 48 -0.49 -15.03 0.08
C GLY A 48 -1.65 -15.99 0.13
N LEU A 49 -2.43 -16.03 -0.94
CA LEU A 49 -3.56 -16.93 -1.04
C LEU A 49 -3.11 -18.25 -1.64
N LYS A 50 -1.91 -18.25 -2.21
CA LYS A 50 -1.36 -19.45 -2.83
C LYS A 50 -0.63 -20.30 -1.79
N ARG A 51 -0.25 -19.68 -0.68
CA ARG A 51 0.45 -20.37 0.40
C ARG A 51 -0.22 -21.71 0.71
N VAL A 52 -1.55 -21.75 0.56
CA VAL A 52 -2.30 -22.96 0.82
C VAL A 52 -2.75 -23.62 -0.48
N GLY A 53 -2.94 -22.81 -1.52
CA GLY A 53 -3.36 -23.33 -2.81
C GLY A 53 -4.66 -24.12 -2.73
N SER A 54 -5.65 -23.56 -2.06
CA SER A 54 -6.94 -24.21 -1.91
C SER A 54 -7.71 -24.21 -3.23
N GLU A 55 -8.41 -23.11 -3.50
CA GLU A 55 -9.19 -22.98 -4.72
C GLU A 55 -9.19 -21.52 -5.20
N LEU A 56 -8.17 -20.79 -4.79
CA LEU A 56 -8.04 -19.38 -5.17
C LEU A 56 -8.04 -19.21 -6.67
N MET A 57 -8.26 -17.97 -7.10
CA MET A 57 -8.26 -17.63 -8.50
C MET A 57 -7.29 -16.48 -8.76
N GLU A 58 -6.34 -16.73 -9.65
CA GLU A 58 -5.32 -15.74 -10.01
C GLU A 58 -5.97 -14.42 -10.43
N SER A 59 -7.28 -14.43 -10.59
CA SER A 59 -8.01 -13.24 -11.01
C SER A 59 -8.17 -12.24 -9.86
N GLU A 60 -8.47 -12.77 -8.68
CA GLU A 60 -8.64 -11.94 -7.50
C GLU A 60 -7.30 -11.41 -7.00
N ILE A 61 -6.22 -12.03 -7.46
CA ILE A 61 -4.88 -11.62 -7.06
C ILE A 61 -4.36 -10.48 -7.94
N LYS A 62 -4.50 -10.64 -9.26
CA LYS A 62 -4.05 -9.62 -10.20
C LYS A 62 -4.97 -8.42 -10.18
N ASP A 63 -6.25 -8.65 -9.90
CA ASP A 63 -7.23 -7.57 -9.84
C ASP A 63 -7.10 -6.86 -8.50
N LEU A 64 -6.48 -7.53 -7.55
CA LEU A 64 -6.28 -6.97 -6.22
C LEU A 64 -5.01 -6.14 -6.19
N MET A 65 -4.04 -6.52 -7.02
CA MET A 65 -2.76 -5.82 -7.09
C MET A 65 -2.81 -4.69 -8.11
N ASP A 66 -2.99 -5.06 -9.38
CA ASP A 66 -3.03 -4.09 -10.48
C ASP A 66 -4.08 -3.00 -10.24
N ALA A 67 -5.34 -3.40 -10.16
CA ALA A 67 -6.45 -2.46 -9.96
C ALA A 67 -6.29 -1.65 -8.67
N ALA A 68 -5.31 -2.00 -7.85
CA ALA A 68 -5.08 -1.30 -6.59
C ALA A 68 -3.86 -0.39 -6.66
N ASP A 69 -2.96 -0.67 -7.60
CA ASP A 69 -1.75 0.14 -7.75
C ASP A 69 -1.82 0.95 -9.04
N ILE A 70 -1.53 2.24 -8.93
CA ILE A 70 -1.58 3.13 -10.07
C ILE A 70 -0.29 3.12 -10.87
N ASP A 71 0.82 2.83 -10.19
CA ASP A 71 2.12 2.79 -10.85
C ASP A 71 2.11 1.80 -12.01
N LYS A 72 1.22 0.81 -11.94
CA LYS A 72 1.12 -0.21 -12.97
C LYS A 72 2.46 -0.90 -13.14
N SER A 73 3.32 -0.71 -12.14
CA SER A 73 4.66 -1.29 -12.14
C SER A 73 4.63 -2.76 -11.75
N GLY A 74 3.45 -3.25 -11.35
CA GLY A 74 3.32 -4.63 -10.95
C GLY A 74 3.36 -4.79 -9.44
N THR A 75 3.78 -3.75 -8.75
CA THR A 75 3.87 -3.75 -7.30
C THR A 75 2.92 -2.70 -6.72
N ILE A 76 2.85 -2.62 -5.40
CA ILE A 76 1.98 -1.64 -4.76
C ILE A 76 2.42 -1.33 -3.33
N ASP A 77 2.22 -0.07 -2.95
CA ASP A 77 2.56 0.39 -1.60
C ASP A 77 1.31 0.94 -0.90
N TYR A 78 1.43 1.17 0.41
CA TYR A 78 0.30 1.68 1.19
C TYR A 78 -0.12 3.08 0.74
N GLY A 79 0.88 3.91 0.45
CA GLY A 79 0.62 5.27 0.03
C GLY A 79 0.11 5.37 -1.39
N GLU A 80 0.25 4.27 -2.13
CA GLU A 80 -0.18 4.24 -3.52
C GLU A 80 -1.69 4.04 -3.61
N PHE A 81 -2.17 2.99 -2.98
CA PHE A 81 -3.59 2.66 -2.97
C PHE A 81 -4.43 3.87 -2.55
N ILE A 82 -3.90 4.66 -1.62
CA ILE A 82 -4.60 5.85 -1.14
C ILE A 82 -4.28 7.07 -2.01
N ALA A 83 -3.16 7.04 -2.70
CA ALA A 83 -2.75 8.15 -3.57
C ALA A 83 -3.84 8.51 -4.55
N ALA A 84 -4.69 7.54 -4.90
CA ALA A 84 -5.78 7.77 -5.83
C ALA A 84 -6.90 8.57 -5.19
N THR A 85 -6.82 9.89 -5.28
CA THR A 85 -7.83 10.77 -4.69
C THR A 85 -7.75 12.17 -5.31
N VAL A 86 -8.87 12.88 -5.25
CA VAL A 86 -8.94 14.24 -5.80
C VAL A 86 -10.25 14.91 -5.42
N HIS A 87 -10.22 16.23 -5.27
CA HIS A 87 -11.40 16.99 -4.92
C HIS A 87 -12.28 17.21 -6.14
N HIS A 1 -0.90 -34.54 -12.33
CA HIS A 1 0.48 -34.34 -11.83
C HIS A 1 0.48 -33.65 -10.47
N SER A 2 -0.26 -32.56 -10.37
CA SER A 2 -0.35 -31.81 -9.11
C SER A 2 -1.00 -32.65 -8.02
N SER A 3 -0.77 -32.26 -6.76
CA SER A 3 -1.34 -32.98 -5.64
C SER A 3 -2.66 -32.36 -5.21
N GLY A 4 -3.08 -31.32 -5.91
CA GLY A 4 -4.33 -30.65 -5.59
C GLY A 4 -4.13 -29.48 -4.66
N HIS A 5 -2.91 -29.30 -4.17
CA HIS A 5 -2.58 -28.21 -3.27
C HIS A 5 -1.27 -27.56 -3.68
N ILE A 6 -1.06 -27.44 -4.99
CA ILE A 6 0.15 -26.82 -5.53
C ILE A 6 -0.06 -25.33 -5.74
N ASP A 7 0.60 -24.52 -4.93
CA ASP A 7 0.49 -23.07 -5.02
C ASP A 7 1.38 -22.52 -6.15
N ASP A 8 1.46 -23.25 -7.24
CA ASP A 8 2.26 -22.83 -8.39
C ASP A 8 1.47 -22.97 -9.69
N ASP A 9 0.15 -22.95 -9.59
CA ASP A 9 -0.71 -23.07 -10.76
C ASP A 9 -2.12 -22.55 -10.49
N ASP A 10 -2.99 -23.43 -10.01
CA ASP A 10 -4.37 -23.06 -9.72
C ASP A 10 -4.51 -22.46 -8.33
N LYS A 11 -3.58 -22.81 -7.45
CA LYS A 11 -3.59 -22.31 -6.08
C LYS A 11 -2.83 -21.00 -5.98
N HIS A 12 -2.12 -20.65 -7.05
CA HIS A 12 -1.35 -19.41 -7.08
C HIS A 12 -2.24 -18.22 -7.42
N MET A 13 -3.19 -18.43 -8.33
CA MET A 13 -4.11 -17.37 -8.75
C MET A 13 -4.95 -16.89 -7.57
N ALA A 14 -4.90 -17.62 -6.47
CA ALA A 14 -5.67 -17.27 -5.27
C ALA A 14 -5.21 -15.93 -4.69
N GLU A 15 -3.90 -15.72 -4.67
CA GLU A 15 -3.34 -14.48 -4.12
C GLU A 15 -2.73 -13.60 -5.21
N ARG A 16 -2.88 -14.01 -6.47
CA ARG A 16 -2.34 -13.23 -7.59
C ARG A 16 -2.99 -11.85 -7.66
N LEU A 17 -4.28 -11.79 -7.34
CA LEU A 17 -5.02 -10.53 -7.37
C LEU A 17 -4.43 -9.54 -6.35
N SER A 18 -4.30 -8.29 -6.77
CA SER A 18 -3.77 -7.24 -5.90
C SER A 18 -4.62 -5.99 -5.95
N GLU A 19 -5.35 -5.73 -4.88
CA GLU A 19 -6.22 -4.55 -4.80
C GLU A 19 -5.39 -3.26 -4.90
N GLU A 20 -4.07 -3.41 -4.89
CA GLU A 20 -3.16 -2.27 -4.97
C GLU A 20 -3.65 -1.23 -5.97
N GLU A 21 -4.10 -1.67 -7.13
CA GLU A 21 -4.59 -0.76 -8.16
C GLU A 21 -5.94 -1.23 -8.70
N ILE A 22 -6.72 -1.88 -7.87
CA ILE A 22 -8.04 -2.38 -8.28
C ILE A 22 -9.17 -1.42 -7.91
N GLY A 23 -9.32 -1.13 -6.62
CA GLY A 23 -10.40 -0.26 -6.19
C GLY A 23 -9.99 1.20 -6.02
N GLY A 24 -9.12 1.46 -5.04
CA GLY A 24 -8.70 2.82 -4.77
C GLY A 24 -8.01 3.50 -5.94
N LEU A 25 -7.31 2.72 -6.75
CA LEU A 25 -6.57 3.26 -7.90
C LEU A 25 -7.34 4.33 -8.66
N LYS A 26 -8.66 4.32 -8.56
CA LYS A 26 -9.48 5.29 -9.28
C LYS A 26 -9.76 6.56 -8.49
N GLU A 27 -10.55 6.45 -7.42
CA GLU A 27 -10.92 7.61 -6.63
C GLU A 27 -9.95 7.92 -5.48
N LEU A 28 -9.91 7.04 -4.48
CA LEU A 28 -9.08 7.24 -3.30
C LEU A 28 -7.59 7.34 -3.63
N PHE A 29 -7.02 6.24 -4.10
CA PHE A 29 -5.59 6.18 -4.41
C PHE A 29 -5.10 7.43 -5.15
N LYS A 30 -5.83 7.86 -6.16
CA LYS A 30 -5.45 9.03 -6.94
C LYS A 30 -5.60 10.34 -6.15
N MET A 31 -6.54 10.37 -5.21
CA MET A 31 -6.78 11.56 -4.41
C MET A 31 -5.93 11.59 -3.14
N ILE A 32 -5.35 10.46 -2.79
CA ILE A 32 -4.53 10.37 -1.58
C ILE A 32 -3.07 10.64 -1.87
N ASP A 33 -2.63 10.35 -3.09
CA ASP A 33 -1.25 10.57 -3.49
C ASP A 33 -1.08 11.96 -4.05
N THR A 34 -0.15 12.72 -3.48
CA THR A 34 0.12 14.08 -3.93
C THR A 34 0.66 14.06 -5.35
N ASP A 35 1.08 12.89 -5.79
CA ASP A 35 1.62 12.73 -7.13
C ASP A 35 0.61 12.14 -8.10
N ASN A 36 -0.43 11.49 -7.57
CA ASN A 36 -1.44 10.91 -8.43
C ASN A 36 -0.77 10.06 -9.52
N SER A 37 0.47 9.63 -9.25
CA SER A 37 1.21 8.82 -10.21
C SER A 37 0.83 7.37 -10.03
N GLY A 38 0.20 7.09 -8.90
CA GLY A 38 -0.23 5.73 -8.62
C GLY A 38 0.67 5.07 -7.60
N THR A 39 1.32 5.89 -6.78
CA THR A 39 2.22 5.41 -5.75
C THR A 39 2.46 6.49 -4.71
N ILE A 40 2.36 6.11 -3.43
CA ILE A 40 2.58 7.07 -2.36
C ILE A 40 3.93 6.86 -1.69
N THR A 41 4.50 7.94 -1.17
CA THR A 41 5.78 7.89 -0.48
C THR A 41 5.69 8.67 0.83
N PHE A 42 6.66 8.48 1.71
CA PHE A 42 6.69 9.17 2.99
C PHE A 42 6.71 10.69 2.82
N ASP A 43 7.68 11.18 2.03
CA ASP A 43 7.78 12.62 1.79
C ASP A 43 6.47 13.13 1.23
N GLU A 44 5.77 12.26 0.52
CA GLU A 44 4.48 12.59 -0.08
C GLU A 44 3.37 12.28 0.92
N LEU A 45 3.67 11.38 1.84
CA LEU A 45 2.74 10.95 2.86
C LEU A 45 2.41 12.09 3.82
N LYS A 46 3.43 12.53 4.55
CA LYS A 46 3.28 13.61 5.52
C LYS A 46 2.71 14.86 4.87
N ASP A 47 3.12 15.14 3.64
CA ASP A 47 2.65 16.31 2.91
C ASP A 47 1.17 16.18 2.59
N GLY A 48 0.66 14.96 2.70
CA GLY A 48 -0.74 14.70 2.44
C GLY A 48 -1.57 14.87 3.69
N LEU A 49 -1.02 14.37 4.80
CA LEU A 49 -1.68 14.49 6.09
C LEU A 49 -1.48 15.90 6.60
N LYS A 50 -0.48 16.58 6.06
CA LYS A 50 -0.17 17.95 6.42
C LYS A 50 -1.03 18.91 5.61
N ARG A 51 -1.26 18.56 4.34
CA ARG A 51 -2.06 19.38 3.45
C ARG A 51 -3.39 19.76 4.10
N VAL A 52 -3.90 18.87 4.96
CA VAL A 52 -5.17 19.11 5.65
C VAL A 52 -4.93 19.85 6.96
N GLY A 53 -3.78 19.61 7.58
CA GLY A 53 -3.46 20.26 8.83
C GLY A 53 -4.34 19.82 9.98
N SER A 54 -4.49 18.52 10.15
CA SER A 54 -5.32 17.97 11.23
C SER A 54 -4.78 18.41 12.59
N GLU A 55 -4.07 17.51 13.27
CA GLU A 55 -3.52 17.81 14.59
C GLU A 55 -2.66 16.65 15.09
N LEU A 56 -1.85 16.09 14.20
CA LEU A 56 -0.99 14.97 14.56
C LEU A 56 0.47 15.37 14.54
N MET A 57 1.32 14.41 14.88
CA MET A 57 2.76 14.64 14.88
C MET A 57 3.38 13.90 13.71
N GLU A 58 4.13 14.63 12.88
CA GLU A 58 4.78 14.05 11.70
C GLU A 58 5.58 12.81 12.06
N SER A 59 5.73 12.57 13.34
CA SER A 59 6.47 11.42 13.85
C SER A 59 5.75 10.12 13.54
N GLU A 60 4.44 10.08 13.76
CA GLU A 60 3.66 8.90 13.49
C GLU A 60 3.59 8.64 11.99
N ILE A 61 3.85 9.67 11.22
CA ILE A 61 3.82 9.57 9.76
C ILE A 61 4.98 8.72 9.23
N LYS A 62 6.15 8.84 9.86
CA LYS A 62 7.31 8.07 9.43
C LYS A 62 7.15 6.60 9.84
N ASP A 63 6.55 6.36 11.01
CA ASP A 63 6.33 5.01 11.48
C ASP A 63 5.13 4.40 10.78
N LEU A 64 4.25 5.27 10.29
CA LEU A 64 3.04 4.84 9.59
C LEU A 64 3.37 4.36 8.18
N MET A 65 4.43 4.93 7.60
CA MET A 65 4.86 4.58 6.25
C MET A 65 5.71 3.31 6.26
N ASP A 66 6.66 3.25 7.20
CA ASP A 66 7.55 2.09 7.31
C ASP A 66 6.77 0.83 7.66
N ALA A 67 5.97 0.89 8.71
CA ALA A 67 5.18 -0.26 9.15
C ALA A 67 4.08 -0.60 8.17
N ALA A 68 3.89 0.25 7.15
CA ALA A 68 2.87 0.02 6.15
C ALA A 68 3.43 -0.69 4.92
N ASP A 69 4.55 -0.18 4.41
CA ASP A 69 5.18 -0.77 3.24
C ASP A 69 6.27 -1.76 3.65
N ILE A 70 6.09 -3.00 3.25
CA ILE A 70 7.04 -4.07 3.56
C ILE A 70 8.18 -4.06 2.56
N ASP A 71 7.94 -3.46 1.40
CA ASP A 71 8.95 -3.37 0.36
C ASP A 71 10.14 -2.54 0.83
N LYS A 72 9.95 -1.85 1.95
CA LYS A 72 11.01 -1.02 2.52
C LYS A 72 11.67 -0.15 1.45
N SER A 73 10.91 0.16 0.41
CA SER A 73 11.41 0.97 -0.69
C SER A 73 11.09 2.44 -0.49
N GLY A 74 10.40 2.75 0.61
CA GLY A 74 10.03 4.12 0.90
C GLY A 74 8.69 4.51 0.31
N THR A 75 8.22 3.70 -0.64
CA THR A 75 6.93 3.96 -1.28
C THR A 75 5.90 2.92 -0.88
N ILE A 76 4.75 3.39 -0.41
CA ILE A 76 3.67 2.50 0.02
C ILE A 76 2.62 2.33 -1.07
N ASP A 77 2.13 1.11 -1.21
CA ASP A 77 1.10 0.79 -2.20
C ASP A 77 -0.07 0.07 -1.54
N TYR A 78 -1.25 0.20 -2.13
CA TYR A 78 -2.46 -0.44 -1.60
C TYR A 78 -2.31 -1.96 -1.55
N GLY A 79 -1.31 -2.48 -2.24
CA GLY A 79 -1.10 -3.92 -2.27
C GLY A 79 -0.22 -4.41 -1.14
N GLU A 80 0.82 -3.66 -0.83
CA GLU A 80 1.75 -4.03 0.23
C GLU A 80 1.28 -3.48 1.57
N PHE A 81 0.44 -2.45 1.53
CA PHE A 81 -0.09 -1.84 2.73
C PHE A 81 -0.88 -2.85 3.56
N ILE A 82 -1.88 -3.45 2.92
CA ILE A 82 -2.72 -4.45 3.60
C ILE A 82 -1.99 -5.78 3.74
N ALA A 83 -0.94 -5.97 2.93
CA ALA A 83 -0.15 -7.19 2.97
C ALA A 83 0.33 -7.50 4.38
N ALA A 84 0.53 -6.45 5.17
CA ALA A 84 0.97 -6.59 6.55
C ALA A 84 0.02 -5.90 7.52
N THR A 85 -1.17 -6.47 7.68
CA THR A 85 -2.17 -5.89 8.57
C THR A 85 -2.90 -6.99 9.35
N VAL A 86 -3.00 -8.18 8.74
CA VAL A 86 -3.66 -9.31 9.37
C VAL A 86 -3.02 -9.65 10.71
N HIS A 87 -3.84 -10.05 11.68
CA HIS A 87 -3.35 -10.40 13.01
C HIS A 87 -3.38 -11.91 13.21
N HIS A 1 6.89 20.68 20.38
CA HIS A 1 8.28 20.18 20.45
C HIS A 1 8.70 19.50 19.14
N SER A 2 8.41 20.16 18.03
CA SER A 2 8.74 19.64 16.71
C SER A 2 9.12 20.76 15.75
N SER A 3 10.09 20.49 14.88
CA SER A 3 10.54 21.48 13.91
C SER A 3 10.03 21.14 12.51
N GLY A 4 9.83 19.86 12.26
CA GLY A 4 9.34 19.42 10.96
C GLY A 4 8.99 17.95 10.93
N HIS A 5 8.27 17.50 11.95
CA HIS A 5 7.87 16.10 12.05
C HIS A 5 6.36 15.99 12.24
N ILE A 6 5.90 14.77 12.55
CA ILE A 6 4.49 14.52 12.77
C ILE A 6 3.96 15.38 13.92
N ASP A 7 3.16 16.38 13.57
CA ASP A 7 2.59 17.28 14.57
C ASP A 7 1.14 17.63 14.24
N ASP A 8 0.97 18.47 13.23
CA ASP A 8 -0.37 18.88 12.81
C ASP A 8 -0.52 18.82 11.29
N ASP A 9 0.43 19.44 10.58
CA ASP A 9 0.41 19.46 9.12
C ASP A 9 1.69 20.05 8.55
N ASP A 10 2.82 19.41 8.82
CA ASP A 10 4.10 19.88 8.33
C ASP A 10 4.51 19.14 7.06
N LYS A 11 4.72 17.85 7.20
CA LYS A 11 5.10 16.99 6.08
C LYS A 11 3.87 16.45 5.39
N HIS A 12 2.76 16.50 6.10
CA HIS A 12 1.49 16.03 5.59
C HIS A 12 1.02 16.90 4.44
N MET A 13 1.55 18.11 4.37
CA MET A 13 1.19 19.05 3.31
C MET A 13 1.56 18.49 1.94
N ALA A 14 2.60 17.67 1.90
CA ALA A 14 3.05 17.08 0.65
C ALA A 14 2.45 15.69 0.45
N GLU A 15 1.90 15.13 1.51
CA GLU A 15 1.29 13.80 1.47
C GLU A 15 -0.20 13.90 1.18
N ARG A 16 -0.61 15.01 0.58
CA ARG A 16 -2.02 15.24 0.25
C ARG A 16 -2.38 14.51 -1.05
N LEU A 17 -2.70 13.23 -0.93
CA LEU A 17 -3.07 12.42 -2.08
C LEU A 17 -4.35 12.92 -2.72
N SER A 18 -4.68 12.39 -3.90
CA SER A 18 -5.88 12.79 -4.62
C SER A 18 -6.56 11.57 -5.22
N GLU A 19 -7.49 11.79 -6.14
CA GLU A 19 -8.20 10.70 -6.80
C GLU A 19 -7.24 9.67 -7.39
N GLU A 20 -6.01 10.08 -7.65
CA GLU A 20 -4.99 9.19 -8.21
C GLU A 20 -4.81 7.96 -7.34
N GLU A 21 -5.17 8.07 -6.06
CA GLU A 21 -5.03 6.96 -5.12
C GLU A 21 -6.38 6.65 -4.45
N ILE A 22 -7.28 7.63 -4.48
CA ILE A 22 -8.60 7.46 -3.88
C ILE A 22 -9.49 6.57 -4.74
N GLY A 23 -9.18 6.51 -6.04
CA GLY A 23 -9.96 5.70 -6.96
C GLY A 23 -10.14 4.27 -6.49
N GLY A 24 -9.03 3.54 -6.38
CA GLY A 24 -9.09 2.16 -5.94
C GLY A 24 -9.26 2.04 -4.43
N LEU A 25 -8.96 3.12 -3.72
CA LEU A 25 -9.07 3.13 -2.26
C LEU A 25 -10.47 2.73 -1.81
N LYS A 26 -11.45 2.86 -2.69
CA LYS A 26 -12.83 2.53 -2.36
C LYS A 26 -13.06 1.01 -2.28
N GLU A 27 -12.96 0.33 -3.41
CA GLU A 27 -13.18 -1.11 -3.45
C GLU A 27 -11.90 -1.91 -3.20
N LEU A 28 -10.98 -1.83 -4.14
CA LEU A 28 -9.72 -2.56 -4.09
C LEU A 28 -9.05 -2.52 -2.73
N PHE A 29 -8.66 -1.32 -2.29
CA PHE A 29 -7.97 -1.16 -1.02
C PHE A 29 -8.79 -1.65 0.17
N LYS A 30 -9.91 -0.99 0.42
CA LYS A 30 -10.76 -1.35 1.55
C LYS A 30 -10.92 -2.87 1.69
N MET A 31 -10.86 -3.58 0.57
CA MET A 31 -10.98 -5.03 0.59
C MET A 31 -9.63 -5.73 0.75
N ILE A 32 -8.58 -5.12 0.23
CA ILE A 32 -7.24 -5.70 0.33
C ILE A 32 -6.51 -5.14 1.54
N ASP A 33 -6.25 -3.84 1.49
CA ASP A 33 -5.59 -3.14 2.57
C ASP A 33 -6.25 -3.50 3.89
N THR A 34 -5.62 -4.39 4.65
CA THR A 34 -6.16 -4.82 5.94
C THR A 34 -6.29 -3.61 6.85
N ASP A 35 -5.62 -2.55 6.46
CA ASP A 35 -5.64 -1.31 7.20
C ASP A 35 -6.59 -0.28 6.60
N ASN A 36 -6.98 -0.47 5.34
CA ASN A 36 -7.86 0.47 4.69
C ASN A 36 -7.31 1.89 4.87
N SER A 37 -6.01 1.95 5.21
CA SER A 37 -5.34 3.22 5.41
C SER A 37 -5.19 3.93 4.08
N GLY A 38 -5.38 3.14 3.03
CA GLY A 38 -5.25 3.67 1.68
C GLY A 38 -3.92 3.31 1.06
N THR A 39 -3.14 2.52 1.78
CA THR A 39 -1.84 2.07 1.32
C THR A 39 -1.63 0.62 1.69
N ILE A 40 -1.10 -0.16 0.75
CA ILE A 40 -0.86 -1.57 0.99
C ILE A 40 0.62 -1.84 1.23
N THR A 41 0.92 -2.66 2.23
CA THR A 41 2.29 -2.99 2.57
C THR A 41 2.48 -4.49 2.72
N PHE A 42 3.74 -4.91 2.67
CA PHE A 42 4.14 -6.31 2.80
C PHE A 42 3.50 -6.98 4.02
N ASP A 43 3.28 -6.20 5.07
CA ASP A 43 2.68 -6.73 6.30
C ASP A 43 1.24 -7.15 6.05
N GLU A 44 0.43 -6.21 5.61
CA GLU A 44 -0.97 -6.47 5.32
C GLU A 44 -1.11 -7.23 4.02
N LEU A 45 -0.05 -7.21 3.22
CA LEU A 45 -0.03 -7.87 1.93
C LEU A 45 -0.37 -9.36 2.07
N LYS A 46 0.52 -10.09 2.72
CA LYS A 46 0.34 -11.52 2.92
C LYS A 46 -0.99 -11.84 3.60
N ASP A 47 -1.39 -11.00 4.55
CA ASP A 47 -2.63 -11.18 5.30
C ASP A 47 -3.82 -11.51 4.38
N GLY A 48 -3.65 -11.28 3.08
CA GLY A 48 -4.73 -11.54 2.14
C GLY A 48 -4.76 -12.98 1.64
N LEU A 49 -3.68 -13.40 0.99
CA LEU A 49 -3.61 -14.76 0.46
C LEU A 49 -3.13 -15.74 1.54
N LYS A 50 -2.48 -15.19 2.54
CA LYS A 50 -1.95 -15.99 3.64
C LYS A 50 -3.00 -16.19 4.73
N ARG A 51 -4.06 -15.38 4.66
CA ARG A 51 -5.16 -15.46 5.64
C ARG A 51 -5.53 -16.92 5.90
N VAL A 52 -5.47 -17.75 4.87
CA VAL A 52 -5.79 -19.16 5.00
C VAL A 52 -4.53 -20.02 5.09
N GLY A 53 -3.42 -19.49 4.60
CA GLY A 53 -2.16 -20.23 4.64
C GLY A 53 -2.25 -21.55 3.90
N SER A 54 -2.78 -21.50 2.69
CA SER A 54 -2.93 -22.71 1.87
C SER A 54 -1.60 -23.17 1.29
N GLU A 55 -1.23 -22.58 0.15
CA GLU A 55 0.02 -22.96 -0.53
C GLU A 55 1.01 -21.80 -0.54
N LEU A 56 0.54 -20.58 -0.27
CA LEU A 56 1.40 -19.41 -0.27
C LEU A 56 2.66 -19.63 0.55
N MET A 57 3.73 -18.98 0.11
CA MET A 57 5.00 -19.06 0.80
C MET A 57 5.49 -17.65 1.13
N GLU A 58 5.93 -17.46 2.37
CA GLU A 58 6.42 -16.17 2.83
C GLU A 58 7.49 -15.60 1.88
N SER A 59 7.93 -16.41 0.94
CA SER A 59 8.96 -16.01 -0.02
C SER A 59 8.37 -15.28 -1.21
N GLU A 60 7.23 -15.75 -1.72
CA GLU A 60 6.59 -15.14 -2.86
C GLU A 60 6.12 -13.74 -2.54
N ILE A 61 5.86 -13.47 -1.26
CA ILE A 61 5.39 -12.17 -0.81
C ILE A 61 6.42 -11.08 -1.09
N LYS A 62 7.70 -11.48 -1.19
CA LYS A 62 8.78 -10.54 -1.46
C LYS A 62 8.69 -10.05 -2.89
N ASP A 63 8.86 -10.98 -3.82
CA ASP A 63 8.77 -10.66 -5.23
C ASP A 63 7.38 -10.11 -5.52
N LEU A 64 6.47 -10.35 -4.58
CA LEU A 64 5.09 -9.88 -4.71
C LEU A 64 4.96 -8.40 -4.32
N MET A 65 5.57 -8.03 -3.19
CA MET A 65 5.50 -6.66 -2.70
C MET A 65 6.61 -5.79 -3.29
N ASP A 66 7.85 -6.23 -3.10
CA ASP A 66 9.01 -5.48 -3.59
C ASP A 66 8.86 -5.12 -5.07
N ALA A 67 8.33 -6.04 -5.86
CA ALA A 67 8.13 -5.81 -7.28
C ALA A 67 6.83 -5.06 -7.55
N ALA A 68 5.95 -5.05 -6.56
CA ALA A 68 4.66 -4.37 -6.69
C ALA A 68 4.84 -2.87 -6.88
N ASP A 69 5.55 -2.24 -5.94
CA ASP A 69 5.80 -0.80 -6.01
C ASP A 69 7.28 -0.54 -6.30
N ILE A 70 7.53 0.26 -7.32
CA ILE A 70 8.88 0.61 -7.72
C ILE A 70 9.41 1.76 -6.89
N ASP A 71 8.49 2.43 -6.20
CA ASP A 71 8.84 3.57 -5.35
C ASP A 71 9.83 3.15 -4.28
N LYS A 72 9.88 1.84 -4.01
CA LYS A 72 10.78 1.30 -3.00
C LYS A 72 10.49 1.94 -1.65
N SER A 73 9.33 2.58 -1.57
CA SER A 73 8.91 3.26 -0.35
C SER A 73 8.41 2.27 0.70
N GLY A 74 8.43 0.99 0.35
CA GLY A 74 7.97 -0.03 1.28
C GLY A 74 6.45 -0.12 1.32
N THR A 75 5.80 0.77 0.58
CA THR A 75 4.33 0.80 0.52
C THR A 75 3.87 1.10 -0.90
N ILE A 76 2.92 0.32 -1.39
CA ILE A 76 2.41 0.51 -2.74
C ILE A 76 1.16 1.37 -2.76
N ASP A 77 1.09 2.24 -3.77
CA ASP A 77 -0.05 3.14 -3.94
C ASP A 77 -0.87 2.72 -5.16
N TYR A 78 -2.07 3.29 -5.28
CA TYR A 78 -2.95 2.98 -6.40
C TYR A 78 -2.45 3.61 -7.69
N GLY A 79 -1.81 4.77 -7.56
CA GLY A 79 -1.30 5.47 -8.72
C GLY A 79 -0.05 4.84 -9.30
N GLU A 80 0.70 4.13 -8.47
CA GLU A 80 1.92 3.48 -8.93
C GLU A 80 1.62 2.08 -9.43
N PHE A 81 0.79 1.36 -8.70
CA PHE A 81 0.40 0.00 -9.08
C PHE A 81 -0.21 -0.03 -10.47
N ILE A 82 -1.08 0.93 -10.76
CA ILE A 82 -1.73 1.00 -12.06
C ILE A 82 -0.74 1.29 -13.18
N ALA A 83 0.33 2.02 -12.86
CA ALA A 83 1.35 2.37 -13.82
C ALA A 83 2.02 1.12 -14.40
N ALA A 84 2.09 0.06 -13.60
CA ALA A 84 2.70 -1.18 -14.03
C ALA A 84 1.76 -2.36 -13.81
N THR A 85 1.17 -2.85 -14.89
CA THR A 85 0.25 -3.99 -14.81
C THR A 85 0.39 -4.89 -16.04
N VAL A 86 0.68 -4.26 -17.19
CA VAL A 86 0.84 -5.01 -18.45
C VAL A 86 -0.40 -5.82 -18.78
N HIS A 87 -1.30 -5.23 -19.55
CA HIS A 87 -2.53 -5.91 -19.95
C HIS A 87 -2.72 -5.87 -21.46
N HIS A 1 7.86 16.02 2.25
CA HIS A 1 7.52 14.78 2.98
C HIS A 1 6.96 15.09 4.36
N SER A 2 5.63 15.11 4.46
CA SER A 2 4.96 15.40 5.72
C SER A 2 4.97 14.18 6.64
N SER A 3 5.07 14.42 7.94
CA SER A 3 5.09 13.35 8.93
C SER A 3 3.79 12.56 8.90
N GLY A 4 2.75 13.16 8.32
CA GLY A 4 1.46 12.51 8.24
C GLY A 4 0.46 13.28 7.40
N HIS A 5 0.20 12.80 6.19
CA HIS A 5 -0.74 13.46 5.29
C HIS A 5 -2.18 13.17 5.72
N ILE A 6 -2.34 12.39 6.77
CA ILE A 6 -3.67 12.04 7.28
C ILE A 6 -4.01 12.91 8.49
N ASP A 7 -4.47 14.13 8.22
CA ASP A 7 -4.83 15.06 9.28
C ASP A 7 -5.60 16.25 8.71
N ASP A 8 -4.98 16.93 7.73
CA ASP A 8 -5.60 18.08 7.10
C ASP A 8 -5.80 17.83 5.61
N ASP A 9 -6.90 18.36 5.06
CA ASP A 9 -7.21 18.20 3.65
C ASP A 9 -6.68 19.38 2.83
N ASP A 10 -5.55 19.92 3.27
CA ASP A 10 -4.94 21.05 2.57
C ASP A 10 -3.91 20.57 1.57
N LYS A 11 -2.99 19.74 2.04
CA LYS A 11 -1.94 19.20 1.19
C LYS A 11 -2.44 17.99 0.41
N HIS A 12 -3.39 17.29 1.00
CA HIS A 12 -3.98 16.12 0.38
C HIS A 12 -4.89 16.52 -0.79
N MET A 13 -5.38 17.75 -0.75
CA MET A 13 -6.24 18.26 -1.79
C MET A 13 -5.51 18.33 -3.13
N ALA A 14 -4.20 18.54 -3.08
CA ALA A 14 -3.39 18.64 -4.28
C ALA A 14 -2.79 17.28 -4.64
N GLU A 15 -2.88 16.33 -3.70
CA GLU A 15 -2.35 14.99 -3.91
C GLU A 15 -3.41 13.94 -3.64
N ARG A 16 -4.67 14.30 -3.89
CA ARG A 16 -5.79 13.39 -3.67
C ARG A 16 -5.87 12.33 -4.76
N LEU A 17 -4.76 12.08 -5.45
CA LEU A 17 -4.72 11.09 -6.51
C LEU A 17 -4.80 9.68 -5.93
N SER A 18 -5.45 8.78 -6.67
CA SER A 18 -5.61 7.40 -6.24
C SER A 18 -4.63 6.48 -6.96
N GLU A 19 -3.42 6.37 -6.41
CA GLU A 19 -2.39 5.52 -7.01
C GLU A 19 -2.80 4.06 -6.96
N GLU A 20 -3.82 3.75 -6.16
CA GLU A 20 -4.32 2.39 -6.02
C GLU A 20 -4.57 1.75 -7.37
N GLU A 21 -4.87 2.56 -8.37
CA GLU A 21 -5.13 2.06 -9.71
C GLU A 21 -4.33 2.83 -10.75
N ILE A 22 -3.85 4.02 -10.38
CA ILE A 22 -3.08 4.85 -11.30
C ILE A 22 -1.57 4.64 -11.13
N GLY A 23 -1.12 4.49 -9.89
CA GLY A 23 0.30 4.30 -9.63
C GLY A 23 0.69 2.85 -9.52
N GLY A 24 0.16 2.19 -8.50
CA GLY A 24 0.45 0.79 -8.25
C GLY A 24 0.16 -0.10 -9.44
N LEU A 25 -0.37 0.47 -10.52
CA LEU A 25 -0.70 -0.33 -11.70
C LEU A 25 0.53 -0.56 -12.59
N LYS A 26 1.09 0.52 -13.14
CA LYS A 26 2.23 0.38 -14.05
C LYS A 26 3.61 0.48 -13.38
N GLU A 27 3.96 1.68 -12.90
CA GLU A 27 5.28 1.90 -12.30
C GLU A 27 5.36 1.64 -10.80
N LEU A 28 4.69 2.49 -10.02
CA LEU A 28 4.72 2.40 -8.55
C LEU A 28 4.70 0.96 -8.05
N PHE A 29 3.99 0.09 -8.75
CA PHE A 29 3.91 -1.32 -8.35
C PHE A 29 5.30 -1.93 -8.23
N LYS A 30 6.06 -1.90 -9.33
CA LYS A 30 7.40 -2.46 -9.36
C LYS A 30 8.38 -1.63 -8.53
N MET A 31 8.04 -0.37 -8.29
CA MET A 31 8.91 0.53 -7.53
C MET A 31 8.65 0.45 -6.03
N ILE A 32 7.51 -0.10 -5.65
CA ILE A 32 7.17 -0.25 -4.23
C ILE A 32 7.60 -1.62 -3.75
N ASP A 33 7.13 -2.63 -4.45
CA ASP A 33 7.45 -4.00 -4.12
C ASP A 33 8.96 -4.19 -4.13
N THR A 34 9.54 -4.31 -2.93
CA THR A 34 10.97 -4.49 -2.80
C THR A 34 11.42 -5.72 -3.56
N ASP A 35 10.46 -6.63 -3.72
CA ASP A 35 10.70 -7.86 -4.43
C ASP A 35 10.71 -7.63 -5.92
N ASN A 36 10.05 -6.56 -6.35
CA ASN A 36 9.98 -6.23 -7.78
C ASN A 36 9.48 -7.43 -8.56
N SER A 37 8.89 -8.39 -7.85
CA SER A 37 8.35 -9.59 -8.48
C SER A 37 7.04 -9.26 -9.15
N GLY A 38 6.45 -8.16 -8.72
CA GLY A 38 5.19 -7.71 -9.27
C GLY A 38 4.04 -7.91 -8.32
N THR A 39 4.37 -8.15 -7.05
CA THR A 39 3.37 -8.35 -6.02
C THR A 39 3.96 -8.04 -4.65
N ILE A 40 3.17 -7.44 -3.77
CA ILE A 40 3.65 -7.11 -2.43
C ILE A 40 3.09 -8.08 -1.39
N THR A 41 3.90 -8.40 -0.39
CA THR A 41 3.49 -9.32 0.67
C THR A 41 3.85 -8.78 2.04
N PHE A 42 3.00 -9.06 3.02
CA PHE A 42 3.18 -8.63 4.40
C PHE A 42 4.65 -8.64 4.81
N ASP A 43 5.38 -9.69 4.44
CA ASP A 43 6.79 -9.81 4.77
C ASP A 43 7.54 -8.51 4.44
N GLU A 44 7.34 -8.01 3.23
CA GLU A 44 7.98 -6.78 2.79
C GLU A 44 7.13 -5.57 3.19
N LEU A 45 5.81 -5.76 3.20
CA LEU A 45 4.87 -4.69 3.56
C LEU A 45 5.35 -3.92 4.78
N LYS A 46 5.45 -4.62 5.91
CA LYS A 46 5.88 -4.01 7.17
C LYS A 46 7.16 -3.19 6.99
N ASP A 47 8.21 -3.82 6.46
CA ASP A 47 9.49 -3.17 6.24
C ASP A 47 9.38 -2.02 5.24
N GLY A 48 8.28 -2.00 4.49
CA GLY A 48 8.06 -0.96 3.52
C GLY A 48 7.67 0.32 4.18
N LEU A 49 6.78 0.21 5.15
CA LEU A 49 6.32 1.36 5.91
C LEU A 49 7.24 1.56 7.11
N LYS A 50 7.95 0.49 7.46
CA LYS A 50 8.88 0.52 8.58
C LYS A 50 10.17 1.20 8.16
N ARG A 51 10.46 1.14 6.86
CA ARG A 51 11.66 1.74 6.30
C ARG A 51 11.85 3.17 6.83
N VAL A 52 10.74 3.84 7.13
CA VAL A 52 10.79 5.20 7.64
C VAL A 52 10.87 5.23 9.17
N GLY A 53 10.27 4.23 9.81
CA GLY A 53 10.30 4.15 11.26
C GLY A 53 9.70 5.37 11.94
N SER A 54 8.50 5.76 11.50
CA SER A 54 7.84 6.92 12.07
C SER A 54 7.17 6.57 13.41
N GLU A 55 5.87 6.32 13.37
CA GLU A 55 5.11 5.97 14.56
C GLU A 55 4.08 4.89 14.23
N LEU A 56 4.54 3.80 13.64
CA LEU A 56 3.66 2.71 13.25
C LEU A 56 3.75 1.52 14.20
N MET A 57 2.75 0.65 14.09
CA MET A 57 2.69 -0.56 14.89
C MET A 57 2.52 -1.77 13.99
N GLU A 58 3.47 -2.70 14.08
CA GLU A 58 3.47 -3.90 13.26
C GLU A 58 2.16 -4.69 13.41
N SER A 59 1.35 -4.28 14.39
CA SER A 59 0.07 -4.95 14.65
C SER A 59 -0.97 -4.59 13.60
N GLU A 60 -0.85 -3.39 13.04
CA GLU A 60 -1.79 -2.92 12.03
C GLU A 60 -1.32 -3.33 10.64
N ILE A 61 -0.06 -3.68 10.52
CA ILE A 61 0.51 -4.09 9.23
C ILE A 61 -0.06 -5.44 8.80
N LYS A 62 -0.20 -6.34 9.76
CA LYS A 62 -0.73 -7.68 9.48
C LYS A 62 -2.24 -7.62 9.28
N ASP A 63 -2.87 -6.64 9.91
CA ASP A 63 -4.32 -6.46 9.81
C ASP A 63 -4.64 -5.61 8.58
N LEU A 64 -3.64 -4.89 8.09
CA LEU A 64 -3.81 -4.04 6.93
C LEU A 64 -3.78 -4.87 5.65
N MET A 65 -2.83 -5.80 5.58
CA MET A 65 -2.71 -6.67 4.42
C MET A 65 -3.82 -7.71 4.38
N ASP A 66 -4.43 -7.94 5.54
CA ASP A 66 -5.52 -8.91 5.65
C ASP A 66 -6.85 -8.29 5.25
N ALA A 67 -7.06 -7.05 5.66
CA ALA A 67 -8.30 -6.34 5.34
C ALA A 67 -8.27 -5.78 3.92
N ALA A 68 -7.17 -5.14 3.57
CA ALA A 68 -7.01 -4.56 2.24
C ALA A 68 -7.12 -5.62 1.15
N ASP A 69 -6.31 -6.67 1.27
CA ASP A 69 -6.33 -7.76 0.31
C ASP A 69 -7.43 -8.75 0.62
N ILE A 70 -8.41 -8.84 -0.28
CA ILE A 70 -9.54 -9.73 -0.11
C ILE A 70 -9.21 -11.13 -0.62
N ASP A 71 -8.19 -11.20 -1.49
CA ASP A 71 -7.79 -12.49 -2.05
C ASP A 71 -7.29 -13.41 -0.94
N LYS A 72 -7.09 -12.84 0.25
CA LYS A 72 -6.63 -13.58 1.42
C LYS A 72 -5.53 -14.58 1.06
N SER A 73 -4.82 -14.29 -0.01
CA SER A 73 -3.75 -15.17 -0.48
C SER A 73 -2.41 -14.79 0.15
N GLY A 74 -2.42 -13.76 0.97
CA GLY A 74 -1.19 -13.31 1.61
C GLY A 74 -0.44 -12.31 0.75
N THR A 75 -0.77 -12.31 -0.54
CA THR A 75 -0.15 -11.40 -1.49
C THR A 75 -1.18 -10.38 -1.95
N ILE A 76 -0.85 -9.09 -1.84
CA ILE A 76 -1.78 -8.04 -2.22
C ILE A 76 -1.31 -7.22 -3.41
N ASP A 77 -2.28 -6.68 -4.14
CA ASP A 77 -2.02 -5.84 -5.29
C ASP A 77 -2.85 -4.55 -5.19
N TYR A 78 -2.40 -3.48 -5.82
CA TYR A 78 -3.13 -2.21 -5.77
C TYR A 78 -4.43 -2.29 -6.57
N GLY A 79 -4.49 -3.25 -7.49
CA GLY A 79 -5.67 -3.41 -8.32
C GLY A 79 -6.78 -4.22 -7.66
N GLU A 80 -6.42 -5.06 -6.70
CA GLU A 80 -7.42 -5.89 -6.01
C GLU A 80 -8.02 -5.18 -4.81
N PHE A 81 -7.20 -4.40 -4.12
CA PHE A 81 -7.65 -3.65 -2.94
C PHE A 81 -8.95 -2.88 -3.20
N ILE A 82 -9.23 -2.57 -4.46
CA ILE A 82 -10.44 -1.81 -4.80
C ILE A 82 -11.67 -2.72 -5.00
N ALA A 83 -11.66 -3.49 -6.08
CA ALA A 83 -12.79 -4.37 -6.38
C ALA A 83 -12.75 -5.67 -5.60
N ALA A 84 -11.77 -6.52 -5.91
CA ALA A 84 -11.62 -7.80 -5.23
C ALA A 84 -10.35 -8.52 -5.69
N THR A 85 -10.41 -9.12 -6.87
CA THR A 85 -9.26 -9.85 -7.42
C THR A 85 -9.21 -9.72 -8.94
N VAL A 86 -10.01 -10.52 -9.62
CA VAL A 86 -10.06 -10.50 -11.08
C VAL A 86 -11.18 -11.41 -11.60
N HIS A 87 -12.00 -10.88 -12.50
CA HIS A 87 -13.10 -11.64 -13.07
C HIS A 87 -12.77 -12.09 -14.49
N HIS A 1 -12.53 -28.60 -13.58
CA HIS A 1 -11.42 -29.58 -13.76
C HIS A 1 -10.29 -28.98 -14.58
N SER A 2 -9.17 -29.71 -14.64
CA SER A 2 -8.00 -29.26 -15.40
C SER A 2 -7.21 -30.44 -15.93
N SER A 3 -6.04 -30.16 -16.47
CA SER A 3 -5.17 -31.20 -17.02
C SER A 3 -4.11 -31.62 -16.01
N GLY A 4 -4.35 -31.29 -14.74
CA GLY A 4 -3.41 -31.63 -13.69
C GLY A 4 -3.21 -30.50 -12.70
N HIS A 5 -2.82 -30.86 -11.48
CA HIS A 5 -2.59 -29.87 -10.43
C HIS A 5 -1.12 -29.52 -10.31
N ILE A 6 -0.65 -28.64 -11.19
CA ILE A 6 0.75 -28.23 -11.19
C ILE A 6 0.90 -26.82 -10.64
N ASP A 7 1.70 -26.68 -9.59
CA ASP A 7 1.93 -25.38 -8.97
C ASP A 7 3.06 -24.62 -9.68
N ASP A 8 3.12 -24.76 -11.00
CA ASP A 8 4.15 -24.09 -11.79
C ASP A 8 3.53 -23.25 -12.90
N ASP A 9 2.23 -22.99 -12.80
CA ASP A 9 1.54 -22.19 -13.82
C ASP A 9 0.28 -21.55 -13.27
N ASP A 10 -0.83 -22.29 -13.32
CA ASP A 10 -2.12 -21.79 -12.85
C ASP A 10 -2.20 -21.82 -11.32
N LYS A 11 -1.54 -22.79 -10.72
CA LYS A 11 -1.55 -22.93 -9.27
C LYS A 11 -0.44 -22.08 -8.65
N HIS A 12 0.45 -21.57 -9.50
CA HIS A 12 1.56 -20.75 -9.04
C HIS A 12 1.14 -19.29 -8.93
N MET A 13 0.41 -18.81 -9.93
CA MET A 13 -0.06 -17.43 -9.97
C MET A 13 -1.01 -17.15 -8.78
N ALA A 14 -1.52 -18.21 -8.19
CA ALA A 14 -2.44 -18.08 -7.06
C ALA A 14 -1.67 -18.00 -5.74
N GLU A 15 -0.42 -18.45 -5.76
CA GLU A 15 0.43 -18.43 -4.58
C GLU A 15 1.70 -17.62 -4.83
N ARG A 16 1.70 -16.86 -5.92
CA ARG A 16 2.85 -16.04 -6.29
C ARG A 16 3.28 -15.13 -5.14
N LEU A 17 4.51 -14.63 -5.23
CA LEU A 17 5.05 -13.76 -4.19
C LEU A 17 4.20 -12.51 -4.00
N SER A 18 3.90 -12.21 -2.74
CA SER A 18 3.08 -11.05 -2.40
C SER A 18 3.69 -10.27 -1.25
N GLU A 19 4.56 -9.31 -1.57
CA GLU A 19 5.22 -8.49 -0.56
C GLU A 19 4.31 -7.37 -0.08
N GLU A 20 3.19 -7.19 -0.75
CA GLU A 20 2.23 -6.14 -0.40
C GLU A 20 1.59 -6.42 0.96
N GLU A 21 1.73 -7.66 1.44
CA GLU A 21 1.16 -8.05 2.71
C GLU A 21 2.24 -8.59 3.66
N ILE A 22 3.48 -8.60 3.19
CA ILE A 22 4.60 -9.09 3.99
C ILE A 22 5.32 -7.96 4.71
N GLY A 23 5.46 -6.81 4.06
CA GLY A 23 6.16 -5.69 4.65
C GLY A 23 5.24 -4.69 5.33
N GLY A 24 4.20 -4.27 4.62
CA GLY A 24 3.27 -3.30 5.17
C GLY A 24 2.62 -3.74 6.46
N LEU A 25 2.79 -4.99 6.81
CA LEU A 25 2.21 -5.51 8.04
C LEU A 25 3.12 -5.33 9.25
N LYS A 26 4.31 -5.90 9.19
CA LYS A 26 5.24 -5.83 10.31
C LYS A 26 6.24 -4.66 10.29
N GLU A 27 7.18 -4.69 9.35
CA GLU A 27 8.24 -3.67 9.29
C GLU A 27 7.95 -2.43 8.44
N LEU A 28 7.90 -2.63 7.13
CA LEU A 28 7.72 -1.55 6.16
C LEU A 28 6.75 -0.47 6.60
N PHE A 29 5.49 -0.82 6.77
CA PHE A 29 4.47 0.16 7.13
C PHE A 29 4.61 0.64 8.58
N LYS A 30 4.57 -0.30 9.52
CA LYS A 30 4.66 0.03 10.94
C LYS A 30 5.82 0.97 11.25
N MET A 31 6.85 0.97 10.40
CA MET A 31 8.02 1.82 10.62
C MET A 31 7.88 3.19 9.95
N ILE A 32 7.03 3.28 8.94
CA ILE A 32 6.83 4.54 8.23
C ILE A 32 5.70 5.35 8.85
N ASP A 33 4.62 4.66 9.23
CA ASP A 33 3.48 5.32 9.85
C ASP A 33 3.92 6.17 11.03
N THR A 34 3.55 7.44 11.01
CA THR A 34 3.91 8.36 12.08
C THR A 34 3.30 7.90 13.40
N ASP A 35 2.35 7.00 13.30
CA ASP A 35 1.67 6.46 14.47
C ASP A 35 2.14 5.05 14.78
N ASN A 36 2.84 4.43 13.84
CA ASN A 36 3.32 3.07 14.03
C ASN A 36 2.16 2.17 14.44
N SER A 37 0.94 2.65 14.20
CA SER A 37 -0.26 1.90 14.53
C SER A 37 -0.52 0.86 13.47
N GLY A 38 0.08 1.07 12.30
CA GLY A 38 -0.09 0.15 11.21
C GLY A 38 -0.98 0.70 10.11
N THR A 39 -1.44 1.93 10.30
CA THR A 39 -2.30 2.59 9.32
C THR A 39 -1.89 4.05 9.19
N ILE A 40 -1.73 4.51 7.96
CA ILE A 40 -1.34 5.89 7.72
C ILE A 40 -2.53 6.72 7.24
N THR A 41 -2.61 7.96 7.72
CA THR A 41 -3.71 8.84 7.33
C THR A 41 -3.19 10.05 6.58
N PHE A 42 -4.12 10.74 5.92
CA PHE A 42 -3.86 11.93 5.14
C PHE A 42 -2.79 12.83 5.77
N ASP A 43 -3.07 13.32 6.98
CA ASP A 43 -2.14 14.20 7.68
C ASP A 43 -0.75 13.59 7.75
N GLU A 44 -0.69 12.28 7.95
CA GLU A 44 0.58 11.57 8.04
C GLU A 44 1.04 11.10 6.66
N LEU A 45 0.12 11.14 5.70
CA LEU A 45 0.41 10.72 4.33
C LEU A 45 1.31 11.75 3.64
N LYS A 46 0.91 13.02 3.73
CA LYS A 46 1.65 14.10 3.12
C LYS A 46 3.06 14.20 3.69
N ASP A 47 3.25 13.66 4.89
CA ASP A 47 4.56 13.67 5.54
C ASP A 47 5.61 13.02 4.64
N GLY A 48 5.14 12.26 3.66
CA GLY A 48 6.04 11.61 2.73
C GLY A 48 6.70 12.62 1.82
N LEU A 49 5.88 13.49 1.24
CA LEU A 49 6.38 14.53 0.35
C LEU A 49 6.71 15.78 1.17
N LYS A 50 6.22 15.80 2.41
CA LYS A 50 6.45 16.92 3.31
C LYS A 50 7.87 16.89 3.85
N ARG A 51 8.36 15.69 4.13
CA ARG A 51 9.71 15.51 4.66
C ARG A 51 10.72 16.35 3.88
N VAL A 52 10.53 16.45 2.57
CA VAL A 52 11.43 17.24 1.73
C VAL A 52 10.95 18.69 1.61
N GLY A 53 9.64 18.88 1.70
CA GLY A 53 9.07 20.22 1.62
C GLY A 53 9.65 21.05 0.50
N SER A 54 9.73 20.48 -0.71
CA SER A 54 10.27 21.19 -1.86
C SER A 54 9.23 22.14 -2.45
N GLU A 55 8.34 21.60 -3.26
CA GLU A 55 7.29 22.38 -3.89
C GLU A 55 6.06 21.51 -4.13
N LEU A 56 5.77 20.65 -3.16
CA LEU A 56 4.63 19.73 -3.25
C LEU A 56 3.32 20.47 -3.38
N MET A 57 2.25 19.70 -3.50
CA MET A 57 0.91 20.25 -3.60
C MET A 57 0.02 19.61 -2.54
N GLU A 58 -0.32 20.39 -1.51
CA GLU A 58 -1.16 19.90 -0.43
C GLU A 58 -2.50 19.41 -0.98
N SER A 59 -2.76 19.77 -2.24
CA SER A 59 -3.99 19.36 -2.92
C SER A 59 -3.83 18.00 -3.58
N GLU A 60 -2.59 17.69 -3.95
CA GLU A 60 -2.29 16.41 -4.60
C GLU A 60 -2.41 15.26 -3.61
N ILE A 61 -2.10 15.53 -2.35
CA ILE A 61 -2.18 14.52 -1.30
C ILE A 61 -3.61 13.99 -1.17
N LYS A 62 -4.56 14.75 -1.70
CA LYS A 62 -5.97 14.36 -1.65
C LYS A 62 -6.22 13.24 -2.65
N ASP A 63 -6.07 13.57 -3.93
CA ASP A 63 -6.23 12.59 -4.98
C ASP A 63 -5.26 11.44 -4.73
N LEU A 64 -4.28 11.72 -3.87
CA LEU A 64 -3.27 10.72 -3.51
C LEU A 64 -3.76 9.87 -2.35
N MET A 65 -4.49 10.48 -1.43
CA MET A 65 -5.02 9.78 -0.25
C MET A 65 -6.38 9.13 -0.55
N ASP A 66 -7.34 9.95 -0.96
CA ASP A 66 -8.67 9.47 -1.27
C ASP A 66 -8.63 8.25 -2.19
N ALA A 67 -7.68 8.24 -3.13
CA ALA A 67 -7.54 7.13 -4.06
C ALA A 67 -6.55 6.10 -3.55
N ALA A 68 -5.79 6.46 -2.52
CA ALA A 68 -4.81 5.56 -1.95
C ALA A 68 -5.44 4.27 -1.44
N ASP A 69 -6.39 4.40 -0.51
CA ASP A 69 -7.06 3.24 0.06
C ASP A 69 -8.47 3.09 -0.49
N ILE A 70 -8.76 1.88 -0.97
CA ILE A 70 -10.08 1.57 -1.52
C ILE A 70 -11.03 1.22 -0.39
N ASP A 71 -10.45 1.01 0.78
CA ASP A 71 -11.20 0.68 1.98
C ASP A 71 -12.04 1.88 2.44
N LYS A 72 -11.77 3.05 1.84
CA LYS A 72 -12.48 4.28 2.17
C LYS A 72 -12.67 4.42 3.68
N SER A 73 -11.72 3.87 4.43
CA SER A 73 -11.77 3.93 5.89
C SER A 73 -11.00 5.13 6.41
N GLY A 74 -10.41 5.90 5.49
CA GLY A 74 -9.65 7.06 5.88
C GLY A 74 -8.20 6.74 6.20
N THR A 75 -7.88 5.45 6.22
CA THR A 75 -6.52 5.00 6.50
C THR A 75 -6.00 4.11 5.38
N ILE A 76 -4.80 4.41 4.91
CA ILE A 76 -4.18 3.64 3.83
C ILE A 76 -3.34 2.49 4.37
N ASP A 77 -3.28 1.40 3.59
CA ASP A 77 -2.52 0.22 3.96
C ASP A 77 -1.65 -0.21 2.78
N TYR A 78 -0.50 -0.81 3.07
CA TYR A 78 0.42 -1.24 2.02
C TYR A 78 -0.29 -2.10 0.98
N GLY A 79 -1.17 -2.98 1.43
CA GLY A 79 -1.89 -3.86 0.52
C GLY A 79 -2.95 -3.13 -0.29
N GLU A 80 -3.46 -2.03 0.26
CA GLU A 80 -4.49 -1.25 -0.42
C GLU A 80 -3.87 -0.21 -1.35
N PHE A 81 -2.63 0.15 -1.07
CA PHE A 81 -1.91 1.14 -1.86
C PHE A 81 -1.65 0.62 -3.27
N ILE A 82 -1.43 -0.69 -3.37
CA ILE A 82 -1.16 -1.32 -4.67
C ILE A 82 -2.45 -1.66 -5.39
N ALA A 83 -3.52 -1.90 -4.62
CA ALA A 83 -4.81 -2.24 -5.19
C ALA A 83 -5.26 -1.18 -6.19
N ALA A 84 -4.79 0.04 -6.00
CA ALA A 84 -5.12 1.15 -6.89
C ALA A 84 -4.15 1.22 -8.06
N THR A 85 -3.06 1.97 -7.88
CA THR A 85 -2.05 2.13 -8.91
C THR A 85 -0.72 2.56 -8.30
N VAL A 86 0.38 2.06 -8.87
CA VAL A 86 1.71 2.39 -8.38
C VAL A 86 2.31 3.56 -9.17
N HIS A 87 3.59 3.81 -8.97
CA HIS A 87 4.27 4.90 -9.67
C HIS A 87 4.81 4.42 -11.02
N HIS A 1 -7.18 31.73 -2.04
CA HIS A 1 -5.88 32.24 -1.56
C HIS A 1 -5.68 31.94 -0.08
N SER A 2 -4.89 30.91 0.21
CA SER A 2 -4.62 30.52 1.59
C SER A 2 -3.21 30.93 2.00
N SER A 3 -2.99 31.05 3.31
CA SER A 3 -1.69 31.43 3.84
C SER A 3 -0.81 30.22 4.06
N GLY A 4 -1.15 29.11 3.40
CA GLY A 4 -0.37 27.89 3.54
C GLY A 4 -0.58 27.23 4.89
N HIS A 5 -0.37 25.91 4.94
CA HIS A 5 -0.53 25.16 6.18
C HIS A 5 0.80 24.63 6.68
N ILE A 6 1.84 25.45 6.59
CA ILE A 6 3.18 25.07 7.03
C ILE A 6 3.22 24.92 8.54
N ASP A 7 2.91 23.71 9.02
CA ASP A 7 2.91 23.43 10.45
C ASP A 7 2.87 21.93 10.72
N ASP A 8 1.68 21.34 10.64
CA ASP A 8 1.51 19.91 10.86
C ASP A 8 0.14 19.44 10.39
N ASP A 9 -0.44 20.16 9.44
CA ASP A 9 -1.75 19.82 8.91
C ASP A 9 -1.62 18.92 7.68
N ASP A 10 -1.54 19.55 6.51
CA ASP A 10 -1.41 18.80 5.26
C ASP A 10 0.05 18.77 4.80
N LYS A 11 0.87 19.61 5.41
CA LYS A 11 2.29 19.70 5.07
C LYS A 11 3.11 18.69 5.86
N HIS A 12 2.47 18.05 6.83
CA HIS A 12 3.15 17.06 7.66
C HIS A 12 3.56 15.87 6.81
N MET A 13 2.78 15.63 5.76
CA MET A 13 3.04 14.52 4.84
C MET A 13 4.00 14.95 3.73
N ALA A 14 4.28 16.24 3.67
CA ALA A 14 5.18 16.78 2.66
C ALA A 14 6.64 16.81 3.13
N GLU A 15 6.83 16.74 4.44
CA GLU A 15 8.18 16.77 4.99
C GLU A 15 8.74 15.36 5.18
N ARG A 16 8.51 14.78 6.34
CA ARG A 16 9.01 13.42 6.64
C ARG A 16 8.10 12.73 7.64
N LEU A 17 7.19 13.48 8.25
CA LEU A 17 6.29 12.92 9.24
C LEU A 17 5.38 11.86 8.64
N SER A 18 5.69 10.60 8.96
CA SER A 18 4.91 9.47 8.46
C SER A 18 4.93 8.34 9.50
N GLU A 19 3.79 8.14 10.16
CA GLU A 19 3.71 7.12 11.20
C GLU A 19 4.08 5.73 10.66
N GLU A 20 3.33 5.24 9.67
CA GLU A 20 3.62 3.94 9.10
C GLU A 20 4.53 4.05 7.87
N GLU A 21 4.00 4.62 6.79
CA GLU A 21 4.75 4.80 5.55
C GLU A 21 3.89 5.53 4.51
N ILE A 22 2.92 6.30 5.00
CA ILE A 22 2.00 7.04 4.14
C ILE A 22 2.75 7.88 3.09
N GLY A 23 4.05 8.03 3.27
CA GLY A 23 4.85 8.80 2.34
C GLY A 23 4.70 8.35 0.90
N GLY A 24 4.65 7.03 0.70
CA GLY A 24 4.51 6.49 -0.63
C GLY A 24 3.08 6.23 -1.02
N LEU A 25 2.17 6.45 -0.07
CA LEU A 25 0.74 6.23 -0.30
C LEU A 25 0.24 7.02 -1.50
N LYS A 26 0.66 8.27 -1.60
CA LYS A 26 0.23 9.15 -2.68
C LYS A 26 0.93 8.84 -4.00
N GLU A 27 2.17 8.37 -3.96
CA GLU A 27 2.92 8.09 -5.18
C GLU A 27 2.71 6.67 -5.73
N LEU A 28 3.22 5.68 -5.02
CA LEU A 28 3.13 4.29 -5.49
C LEU A 28 1.90 3.54 -5.01
N PHE A 29 1.70 3.47 -3.69
CA PHE A 29 0.59 2.72 -3.11
C PHE A 29 -0.69 2.81 -3.93
N LYS A 30 -1.27 4.00 -4.02
CA LYS A 30 -2.52 4.19 -4.77
C LYS A 30 -2.40 3.64 -6.19
N MET A 31 -1.28 3.94 -6.86
CA MET A 31 -1.05 3.49 -8.22
C MET A 31 -1.16 1.96 -8.32
N ILE A 32 -0.99 1.30 -7.19
CA ILE A 32 -1.07 -0.16 -7.13
C ILE A 32 -2.48 -0.59 -6.76
N ASP A 33 -2.91 -0.15 -5.59
CA ASP A 33 -4.23 -0.47 -5.09
C ASP A 33 -5.31 -0.03 -6.08
N THR A 34 -5.99 -1.00 -6.69
CA THR A 34 -7.04 -0.70 -7.64
C THR A 34 -8.17 0.06 -6.95
N ASP A 35 -8.10 0.14 -5.63
CA ASP A 35 -9.12 0.82 -4.84
C ASP A 35 -8.72 2.26 -4.55
N ASN A 36 -7.41 2.55 -4.59
CA ASN A 36 -6.95 3.91 -4.30
C ASN A 36 -7.46 4.37 -2.95
N SER A 37 -7.94 3.41 -2.15
CA SER A 37 -8.46 3.72 -0.82
C SER A 37 -7.32 3.86 0.16
N GLY A 38 -6.18 3.29 -0.19
CA GLY A 38 -5.01 3.36 0.66
C GLY A 38 -4.68 2.02 1.29
N THR A 39 -5.35 0.98 0.82
CA THR A 39 -5.14 -0.38 1.32
C THR A 39 -5.43 -1.39 0.22
N ILE A 40 -4.55 -2.37 0.08
CA ILE A 40 -4.72 -3.40 -0.94
C ILE A 40 -5.21 -4.71 -0.32
N THR A 41 -5.97 -5.47 -1.10
CA THR A 41 -6.50 -6.75 -0.63
C THR A 41 -6.35 -7.81 -1.73
N PHE A 42 -6.02 -9.03 -1.33
CA PHE A 42 -5.85 -10.14 -2.25
C PHE A 42 -6.88 -10.11 -3.39
N ASP A 43 -8.08 -9.67 -3.07
CA ASP A 43 -9.15 -9.60 -4.07
C ASP A 43 -8.74 -8.70 -5.23
N GLU A 44 -8.27 -7.50 -4.88
CA GLU A 44 -7.81 -6.54 -5.88
C GLU A 44 -6.35 -6.77 -6.23
N LEU A 45 -5.66 -7.52 -5.39
CA LEU A 45 -4.25 -7.83 -5.58
C LEU A 45 -4.04 -8.57 -6.91
N LYS A 46 -4.66 -9.76 -7.01
CA LYS A 46 -4.56 -10.58 -8.20
C LYS A 46 -5.02 -9.83 -9.45
N ASP A 47 -6.09 -9.05 -9.31
CA ASP A 47 -6.64 -8.27 -10.42
C ASP A 47 -5.56 -7.44 -11.11
N GLY A 48 -4.43 -7.27 -10.43
CA GLY A 48 -3.34 -6.51 -11.00
C GLY A 48 -2.61 -7.27 -12.08
N LEU A 49 -2.14 -8.47 -11.73
CA LEU A 49 -1.43 -9.32 -12.67
C LEU A 49 -2.41 -10.18 -13.46
N LYS A 50 -3.66 -10.21 -12.98
CA LYS A 50 -4.69 -11.00 -13.64
C LYS A 50 -5.21 -10.28 -14.88
N ARG A 51 -5.43 -8.98 -14.75
CA ARG A 51 -5.93 -8.16 -15.86
C ARG A 51 -5.12 -8.41 -17.13
N VAL A 52 -3.82 -8.63 -16.96
CA VAL A 52 -2.94 -8.88 -18.11
C VAL A 52 -2.92 -10.37 -18.47
N GLY A 53 -3.09 -11.22 -17.47
CA GLY A 53 -3.10 -12.66 -17.69
C GLY A 53 -1.90 -13.12 -18.52
N SER A 54 -0.71 -12.69 -18.14
CA SER A 54 0.50 -13.06 -18.85
C SER A 54 1.05 -14.40 -18.34
N GLU A 55 2.00 -14.32 -17.41
CA GLU A 55 2.59 -15.52 -16.83
C GLU A 55 2.73 -15.36 -15.32
N LEU A 56 1.59 -15.31 -14.64
CA LEU A 56 1.57 -15.15 -13.20
C LEU A 56 1.18 -16.45 -12.50
N MET A 57 1.18 -16.40 -11.16
CA MET A 57 0.83 -17.56 -10.36
C MET A 57 -0.29 -17.21 -9.39
N GLU A 58 -1.48 -17.71 -9.66
CA GLU A 58 -2.63 -17.46 -8.79
C GLU A 58 -2.31 -17.87 -7.36
N SER A 59 -1.25 -18.66 -7.22
CA SER A 59 -0.81 -19.14 -5.92
C SER A 59 0.13 -18.15 -5.25
N GLU A 60 1.03 -17.57 -6.05
CA GLU A 60 1.99 -16.59 -5.55
C GLU A 60 1.28 -15.32 -5.12
N ILE A 61 0.21 -14.97 -5.83
CA ILE A 61 -0.56 -13.78 -5.53
C ILE A 61 -0.97 -13.75 -4.06
N LYS A 62 -1.58 -14.84 -3.60
CA LYS A 62 -2.03 -14.94 -2.22
C LYS A 62 -0.87 -15.29 -1.29
N ASP A 63 0.08 -16.08 -1.80
CA ASP A 63 1.25 -16.47 -1.01
C ASP A 63 2.14 -15.26 -0.77
N LEU A 64 1.94 -14.22 -1.57
CA LEU A 64 2.73 -13.00 -1.47
C LEU A 64 2.13 -12.07 -0.42
N MET A 65 0.84 -11.77 -0.55
CA MET A 65 0.15 -10.89 0.40
C MET A 65 0.05 -11.54 1.77
N ASP A 66 0.06 -12.86 1.81
CA ASP A 66 -0.03 -13.60 3.07
C ASP A 66 1.16 -13.29 3.97
N ALA A 67 2.33 -13.12 3.37
CA ALA A 67 3.55 -12.82 4.12
C ALA A 67 3.78 -11.33 4.24
N ALA A 68 3.31 -10.58 3.25
CA ALA A 68 3.47 -9.12 3.24
C ALA A 68 2.52 -8.47 4.24
N ASP A 69 1.67 -9.27 4.86
CA ASP A 69 0.70 -8.78 5.84
C ASP A 69 0.82 -9.56 7.14
N ILE A 70 1.45 -8.94 8.13
CA ILE A 70 1.64 -9.57 9.43
C ILE A 70 0.40 -9.41 10.32
N ASP A 71 -0.39 -8.37 10.06
CA ASP A 71 -1.60 -8.12 10.86
C ASP A 71 -2.69 -9.14 10.58
N LYS A 72 -2.36 -10.16 9.78
CA LYS A 72 -3.29 -11.23 9.42
C LYS A 72 -4.73 -10.71 9.33
N SER A 73 -4.89 -9.54 8.71
CA SER A 73 -6.20 -8.93 8.56
C SER A 73 -6.71 -9.08 7.12
N GLY A 74 -5.87 -9.66 6.27
CA GLY A 74 -6.26 -9.85 4.88
C GLY A 74 -6.03 -8.61 4.04
N THR A 75 -5.53 -7.55 4.66
CA THR A 75 -5.27 -6.31 3.95
C THR A 75 -3.81 -5.88 4.13
N ILE A 76 -3.13 -5.64 3.02
CA ILE A 76 -1.73 -5.23 3.07
C ILE A 76 -1.59 -3.70 3.04
N ASP A 77 -0.94 -3.16 4.06
CA ASP A 77 -0.73 -1.73 4.15
C ASP A 77 0.77 -1.41 4.20
N TYR A 78 1.11 -0.15 3.94
CA TYR A 78 2.50 0.29 3.96
C TYR A 78 3.16 0.01 5.30
N GLY A 79 2.35 -0.30 6.31
CA GLY A 79 2.88 -0.58 7.63
C GLY A 79 3.42 -2.00 7.75
N GLU A 80 2.83 -2.92 6.98
CA GLU A 80 3.24 -4.32 6.99
C GLU A 80 4.38 -4.54 6.00
N PHE A 81 4.15 -4.15 4.75
CA PHE A 81 5.13 -4.30 3.68
C PHE A 81 6.55 -4.01 4.18
N ILE A 82 6.69 -2.99 5.03
CA ILE A 82 7.99 -2.63 5.57
C ILE A 82 8.60 -3.79 6.36
N ALA A 83 7.87 -4.26 7.37
CA ALA A 83 8.34 -5.36 8.21
C ALA A 83 8.43 -6.65 7.39
N ALA A 84 7.80 -6.66 6.22
CA ALA A 84 7.82 -7.83 5.36
C ALA A 84 9.19 -8.02 4.72
N THR A 85 10.12 -8.55 5.50
CA THR A 85 11.48 -8.78 5.02
C THR A 85 12.23 -9.71 5.97
N VAL A 86 12.92 -10.69 5.41
CA VAL A 86 13.67 -11.67 6.19
C VAL A 86 12.74 -12.54 7.03
N HIS A 87 12.29 -12.01 8.16
CA HIS A 87 11.39 -12.75 9.04
C HIS A 87 9.93 -12.53 8.64
N HIS A 1 12.71 12.05 18.56
CA HIS A 1 14.12 12.29 18.15
C HIS A 1 14.28 13.65 17.50
N SER A 2 13.42 13.94 16.53
CA SER A 2 13.47 15.22 15.82
C SER A 2 12.48 16.21 16.43
N SER A 3 12.71 17.49 16.16
CA SER A 3 11.85 18.54 16.68
C SER A 3 10.49 18.53 15.99
N GLY A 4 10.47 18.97 14.74
CA GLY A 4 9.23 18.99 13.98
C GLY A 4 8.98 20.34 13.34
N HIS A 5 9.78 20.68 12.34
CA HIS A 5 9.64 21.95 11.62
C HIS A 5 9.56 21.73 10.13
N ILE A 6 9.30 20.48 9.73
CA ILE A 6 9.19 20.14 8.32
C ILE A 6 7.74 20.25 7.85
N ASP A 7 7.50 21.10 6.86
CA ASP A 7 6.16 21.30 6.32
C ASP A 7 5.90 20.34 5.17
N ASP A 8 6.50 19.15 5.24
CA ASP A 8 6.33 18.15 4.20
C ASP A 8 5.73 16.87 4.77
N ASP A 9 5.71 16.77 6.10
CA ASP A 9 5.15 15.60 6.76
C ASP A 9 4.57 15.94 8.13
N ASP A 10 5.06 17.03 8.72
CA ASP A 10 4.59 17.45 10.04
C ASP A 10 3.54 18.55 9.92
N LYS A 11 3.92 19.63 9.25
CA LYS A 11 3.02 20.77 9.06
C LYS A 11 2.18 20.61 7.79
N HIS A 12 2.51 19.61 6.98
CA HIS A 12 1.80 19.35 5.75
C HIS A 12 0.37 18.92 6.05
N MET A 13 0.14 18.54 7.31
CA MET A 13 -1.17 18.08 7.75
C MET A 13 -2.28 19.07 7.38
N ALA A 14 -1.89 20.31 7.10
CA ALA A 14 -2.86 21.35 6.74
C ALA A 14 -3.61 20.97 5.47
N GLU A 15 -2.93 20.29 4.56
CA GLU A 15 -3.53 19.88 3.29
C GLU A 15 -3.30 18.40 3.03
N ARG A 16 -3.35 17.58 4.08
CA ARG A 16 -3.14 16.15 3.94
C ARG A 16 -4.44 15.46 3.57
N LEU A 17 -5.43 16.25 3.17
CA LEU A 17 -6.74 15.72 2.78
C LEU A 17 -6.64 15.00 1.44
N SER A 18 -6.73 13.67 1.47
CA SER A 18 -6.65 12.88 0.25
C SER A 18 -7.50 11.62 0.37
N GLU A 19 -8.71 11.67 -0.19
CA GLU A 19 -9.63 10.54 -0.15
C GLU A 19 -9.17 9.44 -1.10
N GLU A 20 -8.25 9.80 -1.99
CA GLU A 20 -7.73 8.84 -2.97
C GLU A 20 -6.81 7.82 -2.30
N GLU A 21 -6.33 8.15 -1.11
CA GLU A 21 -5.44 7.24 -0.38
C GLU A 21 -6.03 6.87 0.97
N ILE A 22 -6.43 7.89 1.74
CA ILE A 22 -6.99 7.67 3.06
C ILE A 22 -8.19 6.74 3.03
N GLY A 23 -8.74 6.50 1.83
CA GLY A 23 -9.89 5.62 1.70
C GLY A 23 -9.67 4.27 2.36
N GLY A 24 -8.72 3.50 1.82
CA GLY A 24 -8.43 2.20 2.39
C GLY A 24 -7.26 2.24 3.35
N LEU A 25 -6.53 3.35 3.32
CA LEU A 25 -5.35 3.55 4.17
C LEU A 25 -5.69 3.37 5.65
N LYS A 26 -6.98 3.30 5.96
CA LYS A 26 -7.40 3.15 7.35
C LYS A 26 -7.51 1.69 7.79
N GLU A 27 -8.48 0.96 7.24
CA GLU A 27 -8.72 -0.43 7.62
C GLU A 27 -7.93 -1.45 6.80
N LEU A 28 -8.28 -1.58 5.52
CA LEU A 28 -7.67 -2.56 4.65
C LEU A 28 -6.20 -2.29 4.30
N PHE A 29 -5.97 -1.23 3.53
CA PHE A 29 -4.61 -0.90 3.06
C PHE A 29 -3.54 -1.19 4.12
N LYS A 30 -3.77 -0.79 5.36
CA LYS A 30 -2.79 -1.02 6.43
C LYS A 30 -2.58 -2.51 6.65
N MET A 31 -3.68 -3.23 6.82
CA MET A 31 -3.63 -4.68 7.05
C MET A 31 -3.07 -5.41 5.83
N ILE A 32 -3.00 -4.71 4.70
CA ILE A 32 -2.48 -5.31 3.47
C ILE A 32 -1.00 -5.04 3.33
N ASP A 33 -0.66 -3.76 3.31
CA ASP A 33 0.72 -3.34 3.19
C ASP A 33 1.52 -3.84 4.38
N THR A 34 2.23 -4.95 4.20
CA THR A 34 3.04 -5.51 5.27
C THR A 34 4.07 -4.47 5.71
N ASP A 35 4.16 -3.40 4.93
CA ASP A 35 5.09 -2.32 5.19
C ASP A 35 4.37 -1.06 5.66
N ASN A 36 3.07 -0.98 5.38
CA ASN A 36 2.30 0.20 5.79
C ASN A 36 2.97 1.49 5.32
N SER A 37 3.91 1.37 4.39
CA SER A 37 4.60 2.55 3.87
C SER A 37 3.69 3.30 2.93
N GLY A 38 2.66 2.61 2.49
CA GLY A 38 1.69 3.22 1.59
C GLY A 38 1.73 2.63 0.20
N THR A 39 2.56 1.61 0.01
CA THR A 39 2.68 0.95 -1.29
C THR A 39 2.98 -0.53 -1.11
N ILE A 40 2.24 -1.38 -1.82
CA ILE A 40 2.44 -2.83 -1.71
C ILE A 40 3.18 -3.38 -2.93
N THR A 41 4.19 -4.20 -2.67
CA THR A 41 4.95 -4.83 -3.74
C THR A 41 5.00 -6.33 -3.52
N PHE A 42 4.89 -7.09 -4.60
CA PHE A 42 4.92 -8.55 -4.56
C PHE A 42 5.85 -9.08 -3.47
N ASP A 43 7.07 -8.56 -3.43
CA ASP A 43 8.05 -8.99 -2.44
C ASP A 43 7.50 -8.78 -1.03
N GLU A 44 6.87 -7.63 -0.81
CA GLU A 44 6.29 -7.30 0.48
C GLU A 44 4.88 -7.88 0.62
N LEU A 45 4.27 -8.20 -0.52
CA LEU A 45 2.91 -8.75 -0.53
C LEU A 45 2.85 -10.13 0.08
N LYS A 46 3.51 -11.08 -0.57
CA LYS A 46 3.54 -12.47 -0.10
C LYS A 46 4.06 -12.57 1.32
N ASP A 47 4.99 -11.69 1.67
CA ASP A 47 5.58 -11.67 3.01
C ASP A 47 4.50 -11.47 4.07
N GLY A 48 3.32 -11.04 3.64
CA GLY A 48 2.23 -10.80 4.55
C GLY A 48 1.37 -12.03 4.72
N LEU A 49 1.13 -12.74 3.62
CA LEU A 49 0.31 -13.94 3.65
C LEU A 49 1.19 -15.16 3.91
N LYS A 50 2.50 -14.99 3.79
CA LYS A 50 3.43 -16.08 4.01
C LYS A 50 3.78 -16.17 5.48
N ARG A 51 4.02 -15.02 6.10
CA ARG A 51 4.36 -14.96 7.51
C ARG A 51 3.21 -15.52 8.35
N VAL A 52 2.04 -15.64 7.73
CA VAL A 52 0.86 -16.17 8.39
C VAL A 52 0.92 -17.68 8.51
N GLY A 53 1.56 -18.32 7.53
CA GLY A 53 1.70 -19.77 7.54
C GLY A 53 0.37 -20.48 7.72
N SER A 54 -0.63 -20.08 6.95
CA SER A 54 -1.95 -20.70 7.04
C SER A 54 -2.09 -21.83 6.02
N GLU A 55 -2.69 -21.54 4.88
CA GLU A 55 -2.89 -22.53 3.83
C GLU A 55 -2.76 -21.89 2.45
N LEU A 56 -2.08 -20.76 2.40
CA LEU A 56 -1.89 -20.03 1.15
C LEU A 56 -0.61 -20.44 0.45
N MET A 57 -0.66 -20.39 -0.88
CA MET A 57 0.48 -20.73 -1.70
C MET A 57 1.00 -19.48 -2.39
N GLU A 58 2.31 -19.33 -2.42
CA GLU A 58 2.96 -18.16 -3.04
C GLU A 58 2.49 -17.97 -4.48
N SER A 59 1.77 -18.95 -5.00
CA SER A 59 1.27 -18.92 -6.37
C SER A 59 0.06 -18.00 -6.49
N GLU A 60 -0.72 -17.91 -5.42
CA GLU A 60 -1.90 -17.08 -5.41
C GLU A 60 -1.53 -15.61 -5.28
N ILE A 61 -0.34 -15.36 -4.74
CA ILE A 61 0.15 -13.99 -4.56
C ILE A 61 0.35 -13.31 -5.91
N LYS A 62 0.47 -14.11 -6.96
CA LYS A 62 0.66 -13.58 -8.31
C LYS A 62 -0.64 -12.99 -8.81
N ASP A 63 -1.64 -13.85 -8.98
CA ASP A 63 -2.95 -13.40 -9.42
C ASP A 63 -3.46 -12.36 -8.43
N LEU A 64 -2.83 -12.34 -7.26
CA LEU A 64 -3.19 -11.40 -6.20
C LEU A 64 -2.55 -10.04 -6.46
N MET A 65 -1.28 -10.05 -6.85
CA MET A 65 -0.54 -8.82 -7.12
C MET A 65 -0.74 -8.36 -8.57
N ASP A 66 -0.31 -9.21 -9.50
CA ASP A 66 -0.41 -8.90 -10.93
C ASP A 66 -1.77 -8.31 -11.30
N ALA A 67 -2.80 -8.65 -10.53
CA ALA A 67 -4.14 -8.15 -10.79
C ALA A 67 -4.40 -6.82 -10.06
N ALA A 68 -4.00 -6.77 -8.80
CA ALA A 68 -4.19 -5.57 -7.99
C ALA A 68 -3.42 -4.38 -8.57
N ASP A 69 -2.32 -4.67 -9.26
CA ASP A 69 -1.49 -3.63 -9.85
C ASP A 69 -1.28 -3.91 -11.34
N ILE A 70 -2.10 -3.26 -12.16
CA ILE A 70 -2.02 -3.41 -13.60
C ILE A 70 -0.96 -2.47 -14.19
N ASP A 71 -0.46 -1.56 -13.35
CA ASP A 71 0.55 -0.61 -13.78
C ASP A 71 1.80 -1.34 -14.28
N LYS A 72 1.85 -2.66 -14.08
CA LYS A 72 2.97 -3.48 -14.52
C LYS A 72 4.23 -3.13 -13.73
N SER A 73 4.10 -2.18 -12.81
CA SER A 73 5.24 -1.74 -12.00
C SER A 73 5.50 -2.72 -10.85
N GLY A 74 4.60 -3.67 -10.67
CA GLY A 74 4.74 -4.64 -9.61
C GLY A 74 4.35 -4.06 -8.26
N THR A 75 4.11 -2.76 -8.24
CA THR A 75 3.70 -2.07 -7.01
C THR A 75 2.31 -1.49 -7.16
N ILE A 76 1.43 -1.81 -6.21
CA ILE A 76 0.07 -1.32 -6.24
C ILE A 76 -0.11 -0.09 -5.37
N ASP A 77 -0.82 0.90 -5.92
CA ASP A 77 -1.10 2.14 -5.22
C ASP A 77 -2.58 2.20 -4.87
N TYR A 78 -2.92 3.04 -3.89
CA TYR A 78 -4.31 3.19 -3.44
C TYR A 78 -5.28 3.32 -4.63
N GLY A 79 -4.96 4.23 -5.54
CA GLY A 79 -5.80 4.48 -6.70
C GLY A 79 -5.78 3.38 -7.73
N GLU A 80 -4.79 2.49 -7.65
CA GLU A 80 -4.67 1.40 -8.60
C GLU A 80 -5.60 0.25 -8.23
N PHE A 81 -5.49 -0.20 -6.99
CA PHE A 81 -6.31 -1.29 -6.48
C PHE A 81 -7.80 -0.97 -6.56
N ILE A 82 -8.14 0.32 -6.44
CA ILE A 82 -9.55 0.73 -6.47
C ILE A 82 -10.03 1.03 -7.90
N ALA A 83 -9.38 1.97 -8.58
CA ALA A 83 -9.77 2.34 -9.93
C ALA A 83 -9.13 1.44 -10.97
N ALA A 84 -7.80 1.54 -11.11
CA ALA A 84 -7.07 0.73 -12.08
C ALA A 84 -5.57 0.96 -11.96
N THR A 85 -5.11 2.12 -12.41
CA THR A 85 -3.70 2.47 -12.35
C THR A 85 -3.49 3.92 -11.95
N VAL A 86 -3.59 4.81 -12.94
CA VAL A 86 -3.41 6.24 -12.68
C VAL A 86 -4.53 7.05 -13.32
N HIS A 87 -4.46 8.38 -13.16
CA HIS A 87 -5.46 9.27 -13.72
C HIS A 87 -5.45 9.24 -15.24
N HIS A 1 3.34 30.93 15.21
CA HIS A 1 4.29 29.81 15.37
C HIS A 1 4.07 28.73 14.30
N SER A 2 3.61 29.17 13.13
CA SER A 2 3.35 28.25 12.02
C SER A 2 4.64 27.94 11.27
N SER A 3 5.77 28.35 11.85
CA SER A 3 7.07 28.10 11.23
C SER A 3 7.51 26.67 11.42
N GLY A 4 7.86 26.01 10.32
CA GLY A 4 8.29 24.62 10.39
C GLY A 4 7.22 23.65 9.91
N HIS A 5 6.00 24.15 9.76
CA HIS A 5 4.88 23.32 9.32
C HIS A 5 4.43 23.73 7.93
N ILE A 6 4.45 25.03 7.65
CA ILE A 6 4.04 25.54 6.34
C ILE A 6 5.25 25.96 5.52
N ASP A 7 6.06 24.97 5.14
CA ASP A 7 7.27 25.23 4.35
C ASP A 7 7.56 24.05 3.43
N ASP A 8 8.83 23.92 3.03
CA ASP A 8 9.25 22.83 2.16
C ASP A 8 9.51 21.56 2.96
N ASP A 9 8.53 21.17 3.78
CA ASP A 9 8.64 19.98 4.60
C ASP A 9 7.84 18.82 4.01
N ASP A 10 7.94 17.65 4.64
CA ASP A 10 7.26 16.45 4.15
C ASP A 10 5.95 16.16 4.89
N LYS A 11 5.72 16.81 6.02
CA LYS A 11 4.50 16.56 6.79
C LYS A 11 3.33 17.32 6.19
N HIS A 12 3.61 18.50 5.65
CA HIS A 12 2.58 19.33 5.05
C HIS A 12 2.15 18.73 3.71
N MET A 13 3.10 18.13 3.01
CA MET A 13 2.83 17.50 1.72
C MET A 13 1.83 16.37 1.88
N ALA A 14 1.84 15.73 3.05
CA ALA A 14 0.93 14.63 3.33
C ALA A 14 -0.29 15.14 4.09
N GLU A 15 -0.20 16.36 4.58
CA GLU A 15 -1.27 16.99 5.33
C GLU A 15 -2.28 17.65 4.38
N ARG A 16 -1.81 17.99 3.19
CA ARG A 16 -2.66 18.61 2.18
C ARG A 16 -3.48 17.57 1.43
N LEU A 17 -2.79 16.63 0.78
CA LEU A 17 -3.47 15.57 0.04
C LEU A 17 -3.35 14.24 0.77
N SER A 18 -4.39 13.41 0.66
CA SER A 18 -4.39 12.11 1.32
C SER A 18 -4.12 10.98 0.32
N GLU A 19 -2.85 10.69 0.09
CA GLU A 19 -2.44 9.64 -0.83
C GLU A 19 -2.43 8.28 -0.14
N GLU A 20 -2.63 8.31 1.17
CA GLU A 20 -2.64 7.08 1.97
C GLU A 20 -3.52 6.00 1.36
N GLU A 21 -4.56 6.40 0.64
CA GLU A 21 -5.47 5.45 0.02
C GLU A 21 -5.79 5.81 -1.43
N ILE A 22 -6.64 6.81 -1.61
CA ILE A 22 -7.03 7.26 -2.95
C ILE A 22 -5.83 7.67 -3.79
N GLY A 23 -4.68 7.81 -3.14
CA GLY A 23 -3.47 8.20 -3.83
C GLY A 23 -3.20 7.36 -5.06
N GLY A 24 -2.93 6.07 -4.86
CA GLY A 24 -2.65 5.18 -5.97
C GLY A 24 -3.89 4.45 -6.46
N LEU A 25 -4.99 4.64 -5.74
CA LEU A 25 -6.27 4.00 -6.08
C LEU A 25 -6.55 4.09 -7.58
N LYS A 26 -5.99 5.10 -8.24
CA LYS A 26 -6.20 5.29 -9.66
C LYS A 26 -5.23 4.48 -10.53
N GLU A 27 -3.95 4.84 -10.49
CA GLU A 27 -2.94 4.17 -11.31
C GLU A 27 -2.29 2.96 -10.63
N LEU A 28 -1.50 3.23 -9.59
CA LEU A 28 -0.76 2.19 -8.89
C LEU A 28 -1.65 1.12 -8.27
N PHE A 29 -2.42 1.51 -7.26
CA PHE A 29 -3.30 0.58 -6.55
C PHE A 29 -4.09 -0.31 -7.50
N LYS A 30 -4.66 0.27 -8.55
CA LYS A 30 -5.44 -0.49 -9.50
C LYS A 30 -4.56 -1.47 -10.27
N MET A 31 -3.39 -0.99 -10.69
CA MET A 31 -2.44 -1.80 -11.45
C MET A 31 -1.96 -2.98 -10.61
N ILE A 32 -2.17 -2.90 -9.30
CA ILE A 32 -1.75 -3.97 -8.39
C ILE A 32 -2.89 -4.95 -8.17
N ASP A 33 -4.08 -4.42 -7.94
CA ASP A 33 -5.25 -5.25 -7.71
C ASP A 33 -5.62 -6.01 -8.97
N THR A 34 -5.56 -7.34 -8.90
CA THR A 34 -5.91 -8.17 -10.04
C THR A 34 -7.39 -8.00 -10.35
N ASP A 35 -8.09 -7.35 -9.44
CA ASP A 35 -9.52 -7.10 -9.59
C ASP A 35 -9.81 -5.62 -9.80
N ASN A 36 -8.78 -4.78 -9.60
CA ASN A 36 -8.94 -3.33 -9.75
C ASN A 36 -10.27 -2.88 -9.15
N SER A 37 -10.75 -3.64 -8.17
CA SER A 37 -12.00 -3.33 -7.51
C SER A 37 -11.72 -2.36 -6.37
N GLY A 38 -10.45 -2.29 -6.01
CA GLY A 38 -10.03 -1.40 -4.95
C GLY A 38 -9.61 -2.15 -3.70
N THR A 39 -9.43 -3.46 -3.83
CA THR A 39 -9.04 -4.31 -2.72
C THR A 39 -8.17 -5.45 -3.21
N ILE A 40 -7.04 -5.67 -2.54
CA ILE A 40 -6.14 -6.75 -2.93
C ILE A 40 -6.17 -7.88 -1.92
N THR A 41 -5.99 -9.11 -2.40
CA THR A 41 -5.97 -10.28 -1.53
C THR A 41 -4.78 -11.16 -1.88
N PHE A 42 -4.40 -12.02 -0.95
CA PHE A 42 -3.28 -12.93 -1.11
C PHE A 42 -3.14 -13.44 -2.54
N ASP A 43 -4.18 -14.12 -3.03
CA ASP A 43 -4.17 -14.69 -4.37
C ASP A 43 -3.80 -13.61 -5.41
N GLU A 44 -4.32 -12.41 -5.20
CA GLU A 44 -4.06 -11.29 -6.11
C GLU A 44 -2.81 -10.54 -5.71
N LEU A 45 -2.32 -10.80 -4.49
CA LEU A 45 -1.14 -10.13 -3.98
C LEU A 45 0.12 -10.63 -4.67
N LYS A 46 0.36 -11.94 -4.58
CA LYS A 46 1.54 -12.55 -5.18
C LYS A 46 1.60 -12.27 -6.67
N ASP A 47 0.43 -12.09 -7.30
CA ASP A 47 0.35 -11.81 -8.73
C ASP A 47 1.26 -10.65 -9.12
N GLY A 48 1.68 -9.87 -8.13
CA GLY A 48 2.57 -8.76 -8.40
C GLY A 48 3.94 -9.24 -8.80
N LEU A 49 4.51 -10.10 -7.97
CA LEU A 49 5.82 -10.68 -8.24
C LEU A 49 5.66 -11.97 -9.03
N LYS A 50 4.41 -12.45 -9.10
CA LYS A 50 4.11 -13.67 -9.83
C LYS A 50 3.95 -13.38 -11.32
N ARG A 51 3.57 -12.15 -11.64
CA ARG A 51 3.39 -11.73 -13.02
C ARG A 51 4.75 -11.59 -13.70
N VAL A 52 5.77 -11.38 -12.89
CA VAL A 52 7.13 -11.22 -13.39
C VAL A 52 7.91 -12.53 -13.25
N GLY A 53 7.56 -13.32 -12.24
CA GLY A 53 8.22 -14.60 -12.03
C GLY A 53 9.73 -14.47 -11.93
N SER A 54 10.19 -13.55 -11.10
CA SER A 54 11.64 -13.34 -10.92
C SER A 54 12.14 -14.06 -9.68
N GLU A 55 12.41 -13.30 -8.63
CA GLU A 55 12.90 -13.87 -7.38
C GLU A 55 11.95 -13.56 -6.23
N LEU A 56 10.83 -14.24 -6.20
CA LEU A 56 9.83 -14.03 -5.15
C LEU A 56 9.77 -15.22 -4.21
N MET A 57 9.12 -15.00 -3.07
CA MET A 57 8.96 -16.05 -2.07
C MET A 57 7.50 -16.22 -1.72
N GLU A 58 6.92 -17.35 -2.13
CA GLU A 58 5.52 -17.62 -1.84
C GLU A 58 5.28 -17.53 -0.34
N SER A 59 6.39 -17.53 0.40
CA SER A 59 6.36 -17.43 1.85
C SER A 59 6.37 -15.98 2.30
N GLU A 60 7.15 -15.15 1.61
CA GLU A 60 7.24 -13.73 1.94
C GLU A 60 5.91 -13.05 1.67
N ILE A 61 5.19 -13.53 0.66
CA ILE A 61 3.89 -12.97 0.31
C ILE A 61 2.96 -12.97 1.52
N LYS A 62 3.22 -13.87 2.47
CA LYS A 62 2.42 -13.97 3.68
C LYS A 62 2.73 -12.79 4.58
N ASP A 63 3.98 -12.72 5.03
CA ASP A 63 4.42 -11.61 5.85
C ASP A 63 4.14 -10.32 5.10
N LEU A 64 3.91 -10.48 3.80
CA LEU A 64 3.61 -9.36 2.92
C LEU A 64 2.11 -9.07 2.91
N MET A 65 1.30 -10.12 3.05
CA MET A 65 -0.15 -9.99 3.03
C MET A 65 -0.73 -9.72 4.42
N ASP A 66 -0.68 -10.73 5.30
CA ASP A 66 -1.23 -10.58 6.65
C ASP A 66 -0.42 -9.65 7.53
N ALA A 67 0.87 -9.91 7.66
CA ALA A 67 1.75 -9.08 8.50
C ALA A 67 1.59 -7.60 8.16
N ALA A 68 1.60 -7.28 6.87
CA ALA A 68 1.46 -5.90 6.43
C ALA A 68 0.08 -5.35 6.79
N ASP A 69 -0.96 -5.97 6.23
CA ASP A 69 -2.34 -5.56 6.51
C ASP A 69 -2.70 -5.83 7.97
N ILE A 70 -2.73 -4.78 8.76
CA ILE A 70 -3.05 -4.88 10.18
C ILE A 70 -4.56 -4.91 10.40
N ASP A 71 -5.30 -4.49 9.37
CA ASP A 71 -6.75 -4.48 9.44
C ASP A 71 -7.30 -5.88 9.62
N LYS A 72 -6.41 -6.86 9.55
CA LYS A 72 -6.77 -8.28 9.69
C LYS A 72 -8.05 -8.61 8.95
N SER A 73 -8.33 -7.83 7.90
CA SER A 73 -9.53 -8.03 7.11
C SER A 73 -9.28 -9.03 5.99
N GLY A 74 -8.06 -9.57 5.95
CA GLY A 74 -7.71 -10.53 4.92
C GLY A 74 -7.43 -9.85 3.61
N THR A 75 -7.76 -8.57 3.52
CA THR A 75 -7.55 -7.79 2.32
C THR A 75 -6.59 -6.64 2.60
N ILE A 76 -5.63 -6.45 1.71
CA ILE A 76 -4.64 -5.39 1.87
C ILE A 76 -5.01 -4.17 1.04
N ASP A 77 -4.98 -3.01 1.67
CA ASP A 77 -5.30 -1.76 1.00
C ASP A 77 -4.09 -0.83 1.02
N TYR A 78 -4.06 0.13 0.09
CA TYR A 78 -2.95 1.08 0.00
C TYR A 78 -2.69 1.74 1.36
N GLY A 79 -3.74 1.83 2.17
CA GLY A 79 -3.60 2.45 3.48
C GLY A 79 -2.94 1.54 4.50
N GLU A 80 -3.14 0.24 4.35
CA GLU A 80 -2.54 -0.74 5.27
C GLU A 80 -1.03 -0.57 5.31
N PHE A 81 -0.41 -0.49 4.13
CA PHE A 81 1.04 -0.32 4.03
C PHE A 81 1.54 0.71 5.03
N ILE A 82 0.78 1.79 5.18
CA ILE A 82 1.13 2.87 6.10
C ILE A 82 0.80 2.49 7.55
N ALA A 83 -0.33 1.82 7.73
CA ALA A 83 -0.77 1.40 9.05
C ALA A 83 0.27 0.51 9.72
N ALA A 84 1.11 -0.14 8.92
CA ALA A 84 2.14 -1.01 9.45
C ALA A 84 3.51 -0.35 9.36
N THR A 85 3.97 0.17 10.49
CA THR A 85 5.27 0.84 10.55
C THR A 85 6.22 0.08 11.48
N VAL A 86 7.52 0.33 11.31
CA VAL A 86 8.53 -0.33 12.14
C VAL A 86 8.79 0.46 13.43
N HIS A 87 9.18 -0.25 14.48
CA HIS A 87 9.45 0.36 15.77
C HIS A 87 8.24 1.13 16.29
N HIS A 1 9.13 -18.81 6.71
CA HIS A 1 8.79 -17.86 5.62
C HIS A 1 9.00 -18.49 4.24
N SER A 2 7.95 -18.48 3.42
CA SER A 2 8.03 -19.05 2.08
C SER A 2 8.88 -18.18 1.17
N SER A 3 9.66 -18.81 0.30
CA SER A 3 10.53 -18.09 -0.63
C SER A 3 10.26 -18.53 -2.07
N GLY A 4 8.98 -18.56 -2.44
CA GLY A 4 8.61 -18.95 -3.78
C GLY A 4 7.15 -19.33 -3.90
N HIS A 5 6.66 -20.09 -2.92
CA HIS A 5 5.26 -20.52 -2.91
C HIS A 5 4.50 -19.87 -1.76
N ILE A 6 4.31 -18.56 -1.84
CA ILE A 6 3.61 -17.82 -0.82
C ILE A 6 2.15 -17.60 -1.21
N ASP A 7 1.25 -18.32 -0.55
CA ASP A 7 -0.17 -18.24 -0.81
C ASP A 7 -0.79 -16.99 -0.16
N ASP A 8 -0.43 -15.83 -0.69
CA ASP A 8 -0.95 -14.57 -0.17
C ASP A 8 -1.45 -13.67 -1.31
N ASP A 9 -0.52 -13.00 -1.98
CA ASP A 9 -0.86 -12.10 -3.08
C ASP A 9 0.17 -12.21 -4.20
N ASP A 10 1.09 -13.15 -4.06
CA ASP A 10 2.15 -13.34 -5.04
C ASP A 10 1.77 -14.41 -6.05
N LYS A 11 1.61 -15.64 -5.58
CA LYS A 11 1.28 -16.77 -6.43
C LYS A 11 -0.22 -16.90 -6.65
N HIS A 12 -0.98 -16.53 -5.64
CA HIS A 12 -2.44 -16.61 -5.71
C HIS A 12 -3.03 -15.49 -6.56
N MET A 13 -2.34 -14.36 -6.59
CA MET A 13 -2.80 -13.21 -7.36
C MET A 13 -2.31 -13.26 -8.80
N ALA A 14 -1.10 -13.78 -9.00
CA ALA A 14 -0.52 -13.87 -10.33
C ALA A 14 -0.91 -15.15 -11.06
N GLU A 15 -1.66 -16.03 -10.38
CA GLU A 15 -2.08 -17.28 -10.99
C GLU A 15 -3.37 -17.09 -11.79
N ARG A 16 -4.29 -16.30 -11.24
CA ARG A 16 -5.56 -16.04 -11.91
C ARG A 16 -6.04 -14.61 -11.65
N LEU A 17 -7.17 -14.47 -10.96
CA LEU A 17 -7.75 -13.17 -10.67
C LEU A 17 -6.79 -12.32 -9.82
N SER A 18 -6.81 -11.01 -10.05
CA SER A 18 -5.97 -10.08 -9.32
C SER A 18 -6.78 -8.85 -8.91
N GLU A 19 -7.07 -8.74 -7.61
CA GLU A 19 -7.85 -7.64 -7.08
C GLU A 19 -6.99 -6.42 -6.77
N GLU A 20 -5.68 -6.58 -6.83
CA GLU A 20 -4.76 -5.48 -6.55
C GLU A 20 -4.66 -4.53 -7.73
N GLU A 21 -4.17 -5.03 -8.86
CA GLU A 21 -4.03 -4.22 -10.07
C GLU A 21 -5.37 -3.65 -10.53
N ILE A 22 -6.44 -4.36 -10.22
CA ILE A 22 -7.77 -3.93 -10.62
C ILE A 22 -8.48 -3.14 -9.51
N GLY A 23 -7.96 -3.24 -8.29
CA GLY A 23 -8.59 -2.53 -7.19
C GLY A 23 -7.98 -1.17 -6.89
N GLY A 24 -6.72 -1.16 -6.46
CA GLY A 24 -6.07 0.09 -6.12
C GLY A 24 -5.24 0.68 -7.24
N LEU A 25 -4.50 -0.17 -7.96
CA LEU A 25 -3.64 0.26 -9.05
C LEU A 25 -4.33 1.24 -10.01
N LYS A 26 -5.65 1.34 -9.93
CA LYS A 26 -6.39 2.23 -10.81
C LYS A 26 -6.54 3.63 -10.19
N GLU A 27 -7.35 3.73 -9.14
CA GLU A 27 -7.59 5.02 -8.48
C GLU A 27 -6.63 5.29 -7.34
N LEU A 28 -6.77 4.51 -6.27
CA LEU A 28 -5.96 4.67 -5.06
C LEU A 28 -4.48 4.87 -5.34
N PHE A 29 -3.91 4.06 -6.22
CA PHE A 29 -2.48 4.15 -6.52
C PHE A 29 -2.15 5.33 -7.41
N LYS A 30 -2.64 5.28 -8.64
CA LYS A 30 -2.39 6.34 -9.61
C LYS A 30 -2.53 7.72 -8.98
N MET A 31 -3.45 7.83 -8.02
CA MET A 31 -3.70 9.09 -7.34
C MET A 31 -2.84 9.28 -6.09
N ILE A 32 -2.56 8.19 -5.37
CA ILE A 32 -1.74 8.27 -4.16
C ILE A 32 -0.29 7.97 -4.46
N ASP A 33 -0.05 6.74 -4.86
CA ASP A 33 1.28 6.28 -5.20
C ASP A 33 1.91 7.21 -6.22
N THR A 34 2.68 8.19 -5.73
CA THR A 34 3.34 9.14 -6.60
C THR A 34 4.25 8.40 -7.56
N ASP A 35 4.42 7.12 -7.28
CA ASP A 35 5.25 6.25 -8.10
C ASP A 35 4.42 5.49 -9.12
N ASN A 36 3.12 5.30 -8.82
CA ASN A 36 2.25 4.57 -9.73
C ASN A 36 2.89 3.24 -10.15
N SER A 37 3.84 2.76 -9.36
CA SER A 37 4.52 1.50 -9.67
C SER A 37 3.77 0.34 -9.06
N GLY A 38 2.94 0.65 -8.08
CA GLY A 38 2.15 -0.39 -7.43
C GLY A 38 2.57 -0.64 -5.99
N THR A 39 3.50 0.17 -5.50
CA THR A 39 3.98 0.05 -4.13
C THR A 39 4.23 1.42 -3.54
N ILE A 40 3.70 1.67 -2.34
CA ILE A 40 3.89 2.97 -1.70
C ILE A 40 4.90 2.90 -0.56
N THR A 41 5.74 3.93 -0.47
CA THR A 41 6.74 4.00 0.58
C THR A 41 6.65 5.35 1.29
N PHE A 42 6.89 5.35 2.60
CA PHE A 42 6.83 6.55 3.41
C PHE A 42 7.32 7.80 2.66
N ASP A 43 8.47 7.68 1.99
CA ASP A 43 9.03 8.80 1.25
C ASP A 43 7.99 9.39 0.30
N GLU A 44 7.32 8.53 -0.45
CA GLU A 44 6.30 8.96 -1.40
C GLU A 44 4.91 9.03 -0.74
N LEU A 45 4.77 8.40 0.42
CA LEU A 45 3.50 8.39 1.14
C LEU A 45 3.09 9.80 1.54
N LYS A 46 4.05 10.56 2.08
CA LYS A 46 3.82 11.92 2.53
C LYS A 46 3.06 12.74 1.48
N ASP A 47 3.58 12.77 0.26
CA ASP A 47 2.98 13.52 -0.85
C ASP A 47 1.45 13.37 -0.86
N GLY A 48 0.95 12.29 -0.29
CA GLY A 48 -0.48 12.07 -0.25
C GLY A 48 -1.18 13.12 0.59
N LEU A 49 -0.75 13.24 1.84
CA LEU A 49 -1.33 14.22 2.76
C LEU A 49 -0.56 15.53 2.66
N LYS A 50 0.59 15.48 2.00
CA LYS A 50 1.44 16.65 1.83
C LYS A 50 0.78 17.67 0.91
N ARG A 51 0.26 17.18 -0.22
CA ARG A 51 -0.40 18.03 -1.20
C ARG A 51 -1.28 19.08 -0.56
N VAL A 52 -2.03 18.69 0.48
CA VAL A 52 -2.91 19.62 1.17
C VAL A 52 -2.21 20.31 2.33
N GLY A 53 -1.25 19.61 2.95
CA GLY A 53 -0.50 20.19 4.06
C GLY A 53 -1.36 21.03 4.98
N SER A 54 -2.52 20.49 5.38
CA SER A 54 -3.43 21.21 6.27
C SER A 54 -2.81 21.42 7.64
N GLU A 55 -3.05 20.48 8.55
CA GLU A 55 -2.52 20.57 9.90
C GLU A 55 -1.99 19.21 10.35
N LEU A 56 -1.73 18.34 9.38
CA LEU A 56 -1.23 17.00 9.65
C LEU A 56 0.27 17.01 9.86
N MET A 57 0.69 16.50 11.00
CA MET A 57 2.10 16.41 11.33
C MET A 57 2.72 15.22 10.62
N GLU A 58 4.00 15.33 10.32
CA GLU A 58 4.74 14.28 9.64
C GLU A 58 4.65 12.95 10.39
N SER A 59 4.15 12.99 11.62
CA SER A 59 4.02 11.79 12.45
C SER A 59 2.81 10.96 12.01
N GLU A 60 1.86 11.62 11.36
CA GLU A 60 0.64 10.94 10.89
C GLU A 60 0.95 10.18 9.61
N ILE A 61 2.08 10.51 8.99
CA ILE A 61 2.49 9.86 7.75
C ILE A 61 3.37 8.64 8.02
N LYS A 62 4.35 8.77 8.91
CA LYS A 62 5.25 7.68 9.23
C LYS A 62 4.60 6.65 10.15
N ASP A 63 3.91 7.12 11.19
CA ASP A 63 3.26 6.22 12.13
C ASP A 63 2.17 5.41 11.42
N LEU A 64 1.62 5.99 10.37
CA LEU A 64 0.59 5.34 9.58
C LEU A 64 1.20 4.47 8.49
N MET A 65 2.42 4.83 8.07
CA MET A 65 3.11 4.07 7.04
C MET A 65 3.49 2.69 7.55
N ASP A 66 4.05 2.64 8.76
CA ASP A 66 4.47 1.37 9.36
C ASP A 66 3.28 0.62 9.94
N ALA A 67 2.20 1.35 10.24
CA ALA A 67 0.99 0.75 10.81
C ALA A 67 0.13 0.12 9.73
N ALA A 68 0.23 0.65 8.51
CA ALA A 68 -0.56 0.13 7.39
C ALA A 68 0.04 -1.16 6.85
N ASP A 69 1.31 -1.12 6.48
CA ASP A 69 1.99 -2.30 5.95
C ASP A 69 2.58 -3.13 7.08
N ILE A 70 2.02 -4.32 7.27
CA ILE A 70 2.46 -5.23 8.33
C ILE A 70 3.65 -6.06 7.87
N ASP A 71 3.84 -6.14 6.56
CA ASP A 71 4.94 -6.90 5.99
C ASP A 71 6.29 -6.34 6.43
N LYS A 72 6.27 -5.21 7.13
CA LYS A 72 7.48 -4.57 7.62
C LYS A 72 8.55 -4.48 6.54
N SER A 73 8.11 -4.36 5.30
CA SER A 73 9.02 -4.25 4.16
C SER A 73 9.19 -2.81 3.71
N GLY A 74 8.55 -1.89 4.42
CA GLY A 74 8.63 -0.49 4.07
C GLY A 74 7.73 -0.13 2.91
N THR A 75 7.26 -1.15 2.20
CA THR A 75 6.39 -0.95 1.05
C THR A 75 5.00 -1.52 1.33
N ILE A 76 3.97 -0.71 1.13
CA ILE A 76 2.60 -1.15 1.36
C ILE A 76 1.91 -1.54 0.07
N ASP A 77 1.13 -2.62 0.13
CA ASP A 77 0.40 -3.11 -1.03
C ASP A 77 -1.11 -2.99 -0.81
N TYR A 78 -1.85 -2.87 -1.90
CA TYR A 78 -3.30 -2.74 -1.83
C TYR A 78 -3.93 -3.88 -1.03
N GLY A 79 -3.36 -5.07 -1.17
CA GLY A 79 -3.87 -6.24 -0.47
C GLY A 79 -3.65 -6.20 1.03
N GLU A 80 -2.63 -5.46 1.47
CA GLU A 80 -2.33 -5.37 2.89
C GLU A 80 -3.10 -4.22 3.55
N PHE A 81 -3.09 -3.06 2.90
CA PHE A 81 -3.80 -1.88 3.41
C PHE A 81 -5.21 -2.23 3.87
N ILE A 82 -5.88 -3.11 3.11
CA ILE A 82 -7.25 -3.51 3.45
C ILE A 82 -7.28 -4.28 4.76
N ALA A 83 -6.31 -5.17 4.95
CA ALA A 83 -6.24 -5.97 6.17
C ALA A 83 -6.21 -5.09 7.41
N ALA A 84 -5.71 -3.87 7.25
CA ALA A 84 -5.62 -2.92 8.36
C ALA A 84 -6.95 -2.20 8.57
N THR A 85 -7.47 -1.60 7.51
CA THR A 85 -8.73 -0.88 7.58
C THR A 85 -9.86 -1.69 6.93
N VAL A 86 -10.79 -2.18 7.75
CA VAL A 86 -11.91 -2.96 7.24
C VAL A 86 -13.19 -2.65 8.03
N HIS A 87 -13.03 -2.33 9.30
CA HIS A 87 -14.18 -2.01 10.17
C HIS A 87 -15.18 -3.16 10.19
#